data_6XEV
#
_entry.id   6XEV
#
_cell.length_a   1.00
_cell.length_b   1.00
_cell.length_c   1.00
_cell.angle_alpha   90.00
_cell.angle_beta   90.00
_cell.angle_gamma   90.00
#
_symmetry.space_group_name_H-M   'P 1'
#
loop_
_entity.id
_entity.type
_entity.pdbx_description
1 polymer 'G protein-activated inward rectifier potassium channel 2'
2 non-polymer '[(2R)-2-octanoyloxy-3-[oxidanyl-[(1R,2R,3S,4R,5R,6S)-2,3,6-tris(oxidanyl)-4,5-diphosphonooxy-cyclohexyl]oxy-phosphoryl]oxy-propyl] octanoate'
3 non-polymer 'CHOLESTEROL HEMISUCCINATE'
4 non-polymer 'POTASSIUM ION'
5 non-polymer 'SODIUM ION'
#
_entity_poly.entity_id   1
_entity_poly.type   'polypeptide(L)'
_entity_poly.pdbx_seq_one_letter_code
;MAKRKIQRYVRKDGKCNVHHGNVRETYRYLTDIFTTLVDLKWRFNLLIFVMVYTVTWLFFGMIWWLIAYIRGDMDHIEDP
SWTPCVTNLNGFVSAFLFSIETETTIGYGYRVITDKCPEGIILLLIQSVLGSIVNAFMVGCMFVKISQPKKRAETLVFST
HAVISMRDGKLCLMFRVGDLRNSHIVEASIRAKLIKSKQTSEGEFIPLNQTDINVGYYTGDDRLFLVSPLIISHEINQQS
PFWEISKAQLPKEELEIVVILEGMVEATGMTCQARSSYITSEILWGYRFTPVLTLEDGFYEVDYNSFHETYETSTPSLSA
KELAELANRAESNSLEVLFQ
;
_entity_poly.pdbx_strand_id   A,E,I,M
#
loop_
_chem_comp.id
_chem_comp.type
_chem_comp.name
_chem_comp.formula
K non-polymer 'POTASSIUM ION' 'K 1'
NA non-polymer 'SODIUM ION' 'Na 1'
PIO non-polymer '[(2R)-2-octanoyloxy-3-[oxidanyl-[(1R,2R,3S,4R,5R,6S)-2,3,6-tris(oxidanyl)-4,5-diphosphonooxy-cyclohexyl]oxy-phosphoryl]oxy-propyl] octanoate' 'C25 H49 O19 P3'
Y01 non-polymer 'CHOLESTEROL HEMISUCCINATE' 'C31 H50 O4'
#
# COMPACT_ATOMS: atom_id res chain seq x y z
N ILE A 6 22.00 -29.71 -13.73
CA ILE A 6 21.71 -30.30 -12.44
C ILE A 6 20.54 -29.58 -11.78
N GLN A 7 20.07 -30.11 -10.66
CA GLN A 7 18.99 -29.46 -9.92
C GLN A 7 19.45 -28.08 -9.47
N ARG A 8 18.74 -27.05 -9.93
CA ARG A 8 19.12 -25.68 -9.64
C ARG A 8 18.46 -25.11 -8.40
N TYR A 9 17.24 -25.57 -8.08
CA TYR A 9 16.48 -25.04 -6.95
C TYR A 9 15.91 -23.66 -7.28
N VAL A 10 16.35 -23.09 -8.40
CA VAL A 10 15.77 -21.88 -8.94
C VAL A 10 16.03 -21.84 -10.45
N ARG A 11 14.98 -21.70 -11.24
CA ARG A 11 15.17 -21.64 -12.67
C ARG A 11 15.73 -20.28 -13.08
N LYS A 12 16.27 -20.22 -14.29
CA LYS A 12 16.95 -19.03 -14.76
C LYS A 12 16.02 -17.83 -14.97
N ASP A 13 14.71 -18.01 -14.78
CA ASP A 13 13.76 -16.94 -14.96
C ASP A 13 12.98 -16.58 -13.70
N GLY A 14 12.94 -17.44 -12.69
CA GLY A 14 12.28 -17.11 -11.45
C GLY A 14 11.49 -18.26 -10.84
N LYS A 15 10.98 -19.15 -11.68
CA LYS A 15 10.22 -20.29 -11.20
C LYS A 15 11.09 -21.18 -10.30
N CYS A 16 10.50 -21.67 -9.21
CA CYS A 16 11.20 -22.52 -8.27
C CYS A 16 10.74 -23.96 -8.41
N ASN A 17 11.68 -24.89 -8.21
CA ASN A 17 11.42 -26.32 -8.39
C ASN A 17 11.19 -26.94 -7.00
N VAL A 18 9.95 -26.86 -6.54
CA VAL A 18 9.58 -27.45 -5.26
C VAL A 18 8.14 -27.94 -5.36
N HIS A 19 7.88 -29.09 -4.75
CA HIS A 19 6.55 -29.71 -4.77
C HIS A 19 6.07 -29.91 -3.34
N HIS A 20 5.08 -29.12 -2.92
CA HIS A 20 4.48 -29.27 -1.61
C HIS A 20 3.50 -30.44 -1.66
N GLY A 21 3.81 -31.51 -0.91
CA GLY A 21 3.00 -32.70 -0.93
C GLY A 21 2.74 -33.21 0.48
N ASN A 22 1.73 -34.06 0.58
CA ASN A 22 1.38 -34.74 1.82
C ASN A 22 0.99 -33.75 2.91
N VAL A 23 -0.06 -32.98 2.62
CA VAL A 23 -0.66 -32.06 3.58
C VAL A 23 -1.92 -32.70 4.14
N ARG A 24 -2.10 -32.61 5.46
CA ARG A 24 -3.25 -33.20 6.12
C ARG A 24 -4.39 -32.20 6.29
N GLU A 25 -4.12 -31.09 6.98
CA GLU A 25 -5.14 -30.08 7.26
C GLU A 25 -5.35 -29.23 6.03
N THR A 26 -6.30 -29.62 5.20
CA THR A 26 -6.58 -28.90 3.96
C THR A 26 -7.65 -27.84 4.12
N TYR A 27 -8.47 -27.91 5.16
CA TYR A 27 -9.53 -26.92 5.36
C TYR A 27 -8.97 -25.50 5.44
N ARG A 28 -7.67 -25.38 5.64
CA ARG A 28 -7.04 -24.06 5.69
C ARG A 28 -7.28 -23.33 4.36
N TYR A 29 -7.27 -24.06 3.26
CA TYR A 29 -7.50 -23.47 1.95
C TYR A 29 -8.87 -22.82 1.86
N LEU A 30 -9.84 -23.36 2.61
CA LEU A 30 -11.20 -22.83 2.59
C LEU A 30 -11.44 -21.73 3.62
N THR A 31 -10.40 -21.35 4.35
CA THR A 31 -10.51 -20.32 5.36
C THR A 31 -10.17 -18.94 4.78
N ASP A 32 -9.30 -18.94 3.76
CA ASP A 32 -8.91 -17.72 3.08
C ASP A 32 -9.26 -17.94 1.63
N ILE A 33 -10.55 -18.12 1.37
CA ILE A 33 -11.05 -18.41 0.03
C ILE A 33 -10.71 -17.36 -1.04
N PHE A 34 -10.40 -16.15 -0.62
CA PHE A 34 -10.08 -15.10 -1.60
C PHE A 34 -8.74 -15.36 -2.27
N THR A 35 -7.72 -15.72 -1.49
CA THR A 35 -6.40 -15.95 -2.08
C THR A 35 -6.43 -17.15 -3.01
N THR A 36 -7.15 -18.22 -2.63
CA THR A 36 -7.25 -19.38 -3.50
C THR A 36 -7.98 -19.04 -4.79
N LEU A 37 -8.91 -18.09 -4.71
CA LEU A 37 -9.67 -17.66 -5.87
C LEU A 37 -8.79 -16.83 -6.81
N VAL A 38 -7.92 -16.00 -6.25
CA VAL A 38 -7.03 -15.17 -7.04
C VAL A 38 -5.86 -15.96 -7.61
N ASP A 39 -5.51 -17.09 -6.98
CA ASP A 39 -4.34 -17.84 -7.42
C ASP A 39 -4.61 -18.73 -8.62
N LEU A 40 -5.87 -19.06 -8.88
CA LEU A 40 -6.20 -20.00 -9.95
C LEU A 40 -5.94 -19.38 -11.32
N LYS A 41 -6.03 -20.22 -12.34
CA LYS A 41 -5.85 -19.74 -13.70
C LYS A 41 -7.11 -19.01 -14.17
N TRP A 42 -7.12 -18.56 -15.41
CA TRP A 42 -8.26 -17.84 -15.95
C TRP A 42 -9.38 -18.79 -16.38
N ARG A 43 -8.98 -19.90 -17.02
CA ARG A 43 -9.94 -20.89 -17.49
C ARG A 43 -10.95 -21.28 -16.42
N PHE A 44 -10.48 -21.34 -15.17
CA PHE A 44 -11.34 -21.72 -14.06
C PHE A 44 -12.09 -20.52 -13.48
N ASN A 45 -11.43 -19.37 -13.40
CA ASN A 45 -12.09 -18.17 -12.90
C ASN A 45 -13.36 -17.88 -13.68
N LEU A 46 -13.27 -17.93 -15.02
CA LEU A 46 -14.45 -17.67 -15.83
C LEU A 46 -15.56 -18.67 -15.55
N LEU A 47 -15.17 -19.94 -15.38
CA LEU A 47 -16.12 -21.00 -15.09
C LEU A 47 -16.87 -20.72 -13.79
N ILE A 48 -16.14 -20.38 -12.74
CA ILE A 48 -16.76 -20.08 -11.45
C ILE A 48 -17.67 -18.87 -11.57
N PHE A 49 -17.22 -17.84 -12.28
CA PHE A 49 -18.03 -16.64 -12.49
C PHE A 49 -19.39 -16.99 -13.06
N VAL A 50 -19.38 -17.75 -14.16
CA VAL A 50 -20.62 -18.11 -14.84
C VAL A 50 -21.49 -18.99 -13.94
N MET A 51 -20.88 -19.98 -13.30
CA MET A 51 -21.65 -20.89 -12.45
C MET A 51 -22.35 -20.12 -11.33
N VAL A 52 -21.65 -19.22 -10.66
CA VAL A 52 -22.25 -18.47 -9.57
C VAL A 52 -23.42 -17.63 -10.06
N TYR A 53 -23.20 -16.90 -11.15
CA TYR A 53 -24.23 -16.04 -11.72
C TYR A 53 -25.43 -16.84 -12.21
N THR A 54 -25.19 -18.05 -12.70
CA THR A 54 -26.25 -18.91 -13.20
C THR A 54 -27.07 -19.54 -12.08
N VAL A 55 -26.40 -19.90 -10.99
CA VAL A 55 -27.07 -20.51 -9.85
C VAL A 55 -27.92 -19.49 -9.11
N THR A 56 -27.38 -18.28 -8.94
CA THR A 56 -28.09 -17.21 -8.25
C THR A 56 -29.35 -16.81 -8.99
N TRP A 57 -29.29 -16.81 -10.31
CA TRP A 57 -30.44 -16.44 -11.14
C TRP A 57 -31.50 -17.53 -11.12
N LEU A 58 -31.06 -18.78 -11.17
CA LEU A 58 -31.98 -19.92 -11.16
C LEU A 58 -32.71 -20.03 -9.82
N PHE A 59 -31.97 -19.89 -8.72
CA PHE A 59 -32.62 -20.00 -7.41
C PHE A 59 -33.70 -18.94 -7.26
N PHE A 60 -33.40 -17.69 -7.61
CA PHE A 60 -34.42 -16.67 -7.41
C PHE A 60 -35.58 -16.83 -8.39
N GLY A 61 -35.32 -17.29 -9.61
CA GLY A 61 -36.42 -17.59 -10.51
C GLY A 61 -37.32 -18.68 -9.96
N MET A 62 -36.71 -19.65 -9.30
CA MET A 62 -37.45 -20.75 -8.69
C MET A 62 -38.36 -20.20 -7.60
N ILE A 63 -37.82 -19.35 -6.74
CA ILE A 63 -38.60 -18.77 -5.66
C ILE A 63 -39.78 -17.99 -6.23
N TRP A 64 -39.54 -17.20 -7.29
CA TRP A 64 -40.62 -16.45 -7.91
C TRP A 64 -41.70 -17.38 -8.45
N TRP A 65 -41.31 -18.44 -9.14
CA TRP A 65 -42.30 -19.35 -9.71
C TRP A 65 -43.13 -19.99 -8.60
N LEU A 66 -42.51 -20.34 -7.49
CA LEU A 66 -43.24 -20.97 -6.40
C LEU A 66 -44.22 -19.99 -5.76
N ILE A 67 -43.75 -18.78 -5.48
CA ILE A 67 -44.60 -17.77 -4.86
C ILE A 67 -45.82 -17.46 -5.72
N ALA A 68 -45.69 -17.69 -7.03
CA ALA A 68 -46.78 -17.42 -7.96
C ALA A 68 -47.79 -18.56 -7.98
N TYR A 69 -47.29 -19.78 -8.17
CA TYR A 69 -48.15 -20.97 -8.22
C TYR A 69 -49.03 -21.05 -6.98
N ILE A 70 -48.41 -20.90 -5.81
CA ILE A 70 -49.15 -20.96 -4.56
C ILE A 70 -50.30 -19.96 -4.53
N ARG A 71 -50.01 -18.71 -4.91
CA ARG A 71 -51.03 -17.67 -4.91
C ARG A 71 -52.25 -18.04 -5.75
N GLY A 72 -52.05 -18.93 -6.71
CA GLY A 72 -53.12 -19.37 -7.59
C GLY A 72 -53.30 -18.56 -8.84
N ASP A 73 -52.29 -17.81 -9.27
CA ASP A 73 -52.42 -16.99 -10.47
C ASP A 73 -52.50 -17.86 -11.72
N MET A 74 -51.86 -19.03 -11.72
CA MET A 74 -51.87 -19.90 -12.89
C MET A 74 -53.26 -20.45 -13.20
N ASP A 75 -54.18 -20.42 -12.23
CA ASP A 75 -55.51 -20.95 -12.45
C ASP A 75 -56.49 -19.92 -13.03
N HIS A 76 -56.08 -18.66 -13.15
CA HIS A 76 -56.93 -17.60 -13.68
C HIS A 76 -56.18 -16.76 -14.70
N ILE A 77 -55.35 -17.42 -15.51
CA ILE A 77 -54.59 -16.72 -16.53
C ILE A 77 -55.50 -16.02 -17.54
N GLU A 78 -56.65 -16.63 -17.80
CA GLU A 78 -57.63 -16.08 -18.75
C GLU A 78 -58.76 -15.44 -17.95
N ASP A 79 -58.53 -14.20 -17.55
CA ASP A 79 -59.53 -13.42 -16.81
C ASP A 79 -59.13 -11.96 -16.80
N PRO A 80 -60.03 -11.04 -17.19
CA PRO A 80 -59.67 -9.62 -17.15
C PRO A 80 -59.51 -9.09 -15.74
N SER A 81 -60.42 -9.44 -14.84
CA SER A 81 -60.35 -8.99 -13.46
C SER A 81 -59.34 -9.84 -12.70
N TRP A 82 -59.39 -9.76 -11.36
CA TRP A 82 -58.49 -10.52 -10.52
C TRP A 82 -57.02 -10.22 -10.81
N THR A 83 -56.63 -8.98 -10.54
CA THR A 83 -55.26 -8.54 -10.77
C THR A 83 -54.29 -9.56 -10.13
N PRO A 84 -53.30 -10.05 -10.87
CA PRO A 84 -52.37 -11.04 -10.31
C PRO A 84 -51.22 -10.39 -9.56
N CYS A 85 -50.25 -11.21 -9.15
CA CYS A 85 -49.06 -10.70 -8.46
C CYS A 85 -48.13 -10.05 -9.46
N VAL A 86 -47.69 -10.81 -10.46
CA VAL A 86 -46.87 -10.25 -11.53
C VAL A 86 -47.63 -10.36 -12.85
N THR A 87 -47.35 -9.43 -13.75
CA THR A 87 -48.00 -9.41 -15.05
C THR A 87 -47.31 -10.30 -16.09
N ASN A 88 -48.12 -10.94 -16.92
CA ASN A 88 -47.61 -11.81 -17.97
C ASN A 88 -46.57 -12.82 -17.48
N LEU A 89 -46.88 -13.47 -16.36
CA LEU A 89 -45.96 -14.45 -15.79
C LEU A 89 -46.73 -15.76 -15.59
N ASN A 90 -46.69 -16.63 -16.59
CA ASN A 90 -47.37 -17.92 -16.53
C ASN A 90 -46.38 -19.07 -16.55
N GLY A 91 -45.55 -19.18 -17.59
CA GLY A 91 -44.63 -20.29 -17.70
C GLY A 91 -43.43 -20.15 -16.79
N PHE A 92 -42.69 -21.25 -16.69
CA PHE A 92 -41.49 -21.29 -15.87
C PHE A 92 -40.40 -20.40 -16.47
N VAL A 93 -40.38 -20.31 -17.79
CA VAL A 93 -39.38 -19.46 -18.45
C VAL A 93 -39.63 -18.00 -18.14
N SER A 94 -40.89 -17.59 -18.11
CA SER A 94 -41.22 -16.19 -17.82
C SER A 94 -40.61 -15.76 -16.49
N ALA A 95 -40.71 -16.60 -15.46
CA ALA A 95 -40.14 -16.23 -14.16
C ALA A 95 -38.63 -16.07 -14.26
N PHE A 96 -37.96 -16.97 -14.97
CA PHE A 96 -36.51 -16.85 -15.15
C PHE A 96 -36.15 -15.53 -15.79
N LEU A 97 -36.89 -15.16 -16.84
CA LEU A 97 -36.65 -13.91 -17.55
C LEU A 97 -36.85 -12.72 -16.63
N PHE A 98 -37.92 -12.76 -15.83
CA PHE A 98 -38.19 -11.67 -14.91
C PHE A 98 -37.10 -11.54 -13.87
N SER A 99 -36.61 -12.67 -13.36
CA SER A 99 -35.53 -12.62 -12.37
C SER A 99 -34.27 -12.04 -12.97
N ILE A 100 -33.90 -12.46 -14.18
CA ILE A 100 -32.74 -11.90 -14.84
C ILE A 100 -32.90 -10.39 -15.01
N GLU A 101 -34.02 -9.98 -15.60
CA GLU A 101 -34.30 -8.58 -15.85
C GLU A 101 -34.36 -7.72 -14.59
N THR A 102 -34.66 -8.33 -13.46
CA THR A 102 -34.75 -7.59 -12.20
C THR A 102 -33.43 -7.49 -11.47
N GLU A 103 -32.62 -8.56 -11.49
CA GLU A 103 -31.39 -8.55 -10.72
C GLU A 103 -30.31 -7.70 -11.37
N THR A 104 -30.16 -7.79 -12.70
CA THR A 104 -29.15 -7.01 -13.39
C THR A 104 -29.57 -5.56 -13.62
N THR A 105 -30.72 -5.16 -13.09
CA THR A 105 -31.17 -3.77 -13.21
C THR A 105 -31.45 -3.27 -14.63
N ILE A 106 -32.16 -4.09 -15.41
CA ILE A 106 -32.54 -3.75 -16.77
C ILE A 106 -33.97 -3.23 -16.84
N GLY A 107 -34.92 -4.07 -16.45
CA GLY A 107 -36.31 -3.65 -16.35
C GLY A 107 -36.93 -3.20 -17.65
N TYR A 108 -37.14 -4.14 -18.59
CA TYR A 108 -37.75 -3.79 -19.86
C TYR A 108 -39.11 -3.14 -19.64
N GLY A 109 -40.04 -3.88 -19.04
CA GLY A 109 -41.34 -3.31 -18.71
C GLY A 109 -42.52 -3.99 -19.37
N TYR A 110 -42.29 -5.13 -20.04
CA TYR A 110 -43.41 -5.89 -20.56
C TYR A 110 -44.10 -6.71 -19.48
N ARG A 111 -43.38 -7.05 -18.42
CA ARG A 111 -43.95 -7.73 -17.27
C ARG A 111 -43.53 -6.97 -16.02
N VAL A 112 -44.50 -6.52 -15.24
CA VAL A 112 -44.26 -5.58 -14.15
C VAL A 112 -44.92 -6.10 -12.88
N ILE A 113 -44.39 -5.64 -11.75
CA ILE A 113 -44.98 -5.96 -10.45
C ILE A 113 -46.11 -5.00 -10.15
N THR A 114 -47.10 -5.48 -9.40
CA THR A 114 -48.25 -4.68 -9.01
C THR A 114 -48.16 -4.32 -7.52
N ASP A 115 -49.21 -3.70 -7.00
CA ASP A 115 -49.24 -3.20 -5.64
C ASP A 115 -50.35 -3.84 -4.82
N LYS A 116 -50.70 -5.07 -5.17
CA LYS A 116 -51.74 -5.80 -4.47
C LYS A 116 -51.27 -7.23 -4.17
N CYS A 117 -49.96 -7.41 -4.09
CA CYS A 117 -49.37 -8.71 -3.82
C CYS A 117 -48.28 -8.56 -2.77
N PRO A 118 -48.64 -8.52 -1.49
CA PRO A 118 -47.63 -8.39 -0.44
C PRO A 118 -46.60 -9.51 -0.50
N GLU A 119 -45.48 -9.26 0.18
CA GLU A 119 -44.31 -10.13 0.21
C GLU A 119 -43.52 -10.04 -1.09
N GLY A 120 -44.10 -9.41 -2.12
CA GLY A 120 -43.31 -9.13 -3.30
C GLY A 120 -42.24 -8.10 -3.01
N ILE A 121 -42.57 -7.12 -2.16
CA ILE A 121 -41.58 -6.12 -1.77
C ILE A 121 -40.47 -6.77 -0.97
N ILE A 122 -40.82 -7.66 -0.03
CA ILE A 122 -39.80 -8.28 0.81
C ILE A 122 -38.95 -9.27 0.02
N LEU A 123 -39.48 -9.81 -1.08
CA LEU A 123 -38.61 -10.60 -1.95
C LEU A 123 -37.69 -9.71 -2.78
N LEU A 124 -38.24 -8.61 -3.32
CA LEU A 124 -37.43 -7.71 -4.13
C LEU A 124 -36.28 -7.12 -3.33
N LEU A 125 -36.52 -6.77 -2.07
CA LEU A 125 -35.47 -6.24 -1.22
C LEU A 125 -34.30 -7.22 -1.12
N ILE A 126 -34.59 -8.45 -0.69
CA ILE A 126 -33.56 -9.45 -0.54
C ILE A 126 -32.82 -9.66 -1.85
N GLN A 127 -33.55 -9.74 -2.96
CA GLN A 127 -32.92 -10.00 -4.24
C GLN A 127 -31.96 -8.88 -4.60
N SER A 128 -32.41 -7.65 -4.43
CA SER A 128 -31.60 -6.47 -4.73
C SER A 128 -30.33 -6.40 -3.89
N VAL A 129 -30.43 -6.76 -2.61
CA VAL A 129 -29.27 -6.70 -1.73
C VAL A 129 -28.28 -7.81 -2.09
N LEU A 130 -28.79 -9.02 -2.28
CA LEU A 130 -27.96 -10.17 -2.62
C LEU A 130 -27.21 -9.94 -3.93
N GLY A 131 -27.91 -9.35 -4.90
CA GLY A 131 -27.32 -9.07 -6.20
C GLY A 131 -26.21 -8.04 -6.12
N SER A 132 -26.36 -7.08 -5.22
CA SER A 132 -25.37 -6.02 -5.05
C SER A 132 -24.16 -6.52 -4.26
N ILE A 133 -24.37 -7.56 -3.47
CA ILE A 133 -23.30 -8.13 -2.66
C ILE A 133 -22.43 -9.08 -3.49
N VAL A 134 -23.06 -9.82 -4.40
CA VAL A 134 -22.35 -10.76 -5.26
C VAL A 134 -21.66 -10.05 -6.41
N ASN A 135 -22.14 -8.87 -6.75
CA ASN A 135 -21.57 -8.08 -7.84
C ASN A 135 -20.20 -7.52 -7.49
N ALA A 136 -20.09 -6.93 -6.30
CA ALA A 136 -18.83 -6.35 -5.85
C ALA A 136 -17.80 -7.44 -5.58
N PHE A 137 -18.25 -8.57 -5.07
CA PHE A 137 -17.36 -9.69 -4.77
C PHE A 137 -16.80 -10.30 -6.04
N MET A 138 -17.60 -10.32 -7.10
CA MET A 138 -17.18 -10.88 -8.37
C MET A 138 -16.31 -9.90 -9.15
N VAL A 139 -16.74 -8.64 -9.18
CA VAL A 139 -16.00 -7.59 -9.87
C VAL A 139 -14.71 -7.25 -9.15
N GLY A 140 -14.73 -7.26 -7.81
CA GLY A 140 -13.51 -7.01 -7.08
C GLY A 140 -12.47 -8.09 -7.31
N CYS A 141 -12.90 -9.34 -7.29
CA CYS A 141 -11.97 -10.43 -7.59
C CYS A 141 -11.34 -10.24 -8.97
N MET A 142 -12.18 -9.94 -9.95
CA MET A 142 -11.70 -9.73 -11.32
C MET A 142 -10.65 -8.64 -11.38
N PHE A 143 -11.01 -7.45 -10.92
CA PHE A 143 -10.09 -6.31 -10.92
C PHE A 143 -8.78 -6.65 -10.22
N VAL A 144 -8.88 -7.23 -9.03
CA VAL A 144 -7.71 -7.62 -8.26
C VAL A 144 -6.77 -8.51 -9.07
N LYS A 145 -7.35 -9.49 -9.75
CA LYS A 145 -6.56 -10.41 -10.58
C LYS A 145 -5.98 -9.73 -11.80
N ILE A 146 -6.67 -8.75 -12.36
CA ILE A 146 -6.17 -8.06 -13.55
C ILE A 146 -5.01 -7.15 -13.20
N SER A 147 -5.10 -6.43 -12.08
CA SER A 147 -4.15 -5.35 -11.79
C SER A 147 -3.07 -5.75 -10.79
N GLN A 148 -2.57 -6.97 -10.85
CA GLN A 148 -1.54 -7.35 -9.88
C GLN A 148 -0.17 -6.85 -10.32
N PRO A 149 0.73 -6.64 -9.37
CA PRO A 149 2.00 -5.97 -9.68
C PRO A 149 3.08 -6.89 -10.23
N LYS A 150 3.02 -8.17 -9.89
CA LYS A 150 4.12 -9.08 -10.23
C LYS A 150 4.42 -9.10 -11.71
N LYS A 151 3.43 -8.78 -12.55
CA LYS A 151 3.66 -8.81 -13.99
C LYS A 151 4.77 -7.86 -14.41
N ARG A 152 4.96 -6.76 -13.67
CA ARG A 152 6.02 -5.82 -13.99
C ARG A 152 7.38 -6.50 -14.01
N ALA A 153 7.57 -7.54 -13.18
CA ALA A 153 8.85 -8.22 -13.14
C ALA A 153 9.21 -8.87 -14.48
N GLU A 154 8.28 -8.87 -15.44
CA GLU A 154 8.59 -9.41 -16.75
C GLU A 154 9.49 -8.49 -17.57
N THR A 155 9.58 -7.22 -17.17
CA THR A 155 10.39 -6.24 -17.88
C THR A 155 11.54 -5.65 -17.05
N LEU A 156 12.20 -6.51 -16.28
CA LEU A 156 13.33 -6.11 -15.44
C LEU A 156 14.48 -7.06 -15.77
N VAL A 157 15.27 -6.69 -16.77
CA VAL A 157 16.28 -7.61 -17.31
C VAL A 157 17.43 -7.75 -16.34
N PHE A 158 17.83 -8.99 -16.09
CA PHE A 158 19.06 -9.30 -15.37
C PHE A 158 20.19 -9.50 -16.38
N SER A 159 21.32 -10.01 -15.90
CA SER A 159 22.47 -10.21 -16.78
C SER A 159 22.85 -11.68 -16.95
N THR A 160 23.76 -11.95 -17.88
CA THR A 160 24.22 -13.31 -18.15
C THR A 160 25.18 -13.78 -17.05
N HIS A 161 26.04 -14.75 -17.36
CA HIS A 161 27.02 -15.28 -16.41
C HIS A 161 27.83 -14.14 -15.81
N ALA A 162 28.00 -14.16 -14.48
CA ALA A 162 28.71 -13.08 -13.83
C ALA A 162 30.22 -13.28 -13.95
N VAL A 163 30.99 -12.33 -13.45
CA VAL A 163 32.44 -12.34 -13.64
C VAL A 163 33.14 -12.13 -12.30
N ILE A 164 34.41 -12.51 -12.27
CA ILE A 164 35.31 -12.28 -11.14
C ILE A 164 36.56 -11.63 -11.67
N SER A 165 36.90 -10.45 -11.16
CA SER A 165 38.08 -9.75 -11.64
C SER A 165 38.71 -8.85 -10.58
N MET A 166 39.89 -8.34 -10.89
CA MET A 166 40.63 -7.47 -10.00
C MET A 166 40.18 -6.02 -10.19
N ARG A 167 40.25 -5.26 -9.10
CA ARG A 167 39.86 -3.85 -9.10
C ARG A 167 40.53 -3.14 -7.94
N ASP A 168 41.49 -2.29 -8.25
CA ASP A 168 42.23 -1.55 -7.22
C ASP A 168 42.85 -2.49 -6.20
N GLY A 169 43.46 -3.56 -6.68
CA GLY A 169 44.08 -4.54 -5.81
C GLY A 169 43.10 -5.28 -4.92
N LYS A 170 41.85 -5.42 -5.35
CA LYS A 170 40.85 -6.18 -4.61
C LYS A 170 40.10 -7.09 -5.55
N LEU A 171 39.94 -8.35 -5.15
CA LEU A 171 39.22 -9.32 -5.96
C LEU A 171 37.74 -9.04 -5.76
N CYS A 172 37.00 -8.93 -6.85
CA CYS A 172 35.59 -8.62 -6.77
C CYS A 172 34.78 -9.54 -7.68
N LEU A 173 33.53 -9.78 -7.29
CA LEU A 173 32.57 -10.54 -8.08
C LEU A 173 31.47 -9.60 -8.54
N MET A 174 31.20 -9.59 -9.84
CA MET A 174 30.34 -8.57 -10.43
C MET A 174 29.31 -9.18 -11.35
N PHE A 175 28.15 -8.54 -11.39
CA PHE A 175 27.13 -8.85 -12.39
C PHE A 175 26.36 -7.57 -12.73
N ARG A 176 25.39 -7.68 -13.63
CA ARG A 176 24.76 -6.52 -14.24
C ARG A 176 23.24 -6.62 -14.16
N VAL A 177 22.59 -5.46 -14.04
CA VAL A 177 21.14 -5.38 -13.97
C VAL A 177 20.69 -4.17 -14.77
N GLY A 178 19.51 -4.26 -15.40
CA GLY A 178 19.03 -3.15 -16.20
C GLY A 178 17.51 -3.09 -16.25
N ASP A 179 17.00 -1.93 -16.63
CA ASP A 179 15.56 -1.72 -16.73
C ASP A 179 15.10 -1.90 -18.18
N LEU A 180 13.86 -1.52 -18.45
CA LEU A 180 13.32 -1.64 -19.80
C LEU A 180 12.11 -0.75 -20.02
N ARG A 181 12.11 0.42 -19.40
CA ARG A 181 10.99 1.33 -19.55
C ARG A 181 11.36 2.75 -19.13
N ASN A 182 10.45 3.68 -19.40
CA ASN A 182 10.67 5.08 -19.06
C ASN A 182 10.09 5.45 -17.70
N SER A 183 9.42 4.51 -17.03
CA SER A 183 8.92 4.74 -15.68
C SER A 183 10.07 4.55 -14.69
N HIS A 184 9.74 4.48 -13.41
CA HIS A 184 10.76 4.35 -12.37
C HIS A 184 10.33 3.29 -11.36
N ILE A 185 11.33 2.61 -10.80
CA ILE A 185 11.13 1.69 -9.69
C ILE A 185 11.47 2.44 -8.42
N VAL A 186 10.45 2.68 -7.59
CA VAL A 186 10.61 3.52 -6.41
C VAL A 186 11.10 2.68 -5.24
N GLU A 187 12.12 3.19 -4.55
CA GLU A 187 12.66 2.51 -3.38
C GLU A 187 13.21 1.12 -3.71
N ALA A 188 13.98 1.02 -4.78
CA ALA A 188 14.55 -0.26 -5.17
C ALA A 188 15.62 -0.69 -4.18
N SER A 189 15.89 -2.00 -4.17
CA SER A 189 16.98 -2.54 -3.35
C SER A 189 17.27 -3.95 -3.83
N ILE A 190 18.47 -4.44 -3.48
CA ILE A 190 18.99 -5.69 -4.00
C ILE A 190 19.69 -6.45 -2.89
N ARG A 191 19.58 -7.78 -2.91
CA ARG A 191 20.31 -8.63 -1.98
C ARG A 191 20.66 -9.94 -2.68
N ALA A 192 21.53 -10.71 -2.03
CA ALA A 192 22.07 -11.92 -2.64
C ALA A 192 22.44 -12.93 -1.56
N LYS A 193 22.15 -14.21 -1.86
CA LYS A 193 22.35 -15.28 -0.90
C LYS A 193 23.08 -16.44 -1.58
N LEU A 194 23.94 -17.10 -0.81
CA LEU A 194 24.65 -18.29 -1.24
C LEU A 194 23.92 -19.52 -0.70
N ILE A 195 23.67 -20.49 -1.58
CA ILE A 195 23.02 -21.75 -1.22
C ILE A 195 23.99 -22.87 -1.52
N LYS A 196 24.32 -23.65 -0.49
CA LYS A 196 25.28 -24.74 -0.61
C LYS A 196 25.20 -25.64 0.61
N SER A 197 25.08 -26.95 0.39
CA SER A 197 24.98 -27.91 1.49
C SER A 197 26.25 -27.91 2.33
N LYS A 198 26.11 -28.23 3.62
CA LYS A 198 27.25 -28.27 4.51
C LYS A 198 26.95 -29.25 5.64
N GLN A 199 28.02 -29.69 6.30
CA GLN A 199 27.94 -30.59 7.43
C GLN A 199 28.62 -29.96 8.64
N THR A 200 27.91 -29.90 9.76
CA THR A 200 28.46 -29.33 10.98
C THR A 200 29.62 -30.16 11.50
N SER A 201 30.13 -29.78 12.67
CA SER A 201 31.24 -30.49 13.29
C SER A 201 30.79 -31.48 14.36
N GLU A 202 29.49 -31.76 14.45
CA GLU A 202 28.96 -32.71 15.40
C GLU A 202 28.23 -33.88 14.76
N GLY A 203 27.99 -33.84 13.45
CA GLY A 203 27.33 -34.94 12.77
C GLY A 203 26.11 -34.53 11.97
N GLU A 204 25.45 -33.46 12.41
CA GLU A 204 24.24 -33.02 11.73
C GLU A 204 24.52 -32.67 10.28
N PHE A 205 23.59 -33.02 9.40
CA PHE A 205 23.69 -32.74 7.98
C PHE A 205 22.52 -31.86 7.56
N ILE A 206 22.82 -30.79 6.83
CA ILE A 206 21.79 -29.87 6.37
C ILE A 206 21.72 -29.95 4.85
N PRO A 207 20.52 -30.16 4.32
CA PRO A 207 20.39 -30.28 2.86
C PRO A 207 20.85 -29.03 2.11
N LEU A 208 20.24 -27.88 2.42
CA LEU A 208 20.56 -26.64 1.74
C LEU A 208 20.67 -25.52 2.77
N ASN A 209 21.80 -24.82 2.76
CA ASN A 209 22.07 -23.74 3.69
C ASN A 209 22.08 -22.41 2.96
N GLN A 210 21.45 -21.40 3.56
CA GLN A 210 21.41 -20.05 3.01
C GLN A 210 22.30 -19.14 3.82
N THR A 211 23.12 -18.35 3.15
CA THR A 211 23.99 -17.39 3.83
C THR A 211 24.04 -16.09 3.04
N ASP A 212 23.80 -14.97 3.72
CA ASP A 212 23.78 -13.69 3.03
C ASP A 212 25.16 -13.33 2.50
N ILE A 213 25.19 -12.54 1.42
CA ILE A 213 26.43 -12.01 0.88
C ILE A 213 26.39 -10.49 1.02
N ASN A 214 27.52 -9.91 1.40
CA ASN A 214 27.59 -8.46 1.59
C ASN A 214 27.60 -7.76 0.24
N VAL A 215 26.67 -6.82 0.07
CA VAL A 215 26.57 -6.06 -1.17
C VAL A 215 26.46 -4.56 -0.92
N GLY A 216 26.60 -4.14 0.34
CA GLY A 216 26.52 -2.73 0.66
C GLY A 216 25.51 -2.42 1.75
N TYR A 217 25.13 -3.44 2.52
CA TYR A 217 24.13 -3.25 3.56
C TYR A 217 24.66 -2.40 4.72
N TYR A 218 25.97 -2.25 4.85
CA TYR A 218 26.52 -1.53 6.00
C TYR A 218 26.56 -0.03 5.73
N THR A 219 27.03 0.37 4.56
CA THR A 219 27.17 1.78 4.22
C THR A 219 25.94 2.34 3.50
N GLY A 220 24.84 1.60 3.47
CA GLY A 220 23.66 2.06 2.77
C GLY A 220 23.88 2.26 1.28
N ASP A 221 24.79 1.49 0.69
CA ASP A 221 25.14 1.64 -0.72
C ASP A 221 24.32 0.73 -1.63
N ASP A 222 23.38 -0.03 -1.09
CA ASP A 222 22.59 -0.93 -1.90
C ASP A 222 21.28 -0.32 -2.39
N ARG A 223 20.85 0.79 -1.78
CA ARG A 223 19.63 1.48 -2.22
C ARG A 223 19.97 2.24 -3.50
N LEU A 224 19.89 1.53 -4.62
CA LEU A 224 20.36 2.03 -5.89
C LEU A 224 19.31 2.90 -6.59
N PHE A 225 19.80 3.77 -7.46
CA PHE A 225 18.96 4.68 -8.25
C PHE A 225 19.09 4.23 -9.70
N LEU A 226 18.06 3.55 -10.18
CA LEU A 226 18.14 2.77 -11.43
C LEU A 226 17.60 3.58 -12.59
N VAL A 227 18.49 4.01 -13.48
CA VAL A 227 18.10 4.66 -14.72
C VAL A 227 18.71 3.87 -15.89
N SER A 228 20.03 3.77 -15.91
CA SER A 228 20.77 3.04 -16.91
C SER A 228 21.29 1.73 -16.35
N PRO A 229 21.78 0.84 -17.20
CA PRO A 229 22.28 -0.46 -16.71
C PRO A 229 23.37 -0.27 -15.66
N LEU A 230 23.18 -0.90 -14.51
CA LEU A 230 24.14 -0.83 -13.42
C LEU A 230 24.91 -2.13 -13.29
N ILE A 231 26.09 -2.03 -12.67
CA ILE A 231 26.94 -3.17 -12.37
C ILE A 231 27.07 -3.28 -10.86
N ILE A 232 26.54 -4.35 -10.29
CA ILE A 232 26.67 -4.62 -8.87
C ILE A 232 27.93 -5.43 -8.64
N SER A 233 28.66 -5.09 -7.58
CA SER A 233 29.97 -5.69 -7.31
C SER A 233 30.11 -5.94 -5.82
N HIS A 234 30.42 -7.20 -5.46
CA HIS A 234 30.69 -7.60 -4.10
C HIS A 234 32.19 -7.82 -3.95
N GLU A 235 32.80 -7.10 -3.00
CA GLU A 235 34.22 -7.22 -2.75
C GLU A 235 34.51 -8.45 -1.91
N ILE A 236 35.57 -9.16 -2.25
CA ILE A 236 35.96 -10.37 -1.53
C ILE A 236 36.90 -9.98 -0.41
N ASN A 237 36.44 -10.14 0.83
CA ASN A 237 37.29 -9.87 1.99
C ASN A 237 37.26 -11.04 2.96
N GLN A 238 37.85 -10.85 4.14
CA GLN A 238 37.99 -11.95 5.09
C GLN A 238 36.65 -12.54 5.49
N GLN A 239 35.57 -11.78 5.40
CA GLN A 239 34.25 -12.25 5.82
C GLN A 239 33.45 -12.88 4.68
N SER A 240 34.03 -12.99 3.48
CA SER A 240 33.22 -13.53 2.41
C SER A 240 33.45 -15.03 2.28
N PRO A 241 32.40 -15.78 1.89
CA PRO A 241 32.55 -17.24 1.73
C PRO A 241 33.51 -17.64 0.61
N PHE A 242 34.07 -16.69 -0.13
CA PHE A 242 35.04 -16.97 -1.17
C PHE A 242 36.47 -16.69 -0.72
N TRP A 243 36.71 -16.63 0.58
CA TRP A 243 38.02 -16.22 1.09
C TRP A 243 39.11 -17.18 0.64
N GLU A 244 38.78 -18.45 0.42
CA GLU A 244 39.75 -19.46 0.00
C GLU A 244 39.17 -20.21 -1.20
N ILE A 245 39.40 -19.67 -2.40
CA ILE A 245 38.97 -20.30 -3.63
C ILE A 245 39.97 -19.98 -4.74
N SER A 246 40.54 -21.01 -5.35
CA SER A 246 41.54 -20.84 -6.39
C SER A 246 40.90 -20.95 -7.77
N LYS A 247 41.62 -20.45 -8.78
CA LYS A 247 41.11 -20.50 -10.15
C LYS A 247 40.89 -21.94 -10.59
N ALA A 248 41.77 -22.85 -10.17
CA ALA A 248 41.60 -24.26 -10.53
C ALA A 248 40.58 -24.96 -9.64
N GLN A 249 40.42 -24.50 -8.40
CA GLN A 249 39.50 -25.14 -7.48
C GLN A 249 38.06 -24.72 -7.69
N LEU A 250 37.81 -23.70 -8.51
CA LEU A 250 36.43 -23.22 -8.69
C LEU A 250 35.52 -24.29 -9.28
N PRO A 251 35.84 -24.89 -10.44
CA PRO A 251 34.91 -25.87 -11.03
C PRO A 251 34.71 -27.12 -10.19
N LYS A 252 35.56 -27.34 -9.20
CA LYS A 252 35.46 -28.52 -8.35
C LYS A 252 34.42 -28.40 -7.23
N GLU A 253 33.86 -27.21 -7.06
CA GLU A 253 32.88 -26.97 -6.03
C GLU A 253 31.47 -27.06 -6.61
N GLU A 254 30.48 -27.06 -5.72
CA GLU A 254 29.07 -27.15 -6.09
C GLU A 254 28.28 -26.22 -5.18
N LEU A 255 27.91 -25.06 -5.71
CA LEU A 255 27.21 -24.03 -4.94
C LEU A 255 26.22 -23.32 -5.86
N GLU A 256 25.53 -22.32 -5.32
CA GLU A 256 24.64 -21.51 -6.15
C GLU A 256 24.48 -20.13 -5.53
N ILE A 257 24.33 -19.13 -6.38
CA ILE A 257 24.12 -17.75 -5.95
C ILE A 257 22.75 -17.31 -6.43
N VAL A 258 21.94 -16.80 -5.51
CA VAL A 258 20.59 -16.33 -5.81
C VAL A 258 20.53 -14.83 -5.56
N VAL A 259 20.07 -14.08 -6.54
CA VAL A 259 20.00 -12.62 -6.47
C VAL A 259 18.54 -12.21 -6.51
N ILE A 260 18.19 -11.23 -5.68
CA ILE A 260 16.82 -10.77 -5.51
C ILE A 260 16.81 -9.25 -5.57
N LEU A 261 15.83 -8.70 -6.27
CA LEU A 261 15.65 -7.25 -6.38
C LEU A 261 14.20 -6.92 -6.10
N GLU A 262 13.97 -6.01 -5.16
CA GLU A 262 12.61 -5.61 -4.80
C GLU A 262 12.42 -4.11 -4.94
N GLY A 263 11.19 -3.71 -5.27
CA GLY A 263 10.89 -2.30 -5.44
C GLY A 263 9.40 -2.06 -5.44
N MET A 264 9.01 -0.83 -5.73
CA MET A 264 7.61 -0.43 -5.82
C MET A 264 7.31 0.10 -7.21
N VAL A 265 6.22 -0.35 -7.80
CA VAL A 265 5.80 0.20 -9.08
C VAL A 265 5.44 1.67 -8.91
N GLU A 266 5.48 2.41 -10.01
CA GLU A 266 5.24 3.85 -9.96
C GLU A 266 3.76 4.20 -10.15
N ALA A 267 3.07 3.53 -11.07
CA ALA A 267 1.67 3.84 -11.31
C ALA A 267 0.83 3.59 -10.06
N THR A 268 0.76 2.33 -9.63
CA THR A 268 0.15 1.99 -8.36
C THR A 268 1.18 2.14 -7.25
N GLY A 269 0.89 1.63 -6.06
CA GLY A 269 1.83 1.72 -4.96
C GLY A 269 2.18 0.37 -4.38
N MET A 270 2.12 -0.68 -5.20
CA MET A 270 2.36 -2.03 -4.75
C MET A 270 3.83 -2.41 -4.91
N THR A 271 4.18 -3.58 -4.38
CA THR A 271 5.56 -4.05 -4.33
C THR A 271 5.78 -5.19 -5.31
N CYS A 272 6.92 -5.15 -6.00
CA CYS A 272 7.28 -6.17 -6.98
C CYS A 272 8.68 -6.69 -6.68
N GLN A 273 8.94 -7.93 -7.12
CA GLN A 273 10.15 -8.65 -6.79
C GLN A 273 10.59 -9.49 -7.98
N ALA A 274 11.90 -9.50 -8.23
CA ALA A 274 12.48 -10.30 -9.31
C ALA A 274 13.66 -11.11 -8.78
N ARG A 275 13.79 -12.33 -9.28
CA ARG A 275 14.86 -13.21 -8.82
C ARG A 275 15.65 -13.80 -9.98
N SER A 276 16.83 -14.31 -9.65
CA SER A 276 17.71 -14.91 -10.65
C SER A 276 18.76 -15.74 -9.92
N SER A 277 19.44 -16.62 -10.66
CA SER A 277 20.45 -17.46 -10.05
C SER A 277 21.57 -17.80 -11.01
N TYR A 278 22.73 -18.13 -10.44
CA TYR A 278 23.91 -18.60 -11.15
C TYR A 278 24.43 -19.84 -10.43
N ILE A 279 24.82 -20.87 -11.18
CA ILE A 279 25.10 -22.13 -10.49
C ILE A 279 26.59 -22.35 -10.26
N THR A 280 27.32 -22.76 -11.30
CA THR A 280 28.78 -22.76 -11.23
C THR A 280 29.39 -22.47 -12.60
N SER A 281 28.66 -22.79 -13.66
CA SER A 281 29.15 -22.65 -15.02
C SER A 281 29.02 -21.24 -15.56
N GLU A 282 28.51 -20.31 -14.76
CA GLU A 282 28.39 -18.92 -15.15
C GLU A 282 29.38 -18.01 -14.45
N ILE A 283 30.17 -18.53 -13.52
CA ILE A 283 31.18 -17.73 -12.83
C ILE A 283 32.43 -17.79 -13.71
N LEU A 284 32.57 -16.80 -14.58
CA LEU A 284 33.71 -16.72 -15.49
C LEU A 284 34.85 -15.96 -14.84
N TRP A 285 36.03 -16.58 -14.81
CA TRP A 285 37.18 -16.01 -14.15
C TRP A 285 37.96 -15.14 -15.15
N GLY A 286 38.21 -13.89 -14.76
CA GLY A 286 39.06 -13.02 -15.55
C GLY A 286 38.40 -12.44 -16.78
N TYR A 287 37.35 -11.64 -16.59
CA TYR A 287 36.67 -11.01 -17.72
C TYR A 287 36.15 -9.65 -17.29
N ARG A 288 35.60 -8.92 -18.25
CA ARG A 288 35.01 -7.61 -18.02
C ARG A 288 33.82 -7.42 -18.93
N PHE A 289 32.94 -6.49 -18.55
CA PHE A 289 31.78 -6.14 -19.35
C PHE A 289 32.13 -5.00 -20.31
N THR A 290 31.28 -4.83 -21.31
CA THR A 290 31.51 -3.81 -22.32
C THR A 290 30.65 -2.58 -22.05
N PRO A 291 31.20 -1.38 -22.22
CA PRO A 291 30.39 -0.17 -22.01
C PRO A 291 29.22 -0.13 -22.97
N VAL A 292 28.14 0.53 -22.54
CA VAL A 292 26.90 0.53 -23.29
C VAL A 292 26.34 1.94 -23.45
N LEU A 293 26.95 2.90 -22.78
CA LEU A 293 26.48 4.29 -22.86
C LEU A 293 27.21 5.05 -23.96
N THR A 294 26.47 5.86 -24.70
CA THR A 294 27.06 6.77 -25.67
C THR A 294 26.41 8.14 -25.53
N LEU A 295 27.15 9.19 -25.89
CA LEU A 295 26.66 10.56 -25.80
C LEU A 295 26.40 11.09 -27.20
N GLU A 296 25.19 11.60 -27.42
CA GLU A 296 24.82 12.14 -28.73
C GLU A 296 23.89 13.33 -28.54
N ASP A 297 24.34 14.51 -28.93
CA ASP A 297 23.52 15.71 -29.02
C ASP A 297 22.60 15.87 -27.81
N GLY A 298 23.22 16.00 -26.64
CA GLY A 298 22.46 16.26 -25.44
C GLY A 298 21.60 15.11 -24.96
N PHE A 299 21.93 13.88 -25.34
CA PHE A 299 21.21 12.71 -24.86
C PHE A 299 22.20 11.57 -24.67
N TYR A 300 21.80 10.62 -23.82
CA TYR A 300 22.59 9.42 -23.58
C TYR A 300 21.85 8.22 -24.17
N GLU A 301 22.47 7.58 -25.14
CA GLU A 301 21.90 6.43 -25.84
C GLU A 301 22.47 5.14 -25.26
N VAL A 302 21.56 4.21 -25.00
CA VAL A 302 21.89 2.87 -24.51
C VAL A 302 21.85 1.93 -25.71
N ASP A 303 22.64 0.86 -25.67
CA ASP A 303 22.68 -0.07 -26.80
C ASP A 303 21.77 -1.29 -26.67
N TYR A 304 21.92 -2.01 -25.57
CA TYR A 304 21.17 -3.23 -25.29
C TYR A 304 21.52 -4.36 -26.26
N ASN A 305 22.37 -4.11 -27.25
CA ASN A 305 22.92 -5.19 -28.06
C ASN A 305 24.21 -5.75 -27.48
N SER A 306 24.85 -5.01 -26.57
CA SER A 306 26.04 -5.47 -25.87
C SER A 306 25.76 -5.74 -24.40
N PHE A 307 24.49 -5.81 -24.01
CA PHE A 307 24.15 -5.97 -22.60
C PHE A 307 24.78 -7.21 -22.01
N HIS A 308 24.92 -8.27 -22.81
CA HIS A 308 25.49 -9.53 -22.33
C HIS A 308 26.93 -9.74 -22.79
N GLU A 309 27.40 -8.96 -23.76
CA GLU A 309 28.74 -9.17 -24.30
C GLU A 309 29.80 -8.90 -23.25
N THR A 310 30.78 -9.79 -23.16
CA THR A 310 31.88 -9.66 -22.22
C THR A 310 33.19 -10.04 -22.89
N TYR A 311 34.26 -9.33 -22.54
CA TYR A 311 35.56 -9.59 -23.12
C TYR A 311 36.55 -10.05 -22.04
N GLU A 312 37.73 -10.46 -22.49
CA GLU A 312 38.71 -11.12 -21.65
C GLU A 312 39.87 -10.18 -21.36
N THR A 313 40.56 -10.44 -20.25
CA THR A 313 41.66 -9.59 -19.82
C THR A 313 42.66 -10.45 -19.06
N SER A 314 43.58 -9.80 -18.34
CA SER A 314 44.61 -10.48 -17.58
C SER A 314 44.34 -10.36 -16.09
N THR A 315 44.51 -11.47 -15.36
CA THR A 315 44.24 -11.49 -13.93
C THR A 315 45.05 -12.60 -13.28
N PRO A 316 45.60 -12.36 -12.09
CA PRO A 316 46.29 -13.44 -11.37
C PRO A 316 45.35 -14.60 -11.09
N SER A 317 45.94 -15.75 -10.76
CA SER A 317 45.19 -16.96 -10.46
C SER A 317 45.62 -17.46 -9.07
N LEU A 318 45.03 -16.87 -8.03
CA LEU A 318 45.30 -17.27 -6.67
C LEU A 318 44.11 -16.87 -5.80
N SER A 319 43.95 -17.56 -4.68
CA SER A 319 42.94 -17.17 -3.71
C SER A 319 43.32 -15.87 -3.05
N ALA A 320 42.31 -15.08 -2.68
CA ALA A 320 42.58 -13.77 -2.09
C ALA A 320 43.44 -13.89 -0.84
N LYS A 321 43.31 -14.99 -0.10
CA LYS A 321 44.16 -15.20 1.07
C LYS A 321 45.63 -15.23 0.67
N GLU A 322 45.94 -15.90 -0.44
CA GLU A 322 47.32 -15.92 -0.92
C GLU A 322 47.77 -14.54 -1.35
N LEU A 323 46.88 -13.79 -1.99
CA LEU A 323 47.20 -12.45 -2.44
C LEU A 323 47.62 -11.57 -1.26
N ALA A 324 46.92 -11.73 -0.14
CA ALA A 324 47.20 -10.95 1.06
C ALA A 324 48.59 -11.29 1.61
N GLU A 325 48.84 -12.58 1.79
CA GLU A 325 50.13 -13.03 2.31
C GLU A 325 51.28 -12.48 1.49
N LEU A 326 51.21 -12.68 0.18
CA LEU A 326 52.25 -12.21 -0.72
C LEU A 326 52.48 -10.71 -0.54
N ALA A 327 51.40 -9.96 -0.42
CA ALA A 327 51.49 -8.51 -0.23
C ALA A 327 52.11 -8.17 1.11
N ASN A 328 51.59 -8.76 2.18
CA ASN A 328 52.10 -8.52 3.52
C ASN A 328 53.60 -8.79 3.59
N ARG A 329 54.01 -9.97 3.14
CA ARG A 329 55.42 -10.35 3.15
C ARG A 329 56.26 -9.30 2.42
N ALA A 330 55.83 -8.94 1.23
CA ALA A 330 56.55 -7.95 0.43
C ALA A 330 56.72 -6.65 1.22
N GLU A 331 55.62 -6.14 1.75
CA GLU A 331 55.65 -4.90 2.53
C GLU A 331 56.66 -5.01 3.67
N SER A 332 56.59 -6.10 4.41
CA SER A 332 57.50 -6.32 5.53
C SER A 332 58.95 -6.26 5.08
N ASN A 333 59.27 -7.03 4.04
CA ASN A 333 60.62 -7.07 3.49
C ASN A 333 60.85 -5.99 2.44
N ILE B 6 -0.86 -22.22 32.57
CA ILE B 6 -0.82 -20.93 33.25
C ILE B 6 -1.17 -19.82 32.27
N GLN B 7 -1.33 -18.61 32.79
CA GLN B 7 -1.61 -17.46 31.93
C GLN B 7 -0.46 -17.27 30.95
N ARG B 8 -0.77 -17.35 29.66
CA ARG B 8 0.26 -17.27 28.63
C ARG B 8 0.48 -15.86 28.11
N TYR B 9 -0.57 -15.02 28.12
CA TYR B 9 -0.49 -13.67 27.56
C TYR B 9 -0.48 -13.71 26.04
N VAL B 10 -0.34 -14.91 25.48
CA VAL B 10 -0.50 -15.13 24.04
C VAL B 10 -0.89 -16.59 23.82
N ARG B 11 -2.00 -16.82 23.13
CA ARG B 11 -2.40 -18.19 22.86
C ARG B 11 -1.53 -18.80 21.77
N LYS B 12 -1.56 -20.12 21.69
CA LYS B 12 -0.69 -20.85 20.79
C LYS B 12 -1.00 -20.61 19.31
N ASP B 13 -2.06 -19.84 19.01
CA ASP B 13 -2.42 -19.57 17.63
C ASP B 13 -2.38 -18.10 17.25
N GLY B 14 -2.37 -17.18 18.22
CA GLY B 14 -2.26 -15.78 17.91
C GLY B 14 -3.14 -14.88 18.76
N LYS B 15 -4.27 -15.39 19.19
CA LYS B 15 -5.19 -14.62 20.02
C LYS B 15 -4.51 -14.21 21.34
N CYS B 16 -4.75 -12.97 21.76
CA CYS B 16 -4.17 -12.45 22.99
C CYS B 16 -5.22 -12.37 24.09
N ASN B 17 -4.79 -12.62 25.33
CA ASN B 17 -5.69 -12.66 26.47
C ASN B 17 -5.58 -11.32 27.22
N VAL B 18 -6.35 -10.34 26.75
CA VAL B 18 -6.38 -9.03 27.39
C VAL B 18 -7.80 -8.47 27.26
N HIS B 19 -8.26 -7.81 28.31
CA HIS B 19 -9.60 -7.23 28.36
C HIS B 19 -9.48 -5.74 28.63
N HIS B 20 -9.76 -4.92 27.62
CA HIS B 20 -9.78 -3.47 27.78
C HIS B 20 -11.09 -3.07 28.45
N GLY B 21 -11.00 -2.56 29.68
CA GLY B 21 -12.17 -2.19 30.43
C GLY B 21 -12.04 -0.82 31.06
N ASN B 22 -13.18 -0.27 31.46
CA ASN B 22 -13.24 0.99 32.19
C ASN B 22 -12.68 2.14 31.35
N VAL B 23 -13.31 2.36 30.20
CA VAL B 23 -13.00 3.49 29.32
C VAL B 23 -14.06 4.56 29.53
N ARG B 24 -13.61 5.82 29.63
CA ARG B 24 -14.53 6.93 29.85
C ARG B 24 -14.94 7.59 28.54
N GLU B 25 -13.96 8.09 27.78
CA GLU B 25 -14.23 8.80 26.54
C GLU B 25 -14.53 7.79 25.45
N THR B 26 -15.80 7.49 25.27
CA THR B 26 -16.22 6.51 24.27
C THR B 26 -16.56 7.14 22.93
N TYR B 27 -16.82 8.44 22.88
CA TYR B 27 -17.16 9.10 21.62
C TYR B 27 -16.06 8.91 20.57
N ARG B 28 -14.88 8.50 21.00
CA ARG B 28 -13.78 8.25 20.07
C ARG B 28 -14.19 7.19 19.06
N TYR B 29 -14.96 6.20 19.50
CA TYR B 29 -15.42 5.14 18.62
C TYR B 29 -16.28 5.68 17.49
N LEU B 30 -16.98 6.77 17.74
CA LEU B 30 -17.85 7.38 16.74
C LEU B 30 -17.15 8.42 15.86
N THR B 31 -15.85 8.59 16.06
CA THR B 31 -15.08 9.54 15.29
C THR B 31 -14.43 8.86 14.07
N ASP B 32 -14.16 7.57 14.20
CA ASP B 32 -13.59 6.79 13.12
C ASP B 32 -14.56 5.65 12.89
N ILE B 33 -15.78 6.01 12.51
CA ILE B 33 -16.86 5.03 12.31
C ILE B 33 -16.57 3.93 11.29
N PHE B 34 -15.62 4.17 10.39
CA PHE B 34 -15.31 3.15 9.39
C PHE B 34 -14.61 1.94 10.01
N THR B 35 -13.64 2.18 10.87
CA THR B 35 -12.92 1.05 11.48
C THR B 35 -13.84 0.24 12.37
N THR B 36 -14.73 0.90 13.12
CA THR B 36 -15.67 0.16 13.96
C THR B 36 -16.63 -0.66 13.12
N LEU B 37 -16.94 -0.16 11.92
CA LEU B 37 -17.83 -0.85 11.00
C LEU B 37 -17.15 -2.08 10.41
N VAL B 38 -15.86 -1.97 10.11
CA VAL B 38 -15.11 -3.09 9.56
C VAL B 38 -14.75 -4.12 10.61
N ASP B 39 -14.70 -3.72 11.88
CA ASP B 39 -14.26 -4.65 12.92
C ASP B 39 -15.36 -5.60 13.39
N LEU B 40 -16.62 -5.25 13.14
CA LEU B 40 -17.73 -6.05 13.65
C LEU B 40 -17.81 -7.40 12.92
N LYS B 41 -18.66 -8.28 13.44
CA LYS B 41 -18.87 -9.56 12.82
C LYS B 41 -19.76 -9.40 11.57
N TRP B 42 -20.07 -10.51 10.93
CA TRP B 42 -20.90 -10.47 9.72
C TRP B 42 -22.38 -10.34 10.06
N ARG B 43 -22.81 -11.10 11.09
CA ARG B 43 -24.20 -11.08 11.51
C ARG B 43 -24.74 -9.67 11.69
N PHE B 44 -23.89 -8.77 12.18
CA PHE B 44 -24.28 -7.39 12.40
C PHE B 44 -24.13 -6.53 11.14
N ASN B 45 -23.06 -6.76 10.38
CA ASN B 45 -22.86 -6.02 9.14
C ASN B 45 -24.08 -6.14 8.24
N LEU B 46 -24.57 -7.37 8.06
CA LEU B 46 -25.75 -7.55 7.20
C LEU B 46 -26.95 -6.80 7.73
N LEU B 47 -27.13 -6.82 9.05
CA LEU B 47 -28.23 -6.14 9.70
C LEU B 47 -28.18 -4.64 9.41
N ILE B 48 -27.01 -4.03 9.59
CA ILE B 48 -26.85 -2.60 9.34
C ILE B 48 -27.11 -2.30 7.87
N PHE B 49 -26.59 -3.14 6.98
CA PHE B 49 -26.80 -2.96 5.55
C PHE B 49 -28.29 -2.85 5.23
N VAL B 50 -29.05 -3.83 5.69
CA VAL B 50 -30.48 -3.87 5.40
C VAL B 50 -31.20 -2.68 6.04
N MET B 51 -30.88 -2.38 7.29
CA MET B 51 -31.54 -1.27 7.98
C MET B 51 -31.31 0.04 7.24
N VAL B 52 -30.08 0.32 6.83
CA VAL B 52 -29.79 1.56 6.13
C VAL B 52 -30.57 1.66 4.83
N TYR B 53 -30.51 0.59 4.04
CA TYR B 53 -31.21 0.54 2.76
C TYR B 53 -32.72 0.65 2.92
N THR B 54 -33.25 0.11 4.00
CA THR B 54 -34.68 0.14 4.27
C THR B 54 -35.16 1.51 4.74
N VAL B 55 -34.33 2.19 5.53
CA VAL B 55 -34.67 3.50 6.05
C VAL B 55 -34.60 4.55 4.95
N THR B 56 -33.57 4.46 4.10
CA THR B 56 -33.39 5.39 3.01
C THR B 56 -34.54 5.31 2.00
N TRP B 57 -35.03 4.09 1.77
CA TRP B 57 -36.12 3.88 0.82
C TRP B 57 -37.44 4.38 1.40
N LEU B 58 -37.66 4.13 2.69
CA LEU B 58 -38.88 4.56 3.36
C LEU B 58 -38.97 6.08 3.44
N PHE B 59 -37.86 6.73 3.82
CA PHE B 59 -37.90 8.19 3.92
C PHE B 59 -38.24 8.82 2.59
N PHE B 60 -37.60 8.37 1.50
CA PHE B 60 -37.90 9.00 0.23
C PHE B 60 -39.30 8.66 -0.27
N GLY B 61 -39.79 7.46 0.00
CA GLY B 61 -41.17 7.16 -0.33
C GLY B 61 -42.15 8.05 0.42
N MET B 62 -41.81 8.36 1.66
CA MET B 62 -42.63 9.24 2.48
C MET B 62 -42.68 10.63 1.84
N ILE B 63 -41.52 11.15 1.46
CA ILE B 63 -41.46 12.46 0.85
C ILE B 63 -42.29 12.49 -0.43
N TRP B 64 -42.19 11.44 -1.25
CA TRP B 64 -42.99 11.38 -2.47
C TRP B 64 -44.48 11.40 -2.16
N TRP B 65 -44.91 10.59 -1.18
CA TRP B 65 -46.33 10.54 -0.86
C TRP B 65 -46.82 11.90 -0.39
N LEU B 66 -46.02 12.61 0.39
CA LEU B 66 -46.44 13.91 0.88
C LEU B 66 -46.53 14.92 -0.25
N ILE B 67 -45.52 14.96 -1.10
CA ILE B 67 -45.51 15.90 -2.22
C ILE B 67 -46.71 15.68 -3.14
N ALA B 68 -47.23 14.46 -3.15
CA ALA B 68 -48.37 14.13 -3.99
C ALA B 68 -49.68 14.56 -3.36
N TYR B 69 -49.90 14.17 -2.10
CA TYR B 69 -51.11 14.51 -1.37
C TYR B 69 -51.35 16.02 -1.39
N ILE B 70 -50.31 16.78 -1.06
CA ILE B 70 -50.42 18.23 -1.04
C ILE B 70 -50.90 18.78 -2.38
N ARG B 71 -50.27 18.32 -3.47
CA ARG B 71 -50.64 18.77 -4.81
C ARG B 71 -52.13 18.58 -5.11
N GLY B 72 -52.75 17.63 -4.42
CA GLY B 72 -54.15 17.33 -4.61
C GLY B 72 -54.46 16.30 -5.66
N ASP B 73 -53.49 15.46 -6.03
CA ASP B 73 -53.74 14.44 -7.05
C ASP B 73 -54.69 13.37 -6.55
N MET B 74 -54.68 13.08 -5.25
CA MET B 74 -55.55 12.05 -4.70
C MET B 74 -57.03 12.40 -4.80
N ASP B 75 -57.36 13.67 -4.99
CA ASP B 75 -58.75 14.10 -5.08
C ASP B 75 -59.32 14.02 -6.50
N HIS B 76 -58.49 13.72 -7.49
CA HIS B 76 -58.93 13.64 -8.88
C HIS B 76 -58.38 12.38 -9.55
N ILE B 77 -58.34 11.29 -8.79
CA ILE B 77 -57.84 10.03 -9.33
C ILE B 77 -58.68 9.55 -10.51
N GLU B 78 -59.97 9.83 -10.46
CA GLU B 78 -60.90 9.43 -11.52
C GLU B 78 -61.21 10.66 -12.38
N ASP B 79 -60.32 10.91 -13.33
CA ASP B 79 -60.49 12.02 -14.27
C ASP B 79 -59.52 11.85 -15.43
N PRO B 80 -60.01 11.91 -16.68
CA PRO B 80 -59.08 11.78 -17.81
C PRO B 80 -58.15 12.97 -17.95
N SER B 81 -58.67 14.19 -17.81
CA SER B 81 -57.85 15.39 -17.92
C SER B 81 -57.10 15.61 -16.61
N TRP B 82 -56.55 16.81 -16.44
CA TRP B 82 -55.82 17.16 -15.24
C TRP B 82 -54.63 16.23 -15.00
N THR B 83 -53.66 16.30 -15.92
CA THR B 83 -52.47 15.47 -15.82
C THR B 83 -51.86 15.60 -14.40
N PRO B 84 -51.59 14.49 -13.73
CA PRO B 84 -51.05 14.57 -12.37
C PRO B 84 -49.53 14.72 -12.35
N CYS B 85 -48.94 14.64 -11.16
CA CYS B 85 -47.49 14.72 -11.02
C CYS B 85 -46.86 13.40 -11.45
N VAL B 86 -47.26 12.31 -10.79
CA VAL B 86 -46.78 10.99 -11.18
C VAL B 86 -47.99 10.15 -11.64
N THR B 87 -47.73 9.22 -12.55
CA THR B 87 -48.77 8.36 -13.08
C THR B 87 -49.02 7.13 -12.21
N ASN B 88 -50.29 6.75 -12.11
CA ASN B 88 -50.69 5.57 -11.34
C ASN B 88 -50.09 5.55 -9.93
N LEU B 89 -50.17 6.68 -9.24
CA LEU B 89 -49.62 6.77 -7.89
C LEU B 89 -50.73 7.31 -6.97
N ASN B 90 -51.48 6.39 -6.36
CA ASN B 90 -52.56 6.76 -5.46
C ASN B 90 -52.28 6.29 -4.04
N GLY B 91 -52.09 4.98 -3.83
CA GLY B 91 -51.88 4.47 -2.49
C GLY B 91 -50.48 4.74 -1.97
N PHE B 92 -50.32 4.49 -0.68
CA PHE B 92 -49.04 4.68 -0.01
C PHE B 92 -48.02 3.65 -0.51
N VAL B 93 -48.51 2.46 -0.85
CA VAL B 93 -47.61 1.42 -1.36
C VAL B 93 -47.04 1.81 -2.71
N SER B 94 -47.86 2.41 -3.56
CA SER B 94 -47.40 2.82 -4.89
C SER B 94 -46.18 3.73 -4.78
N ALA B 95 -46.21 4.69 -3.86
CA ALA B 95 -45.06 5.59 -3.72
C ALA B 95 -43.82 4.82 -3.29
N PHE B 96 -43.96 3.87 -2.36
CA PHE B 96 -42.82 3.07 -1.95
C PHE B 96 -42.21 2.32 -3.12
N LEU B 97 -43.07 1.73 -3.94
CA LEU B 97 -42.63 0.99 -5.12
C LEU B 97 -41.90 1.90 -6.08
N PHE B 98 -42.44 3.09 -6.31
CA PHE B 98 -41.82 4.04 -7.21
C PHE B 98 -40.46 4.47 -6.70
N SER B 99 -40.34 4.71 -5.40
CA SER B 99 -39.06 5.09 -4.82
C SER B 99 -38.04 3.99 -4.97
N ILE B 100 -38.42 2.74 -4.70
CA ILE B 100 -37.51 1.62 -4.88
C ILE B 100 -37.06 1.53 -6.34
N GLU B 101 -38.02 1.53 -7.25
CA GLU B 101 -37.74 1.43 -8.68
C GLU B 101 -36.89 2.58 -9.23
N THR B 102 -36.94 3.73 -8.57
CA THR B 102 -36.18 4.88 -9.02
C THR B 102 -34.77 4.94 -8.45
N GLU B 103 -34.60 4.56 -7.18
CA GLU B 103 -33.29 4.69 -6.57
C GLU B 103 -32.32 3.61 -7.04
N THR B 104 -32.79 2.36 -7.16
CA THR B 104 -31.92 1.29 -7.61
C THR B 104 -31.72 1.28 -9.13
N THR B 105 -32.25 2.27 -9.83
CA THR B 105 -32.05 2.36 -11.27
C THR B 105 -32.64 1.23 -12.12
N ILE B 106 -33.89 0.87 -11.81
CA ILE B 106 -34.60 -0.18 -12.52
C ILE B 106 -35.55 0.40 -13.56
N GLY B 107 -36.52 1.18 -13.10
CA GLY B 107 -37.41 1.90 -13.99
C GLY B 107 -38.25 1.01 -14.89
N TYR B 108 -39.20 0.28 -14.31
CA TYR B 108 -40.07 -0.57 -15.11
C TYR B 108 -40.79 0.24 -16.18
N GLY B 109 -41.61 1.19 -15.76
CA GLY B 109 -42.27 2.08 -16.71
C GLY B 109 -43.78 2.02 -16.68
N TYR B 110 -44.36 1.33 -15.70
CA TYR B 110 -45.81 1.37 -15.55
C TYR B 110 -46.27 2.64 -14.87
N ARG B 111 -45.41 3.26 -14.07
CA ARG B 111 -45.69 4.55 -13.45
C ARG B 111 -44.52 5.47 -13.73
N VAL B 112 -44.78 6.61 -14.36
CA VAL B 112 -43.74 7.47 -14.89
C VAL B 112 -43.97 8.89 -14.43
N ILE B 113 -42.89 9.67 -14.42
CA ILE B 113 -42.96 11.08 -14.10
C ILE B 113 -43.34 11.87 -15.35
N THR B 114 -44.03 12.99 -15.15
CA THR B 114 -44.45 13.86 -16.24
C THR B 114 -43.61 15.13 -16.23
N ASP B 115 -43.97 16.08 -17.09
CA ASP B 115 -43.22 17.31 -17.28
C ASP B 115 -44.05 18.55 -16.98
N LYS B 116 -45.02 18.39 -16.08
CA LYS B 116 -45.88 19.50 -15.69
C LYS B 116 -46.00 19.54 -14.16
N CYS B 117 -44.99 19.02 -13.48
CA CYS B 117 -44.97 18.99 -12.01
C CYS B 117 -43.60 19.44 -11.52
N PRO B 118 -43.36 20.74 -11.45
CA PRO B 118 -42.06 21.22 -10.97
C PRO B 118 -41.74 20.69 -9.58
N GLU B 119 -40.46 20.80 -9.23
CA GLU B 119 -39.89 20.29 -7.99
C GLU B 119 -39.75 18.77 -8.02
N GLY B 120 -40.35 18.11 -9.01
CA GLY B 120 -40.08 16.71 -9.20
C GLY B 120 -38.65 16.48 -9.65
N ILE B 121 -38.15 17.38 -10.49
CA ILE B 121 -36.76 17.29 -10.93
C ILE B 121 -35.82 17.50 -9.76
N ILE B 122 -36.11 18.49 -8.90
CA ILE B 122 -35.21 18.77 -7.79
C ILE B 122 -35.29 17.69 -6.73
N LEU B 123 -36.39 16.94 -6.66
CA LEU B 123 -36.39 15.77 -5.78
C LEU B 123 -35.61 14.62 -6.40
N LEU B 124 -35.79 14.39 -7.70
CA LEU B 124 -35.09 13.30 -8.36
C LEU B 124 -33.58 13.49 -8.29
N LEU B 125 -33.11 14.72 -8.45
CA LEU B 125 -31.68 15.01 -8.35
C LEU B 125 -31.12 14.57 -7.00
N ILE B 126 -31.72 15.08 -5.92
CA ILE B 126 -31.26 14.74 -4.58
C ILE B 126 -31.30 13.24 -4.37
N GLN B 127 -32.37 12.59 -4.80
CA GLN B 127 -32.50 11.16 -4.57
C GLN B 127 -31.39 10.40 -5.28
N SER B 128 -31.15 10.76 -6.53
CA SER B 128 -30.11 10.11 -7.34
C SER B 128 -28.72 10.29 -6.74
N VAL B 129 -28.43 11.47 -6.20
CA VAL B 129 -27.11 11.73 -5.64
C VAL B 129 -26.94 10.97 -4.33
N LEU B 130 -27.96 11.04 -3.47
CA LEU B 130 -27.93 10.35 -2.18
C LEU B 130 -27.77 8.84 -2.36
N GLY B 131 -28.47 8.29 -3.35
CA GLY B 131 -28.40 6.87 -3.63
C GLY B 131 -27.03 6.43 -4.11
N SER B 132 -26.37 7.31 -4.86
CA SER B 132 -25.05 7.01 -5.39
C SER B 132 -23.97 7.16 -4.33
N ILE B 133 -24.26 7.97 -3.31
CA ILE B 133 -23.32 8.19 -2.22
C ILE B 133 -23.38 7.07 -1.19
N VAL B 134 -24.57 6.54 -0.95
CA VAL B 134 -24.76 5.45 0.00
C VAL B 134 -24.37 4.11 -0.59
N ASN B 135 -24.38 4.03 -1.92
CA ASN B 135 -24.03 2.80 -2.61
C ASN B 135 -22.54 2.48 -2.52
N ALA B 136 -21.71 3.50 -2.77
CA ALA B 136 -20.27 3.33 -2.72
C ALA B 136 -19.79 3.10 -1.29
N PHE B 137 -20.45 3.75 -0.34
CA PHE B 137 -20.10 3.62 1.06
C PHE B 137 -20.43 2.22 1.58
N MET B 138 -21.51 1.65 1.08
CA MET B 138 -21.94 0.33 1.50
C MET B 138 -21.13 -0.76 0.79
N VAL B 139 -20.94 -0.59 -0.51
CA VAL B 139 -20.18 -1.54 -1.30
C VAL B 139 -18.69 -1.48 -0.97
N GLY B 140 -18.17 -0.28 -0.70
CA GLY B 140 -16.78 -0.18 -0.32
C GLY B 140 -16.51 -0.85 1.01
N CYS B 141 -17.39 -0.65 1.99
CA CYS B 141 -17.24 -1.34 3.26
C CYS B 141 -17.21 -2.85 3.06
N MET B 142 -18.16 -3.35 2.28
CA MET B 142 -18.24 -4.78 2.00
C MET B 142 -16.95 -5.31 1.41
N PHE B 143 -16.53 -4.73 0.29
CA PHE B 143 -15.30 -5.15 -0.38
C PHE B 143 -14.11 -5.13 0.58
N VAL B 144 -13.96 -4.02 1.30
CA VAL B 144 -12.87 -3.87 2.25
C VAL B 144 -12.84 -5.01 3.25
N LYS B 145 -14.00 -5.36 3.78
CA LYS B 145 -14.11 -6.44 4.75
C LYS B 145 -13.85 -7.81 4.12
N ILE B 146 -14.20 -7.99 2.86
CA ILE B 146 -13.99 -9.27 2.20
C ILE B 146 -12.52 -9.50 1.90
N SER B 147 -11.82 -8.46 1.43
CA SER B 147 -10.47 -8.62 0.89
C SER B 147 -9.37 -8.22 1.86
N GLN B 148 -9.52 -8.50 3.15
CA GLN B 148 -8.47 -8.10 4.07
C GLN B 148 -7.33 -9.12 4.07
N PRO B 149 -6.12 -8.68 4.42
CA PRO B 149 -4.94 -9.54 4.24
C PRO B 149 -4.70 -10.52 5.38
N LYS B 150 -5.17 -10.19 6.58
CA LYS B 150 -4.81 -10.98 7.75
C LYS B 150 -5.19 -12.44 7.60
N LYS B 151 -6.19 -12.74 6.76
CA LYS B 151 -6.61 -14.13 6.59
C LYS B 151 -5.47 -15.01 6.08
N ARG B 152 -4.54 -14.43 5.32
CA ARG B 152 -3.42 -15.20 4.81
C ARG B 152 -2.63 -15.84 5.95
N ALA B 153 -2.58 -15.18 7.12
CA ALA B 153 -1.84 -15.73 8.24
C ALA B 153 -2.37 -17.08 8.70
N GLU B 154 -3.51 -17.52 8.15
CA GLU B 154 -4.04 -18.83 8.50
C GLU B 154 -3.25 -19.96 7.85
N THR B 155 -2.46 -19.65 6.83
CA THR B 155 -1.68 -20.65 6.12
C THR B 155 -0.16 -20.43 6.20
N LEU B 156 0.31 -20.04 7.37
CA LEU B 156 1.73 -19.81 7.62
C LEU B 156 2.11 -20.63 8.86
N VAL B 157 2.50 -21.88 8.63
CA VAL B 157 2.69 -22.81 9.74
C VAL B 157 3.95 -22.48 10.51
N PHE B 158 3.83 -22.43 11.83
CA PHE B 158 4.98 -22.34 12.73
C PHE B 158 5.39 -23.75 13.14
N SER B 159 6.27 -23.84 14.13
CA SER B 159 6.74 -25.15 14.58
C SER B 159 6.34 -25.47 16.02
N THR B 160 6.58 -26.71 16.44
CA THR B 160 6.25 -27.16 17.79
C THR B 160 7.26 -26.62 18.80
N HIS B 161 7.40 -27.29 19.94
CA HIS B 161 8.35 -26.88 20.99
C HIS B 161 9.74 -26.72 20.39
N ALA B 162 10.41 -25.62 20.74
CA ALA B 162 11.71 -25.35 20.17
C ALA B 162 12.78 -26.14 20.91
N VAL B 163 14.03 -26.04 20.45
CA VAL B 163 15.10 -26.87 20.99
C VAL B 163 16.31 -26.00 21.33
N ILE B 164 17.18 -26.55 22.17
CA ILE B 164 18.46 -25.94 22.53
C ILE B 164 19.53 -26.99 22.32
N SER B 165 20.52 -26.68 21.49
CA SER B 165 21.58 -27.65 21.23
C SER B 165 22.91 -26.99 20.87
N MET B 166 23.94 -27.80 20.81
CA MET B 166 25.28 -27.35 20.48
C MET B 166 25.48 -27.31 18.97
N ARG B 167 26.31 -26.37 18.53
CA ARG B 167 26.60 -26.19 17.10
C ARG B 167 27.92 -25.46 16.96
N ASP B 168 28.95 -26.17 16.49
CA ASP B 168 30.28 -25.59 16.32
C ASP B 168 30.78 -24.96 17.61
N GLY B 169 30.61 -25.67 18.72
CA GLY B 169 31.03 -25.17 20.01
C GLY B 169 30.29 -23.94 20.47
N LYS B 170 29.05 -23.76 20.03
CA LYS B 170 28.22 -22.64 20.47
C LYS B 170 26.84 -23.14 20.81
N LEU B 171 26.33 -22.72 21.97
CA LEU B 171 24.99 -23.10 22.40
C LEU B 171 24.01 -22.25 21.62
N CYS B 172 23.02 -22.89 21.02
CA CYS B 172 22.05 -22.18 20.21
C CYS B 172 20.63 -22.62 20.54
N LEU B 173 19.69 -21.71 20.35
CA LEU B 173 18.27 -21.98 20.51
C LEU B 173 17.60 -21.89 19.15
N MET B 174 16.86 -22.93 18.78
CA MET B 174 16.38 -23.06 17.41
C MET B 174 14.90 -23.41 17.38
N PHE B 175 14.23 -22.92 16.34
CA PHE B 175 12.87 -23.35 16.03
C PHE B 175 12.68 -23.31 14.51
N ARG B 176 11.48 -23.67 14.06
CA ARG B 176 11.22 -23.93 12.65
C ARG B 176 10.00 -23.17 12.17
N VAL B 177 10.03 -22.76 10.90
CA VAL B 177 8.93 -22.04 10.27
C VAL B 177 8.76 -22.55 8.85
N GLY B 178 7.52 -22.58 8.35
CA GLY B 178 7.29 -23.06 7.01
C GLY B 178 6.08 -22.43 6.36
N ASP B 179 6.02 -22.53 5.04
CA ASP B 179 4.91 -21.97 4.27
C ASP B 179 3.87 -23.05 3.97
N LEU B 180 2.92 -22.73 3.10
CA LEU B 180 1.89 -23.69 2.73
C LEU B 180 1.22 -23.34 1.42
N ARG B 181 1.98 -22.78 0.48
CA ARG B 181 1.41 -22.41 -0.80
C ARG B 181 2.49 -22.20 -1.86
N ASN B 182 2.06 -22.03 -3.09
CA ASN B 182 2.98 -21.82 -4.20
C ASN B 182 3.23 -20.35 -4.49
N SER B 183 2.56 -19.45 -3.78
CA SER B 183 2.81 -18.03 -3.90
C SER B 183 4.06 -17.66 -3.10
N HIS B 184 4.29 -16.37 -2.91
CA HIS B 184 5.47 -15.91 -2.20
C HIS B 184 5.09 -14.81 -1.21
N ILE B 185 5.82 -14.77 -0.10
CA ILE B 185 5.71 -13.69 0.87
C ILE B 185 6.83 -12.71 0.58
N VAL B 186 6.46 -11.50 0.14
CA VAL B 186 7.43 -10.52 -0.33
C VAL B 186 7.93 -9.71 0.85
N GLU B 187 9.25 -9.54 0.92
CA GLU B 187 9.87 -8.76 1.98
C GLU B 187 9.58 -9.29 3.37
N ALA B 188 9.71 -10.60 3.55
CA ALA B 188 9.45 -11.21 4.85
C ALA B 188 10.53 -10.81 5.85
N SER B 189 10.18 -10.92 7.13
CA SER B 189 11.15 -10.69 8.20
C SER B 189 10.58 -11.25 9.49
N ILE B 190 11.48 -11.48 10.46
CA ILE B 190 11.14 -12.18 11.69
C ILE B 190 11.83 -11.50 12.86
N ARG B 191 11.14 -11.48 14.01
CA ARG B 191 11.74 -10.98 15.25
C ARG B 191 11.17 -11.76 16.43
N ALA B 192 11.80 -11.57 17.59
CA ALA B 192 11.46 -12.36 18.76
C ALA B 192 11.76 -11.57 20.03
N LYS B 193 10.85 -11.70 21.00
CA LYS B 193 10.93 -10.95 22.24
C LYS B 193 10.74 -11.88 23.43
N LEU B 194 11.46 -11.58 24.51
CA LEU B 194 11.33 -12.29 25.78
C LEU B 194 10.44 -11.47 26.70
N ILE B 195 9.46 -12.14 27.31
CA ILE B 195 8.54 -11.53 28.26
C ILE B 195 8.70 -12.24 29.59
N LYS B 196 9.04 -11.47 30.62
CA LYS B 196 9.29 -12.02 31.95
C LYS B 196 9.34 -10.89 32.97
N SER B 197 8.58 -11.03 34.05
CA SER B 197 8.53 -10.01 35.10
C SER B 197 9.89 -9.84 35.76
N LYS B 198 10.17 -8.63 36.24
CA LYS B 198 11.43 -8.34 36.90
C LYS B 198 11.24 -7.20 37.89
N GLN B 199 12.17 -7.10 38.83
CA GLN B 199 12.17 -6.05 39.84
C GLN B 199 13.49 -5.29 39.77
N THR B 200 13.40 -3.97 39.66
CA THR B 200 14.59 -3.13 39.60
C THR B 200 15.37 -3.20 40.90
N SER B 201 16.42 -2.38 40.98
CA SER B 201 17.26 -2.33 42.18
C SER B 201 16.91 -1.18 43.10
N GLU B 202 15.78 -0.52 42.87
CA GLU B 202 15.33 0.58 43.71
C GLU B 202 13.97 0.34 44.35
N GLY B 203 13.26 -0.72 43.97
CA GLY B 203 11.98 -1.02 44.56
C GLY B 203 10.85 -1.18 43.56
N GLU B 204 10.96 -0.49 42.43
CA GLU B 204 9.91 -0.53 41.43
C GLU B 204 9.69 -1.96 40.94
N PHE B 205 8.43 -2.33 40.72
CA PHE B 205 8.05 -3.64 40.23
C PHE B 205 7.33 -3.49 38.91
N ILE B 206 7.73 -4.27 37.91
CA ILE B 206 7.11 -4.22 36.60
C ILE B 206 6.40 -5.54 36.34
N PRO B 207 5.14 -5.47 35.96
CA PRO B 207 4.38 -6.70 35.72
C PRO B 207 4.99 -7.58 34.64
N LEU B 208 5.12 -7.03 33.43
CA LEU B 208 5.64 -7.78 32.30
C LEU B 208 6.63 -6.91 31.53
N ASN B 209 7.84 -7.43 31.34
CA ASN B 209 8.91 -6.73 30.66
C ASN B 209 9.20 -7.39 29.31
N GLN B 210 9.38 -6.56 28.28
CA GLN B 210 9.70 -7.03 26.94
C GLN B 210 11.14 -6.71 26.62
N THR B 211 11.87 -7.68 26.10
CA THR B 211 13.26 -7.47 25.71
C THR B 211 13.55 -8.19 24.40
N ASP B 212 14.12 -7.48 23.43
CA ASP B 212 14.38 -8.08 22.13
C ASP B 212 15.43 -9.19 22.24
N ILE B 213 15.36 -10.16 21.33
CA ILE B 213 16.36 -11.20 21.22
C ILE B 213 17.04 -11.07 19.86
N ASN B 214 18.36 -11.24 19.86
CA ASN B 214 19.12 -11.10 18.61
C ASN B 214 18.88 -12.31 17.72
N VAL B 215 18.48 -12.04 16.48
CA VAL B 215 18.22 -13.09 15.51
C VAL B 215 18.89 -12.82 14.17
N GLY B 216 19.70 -11.76 14.09
CA GLY B 216 20.37 -11.45 12.85
C GLY B 216 20.14 -10.01 12.40
N TYR B 217 19.71 -9.16 13.32
CA TYR B 217 19.42 -7.77 12.97
C TYR B 217 20.68 -6.98 12.63
N TYR B 218 21.85 -7.46 13.04
CA TYR B 218 23.07 -6.69 12.83
C TYR B 218 23.65 -6.94 11.44
N THR B 219 23.72 -8.20 11.03
CA THR B 219 24.31 -8.57 9.74
C THR B 219 23.27 -8.65 8.62
N GLY B 220 22.05 -8.18 8.86
CA GLY B 220 21.02 -8.26 7.85
C GLY B 220 20.67 -9.69 7.46
N ASP B 221 20.83 -10.63 8.39
CA ASP B 221 20.60 -12.04 8.12
C ASP B 221 19.18 -12.49 8.43
N ASP B 222 18.31 -11.58 8.87
CA ASP B 222 16.95 -11.94 9.21
C ASP B 222 15.97 -11.78 8.05
N ARG B 223 16.35 -11.04 7.01
CA ARG B 223 15.50 -10.88 5.83
C ARG B 223 15.58 -12.18 5.03
N LEU B 224 14.74 -13.14 5.41
CA LEU B 224 14.82 -14.49 4.89
C LEU B 224 14.07 -14.63 3.57
N PHE B 225 14.49 -15.63 2.80
CA PHE B 225 13.89 -15.95 1.50
C PHE B 225 13.20 -17.30 1.67
N LEU B 226 11.88 -17.27 1.79
CA LEU B 226 11.10 -18.40 2.28
C LEU B 226 10.54 -19.20 1.11
N VAL B 227 11.08 -20.40 0.89
CA VAL B 227 10.54 -21.33 -0.09
C VAL B 227 10.21 -22.65 0.62
N SER B 228 11.22 -23.25 1.22
CA SER B 228 11.09 -24.49 1.97
C SER B 228 11.17 -24.23 3.46
N PRO B 229 10.82 -25.21 4.28
CA PRO B 229 10.86 -25.00 5.74
C PRO B 229 12.25 -24.56 6.20
N LEU B 230 12.29 -23.45 6.92
CA LEU B 230 13.53 -22.91 7.45
C LEU B 230 13.64 -23.14 8.94
N ILE B 231 14.88 -23.13 9.43
CA ILE B 231 15.19 -23.25 10.85
C ILE B 231 15.87 -21.96 11.29
N ILE B 232 15.21 -21.21 12.16
CA ILE B 232 15.78 -20.00 12.74
C ILE B 232 16.53 -20.37 14.00
N SER B 233 17.70 -19.76 14.19
CA SER B 233 18.60 -20.11 15.28
C SER B 233 19.21 -18.85 15.86
N HIS B 234 19.06 -18.67 17.18
CA HIS B 234 19.66 -17.58 17.92
C HIS B 234 20.83 -18.12 18.72
N GLU B 235 22.02 -17.55 18.50
CA GLU B 235 23.21 -17.98 19.20
C GLU B 235 23.25 -17.36 20.59
N ILE B 236 23.65 -18.14 21.58
CA ILE B 236 23.74 -17.68 22.96
C ILE B 236 25.12 -17.10 23.20
N ASN B 237 25.19 -15.79 23.41
CA ASN B 237 26.46 -15.14 23.71
C ASN B 237 26.33 -14.27 24.95
N GLN B 238 27.37 -13.48 25.24
CA GLN B 238 27.39 -12.70 26.47
C GLN B 238 26.21 -11.73 26.57
N GLN B 239 25.64 -11.33 25.44
CA GLN B 239 24.55 -10.36 25.44
C GLN B 239 23.17 -11.01 25.48
N SER B 240 23.10 -12.34 25.56
CA SER B 240 21.77 -12.92 25.52
C SER B 240 21.25 -13.15 26.94
N PRO B 241 19.92 -13.02 27.13
CA PRO B 241 19.35 -13.23 28.47
C PRO B 241 19.48 -14.66 28.97
N PHE B 242 20.05 -15.58 28.20
CA PHE B 242 20.28 -16.94 28.62
C PHE B 242 21.73 -17.19 29.00
N TRP B 243 22.49 -16.14 29.30
CA TRP B 243 23.92 -16.28 29.54
C TRP B 243 24.19 -17.18 30.74
N GLU B 244 23.29 -17.22 31.71
CA GLU B 244 23.45 -18.04 32.91
C GLU B 244 22.17 -18.84 33.13
N ILE B 245 22.11 -20.01 32.49
CA ILE B 245 20.98 -20.92 32.66
C ILE B 245 21.47 -22.35 32.54
N SER B 246 21.23 -23.16 33.56
CA SER B 246 21.68 -24.54 33.59
C SER B 246 20.55 -25.48 33.17
N LYS B 247 20.94 -26.70 32.80
CA LYS B 247 19.95 -27.69 32.38
C LYS B 247 18.97 -27.99 33.50
N ALA B 248 19.44 -28.02 34.75
CA ALA B 248 18.56 -28.26 35.88
C ALA B 248 17.80 -27.00 36.29
N GLN B 249 18.37 -25.83 36.06
CA GLN B 249 17.73 -24.59 36.46
C GLN B 249 16.67 -24.12 35.48
N LEU B 250 16.58 -24.73 34.31
CA LEU B 250 15.60 -24.28 33.30
C LEU B 250 14.17 -24.38 33.80
N PRO B 251 13.69 -25.56 34.23
CA PRO B 251 12.28 -25.67 34.64
C PRO B 251 11.91 -24.83 35.85
N LYS B 252 12.91 -24.34 36.57
CA LYS B 252 12.66 -23.53 37.77
C LYS B 252 12.33 -22.06 37.48
N GLU B 253 12.48 -21.65 36.22
CA GLU B 253 12.21 -20.29 35.83
C GLU B 253 10.80 -20.17 35.25
N GLU B 254 10.37 -18.92 35.05
CA GLU B 254 9.05 -18.63 34.51
C GLU B 254 9.19 -17.45 33.54
N LEU B 255 9.18 -17.75 32.25
CA LEU B 255 9.38 -16.75 31.20
C LEU B 255 8.52 -17.12 30.00
N GLU B 256 8.62 -16.33 28.94
CA GLU B 256 7.92 -16.66 27.70
C GLU B 256 8.65 -16.03 26.52
N ILE B 257 8.61 -16.73 25.39
CA ILE B 257 9.22 -16.25 24.15
C ILE B 257 8.11 -16.05 23.13
N VAL B 258 8.06 -14.87 22.54
CA VAL B 258 7.06 -14.52 21.53
C VAL B 258 7.77 -14.27 20.21
N VAL B 259 7.32 -14.94 19.16
CA VAL B 259 7.92 -14.84 17.84
C VAL B 259 6.92 -14.22 16.89
N ILE B 260 7.41 -13.32 16.04
CA ILE B 260 6.57 -12.54 15.12
C ILE B 260 7.20 -12.58 13.74
N LEU B 261 6.36 -12.77 12.72
CA LEU B 261 6.81 -12.79 11.33
C LEU B 261 5.90 -11.88 10.53
N GLU B 262 6.50 -10.93 9.80
CA GLU B 262 5.73 -10.00 8.99
C GLU B 262 6.17 -10.04 7.53
N GLY B 263 5.22 -9.78 6.63
CA GLY B 263 5.52 -9.79 5.21
C GLY B 263 4.43 -9.11 4.43
N MET B 264 4.53 -9.19 3.10
CA MET B 264 3.54 -8.64 2.19
C MET B 264 2.97 -9.74 1.31
N VAL B 265 1.65 -9.78 1.19
CA VAL B 265 1.03 -10.73 0.27
C VAL B 265 1.45 -10.40 -1.16
N GLU B 266 1.36 -11.41 -2.03
CA GLU B 266 1.81 -11.25 -3.40
C GLU B 266 0.70 -10.75 -4.32
N ALA B 267 -0.53 -11.26 -4.17
CA ALA B 267 -1.62 -10.83 -5.04
C ALA B 267 -1.88 -9.34 -4.89
N THR B 268 -2.31 -8.93 -3.70
CA THR B 268 -2.43 -7.51 -3.38
C THR B 268 -1.08 -7.00 -2.90
N GLY B 269 -1.05 -5.80 -2.32
CA GLY B 269 0.19 -5.25 -1.82
C GLY B 269 0.12 -4.89 -0.35
N MET B 270 -0.71 -5.60 0.40
CA MET B 270 -0.93 -5.30 1.81
C MET B 270 0.02 -6.12 2.68
N THR B 271 0.01 -5.80 3.98
CA THR B 271 0.93 -6.38 4.94
C THR B 271 0.22 -7.36 5.86
N CYS B 272 0.86 -8.49 6.14
CA CYS B 272 0.31 -9.52 7.00
C CYS B 272 1.33 -9.89 8.07
N GLN B 273 0.82 -10.40 9.20
CA GLN B 273 1.61 -10.65 10.38
C GLN B 273 1.12 -11.92 11.08
N ALA B 274 2.06 -12.73 11.54
CA ALA B 274 1.74 -13.96 12.27
C ALA B 274 2.55 -14.02 13.57
N ARG B 275 1.92 -14.53 14.61
CA ARG B 275 2.58 -14.60 15.91
C ARG B 275 2.49 -16.00 16.52
N SER B 276 3.35 -16.23 17.50
CA SER B 276 3.39 -17.53 18.19
C SER B 276 4.16 -17.35 19.49
N SER B 277 4.03 -18.32 20.39
CA SER B 277 4.73 -18.23 21.66
C SER B 277 5.08 -19.60 22.21
N TYR B 278 6.11 -19.62 23.07
CA TYR B 278 6.56 -20.78 23.81
C TYR B 278 6.73 -20.38 25.27
N ILE B 279 6.29 -21.23 26.20
CA ILE B 279 6.25 -20.74 27.58
C ILE B 279 7.44 -21.21 28.40
N THR B 280 7.43 -22.46 28.85
CA THR B 280 8.62 -23.08 29.43
C THR B 280 8.69 -24.56 29.13
N SER B 281 7.53 -25.18 28.93
CA SER B 281 7.42 -26.62 28.72
C SER B 281 7.71 -27.03 27.30
N GLU B 282 8.03 -26.09 26.42
CA GLU B 282 8.38 -26.38 25.05
C GLU B 282 9.86 -26.21 24.74
N ILE B 283 10.65 -25.74 25.70
CA ILE B 283 12.08 -25.59 25.51
C ILE B 283 12.70 -26.93 25.87
N LEU B 284 12.89 -27.77 24.86
CA LEU B 284 13.46 -29.10 25.06
C LEU B 284 14.98 -29.03 24.95
N TRP B 285 15.66 -29.55 25.96
CA TRP B 285 17.11 -29.48 26.02
C TRP B 285 17.71 -30.72 25.34
N GLY B 286 18.61 -30.49 24.39
CA GLY B 286 19.35 -31.57 23.78
C GLY B 286 18.57 -32.37 22.76
N TYR B 287 18.14 -31.73 21.67
CA TYR B 287 17.42 -32.43 20.62
C TYR B 287 17.77 -31.81 19.28
N ARG B 288 17.25 -32.42 18.22
CA ARG B 288 17.44 -31.94 16.86
C ARG B 288 16.19 -32.21 16.04
N PHE B 289 16.04 -31.48 14.94
CA PHE B 289 14.94 -31.66 14.01
C PHE B 289 15.32 -32.67 12.94
N THR B 290 14.30 -33.18 12.26
CA THR B 290 14.52 -34.19 11.23
C THR B 290 14.48 -33.56 9.84
N PRO B 291 15.37 -33.95 8.94
CA PRO B 291 15.33 -33.41 7.58
C PRO B 291 14.01 -33.72 6.89
N VAL B 292 13.61 -32.85 5.97
CA VAL B 292 12.30 -32.95 5.34
C VAL B 292 12.41 -32.85 3.83
N LEU B 293 13.59 -32.53 3.33
CA LEU B 293 13.78 -32.39 1.88
C LEU B 293 14.25 -33.70 1.26
N THR B 294 13.71 -34.02 0.10
CA THR B 294 14.17 -35.15 -0.69
C THR B 294 14.31 -34.73 -2.14
N LEU B 295 15.21 -35.39 -2.87
CA LEU B 295 15.45 -35.08 -4.27
C LEU B 295 14.90 -36.21 -5.13
N GLU B 296 14.06 -35.87 -6.11
CA GLU B 296 13.46 -36.86 -6.99
C GLU B 296 13.31 -36.27 -8.38
N ASP B 297 14.03 -36.82 -9.35
CA ASP B 297 13.85 -36.53 -10.77
C ASP B 297 13.67 -35.03 -11.02
N GLY B 298 14.70 -34.27 -10.68
CA GLY B 298 14.70 -32.86 -10.97
C GLY B 298 13.71 -32.04 -10.17
N PHE B 299 13.28 -32.53 -9.00
CA PHE B 299 12.39 -31.79 -8.13
C PHE B 299 12.76 -32.05 -6.69
N TYR B 300 12.38 -31.12 -5.82
CA TYR B 300 12.59 -31.26 -4.39
C TYR B 300 11.24 -31.45 -3.71
N GLU B 301 11.06 -32.60 -3.08
CA GLU B 301 9.82 -32.96 -2.41
C GLU B 301 9.95 -32.70 -0.91
N VAL B 302 8.92 -32.06 -0.37
CA VAL B 302 8.81 -31.77 1.05
C VAL B 302 7.87 -32.82 1.65
N ASP B 303 8.06 -33.15 2.93
CA ASP B 303 7.22 -34.18 3.56
C ASP B 303 6.02 -33.64 4.34
N TYR B 304 6.28 -32.72 5.26
CA TYR B 304 5.26 -32.14 6.12
C TYR B 304 4.65 -33.16 7.08
N ASN B 305 5.04 -34.43 6.99
CA ASN B 305 4.68 -35.40 8.01
C ASN B 305 5.71 -35.47 9.13
N SER B 306 6.92 -34.96 8.89
CA SER B 306 7.95 -34.87 9.91
C SER B 306 8.22 -33.43 10.33
N PHE B 307 7.32 -32.51 9.98
CA PHE B 307 7.56 -31.10 10.27
C PHE B 307 7.77 -30.85 11.75
N HIS B 308 7.09 -31.63 12.60
CA HIS B 308 7.20 -31.47 14.05
C HIS B 308 8.07 -32.53 14.70
N GLU B 309 8.40 -33.61 14.00
CA GLU B 309 9.16 -34.69 14.59
C GLU B 309 10.56 -34.24 14.96
N THR B 310 11.00 -34.61 16.16
CA THR B 310 12.32 -34.26 16.66
C THR B 310 12.93 -35.46 17.37
N TYR B 311 14.24 -35.63 17.23
CA TYR B 311 14.93 -36.74 17.85
C TYR B 311 15.97 -36.23 18.85
N GLU B 312 16.55 -37.16 19.59
CA GLU B 312 17.40 -36.86 20.74
C GLU B 312 18.86 -37.13 20.40
N THR B 313 19.75 -36.45 21.11
CA THR B 313 21.18 -36.56 20.85
C THR B 313 21.92 -36.34 22.17
N SER B 314 23.23 -36.11 22.08
CA SER B 314 24.08 -35.91 23.25
C SER B 314 24.51 -34.45 23.32
N THR B 315 24.47 -33.88 24.53
CA THR B 315 24.82 -32.49 24.73
C THR B 315 25.26 -32.27 26.17
N PRO B 316 26.29 -31.46 26.40
CA PRO B 316 26.67 -31.13 27.79
C PRO B 316 25.52 -30.46 28.52
N SER B 317 25.64 -30.43 29.85
CA SER B 317 24.64 -29.82 30.71
C SER B 317 25.32 -28.79 31.60
N LEU B 318 25.54 -27.59 31.04
CA LEU B 318 26.14 -26.49 31.77
C LEU B 318 25.71 -25.18 31.12
N SER B 319 25.74 -24.11 31.90
CA SER B 319 25.49 -22.79 31.36
C SER B 319 26.64 -22.37 30.46
N ALA B 320 26.32 -21.58 29.43
CA ALA B 320 27.34 -21.18 28.48
C ALA B 320 28.49 -20.46 29.16
N LYS B 321 28.21 -19.73 30.25
CA LYS B 321 29.28 -19.09 31.00
C LYS B 321 30.28 -20.10 31.51
N GLU B 322 29.79 -21.23 32.02
CA GLU B 322 30.69 -22.29 32.48
C GLU B 322 31.48 -22.88 31.33
N LEU B 323 30.83 -23.04 30.18
CA LEU B 323 31.48 -23.58 29.00
C LEU B 323 32.68 -22.72 28.60
N ALA B 324 32.51 -21.41 28.70
CA ALA B 324 33.56 -20.47 28.35
C ALA B 324 34.76 -20.61 29.30
N GLU B 325 34.47 -20.57 30.59
CA GLU B 325 35.52 -20.68 31.60
C GLU B 325 36.35 -21.93 31.39
N LEU B 326 35.67 -23.08 31.28
CA LEU B 326 36.35 -24.35 31.08
C LEU B 326 37.26 -24.29 29.86
N ALA B 327 36.76 -23.69 28.78
CA ALA B 327 37.54 -23.57 27.55
C ALA B 327 38.74 -22.65 27.75
N ASN B 328 38.49 -21.46 28.29
CA ASN B 328 39.55 -20.50 28.54
C ASN B 328 40.67 -21.11 29.37
N ARG B 329 40.30 -21.70 30.51
CA ARG B 329 41.27 -22.34 31.39
C ARG B 329 42.11 -23.36 30.63
N ALA B 330 41.43 -24.24 29.91
CA ALA B 330 42.11 -25.27 29.13
C ALA B 330 43.14 -24.64 28.19
N GLU B 331 42.70 -23.67 27.40
CA GLU B 331 43.58 -22.99 26.46
C GLU B 331 44.81 -22.43 27.17
N SER B 332 44.58 -21.74 28.27
CA SER B 332 45.67 -21.15 29.04
C SER B 332 46.68 -22.22 29.46
N ASN B 333 46.17 -23.29 30.07
CA ASN B 333 47.02 -24.39 30.52
C ASN B 333 47.24 -25.43 29.43
N ILE C 6 2.96 29.41 26.10
CA ILE C 6 3.83 30.00 25.09
C ILE C 6 3.63 29.29 23.76
N GLN C 7 4.25 29.82 22.71
CA GLN C 7 4.17 29.19 21.40
C GLN C 7 4.78 27.79 21.48
N ARG C 8 3.96 26.78 21.18
CA ARG C 8 4.40 25.39 21.30
C ARG C 8 4.98 24.83 20.01
N TYR C 9 4.51 25.31 18.86
CA TYR C 9 4.93 24.78 17.56
C TYR C 9 4.30 23.43 17.30
N VAL C 10 3.66 22.86 18.32
CA VAL C 10 2.85 21.65 18.17
C VAL C 10 1.81 21.62 19.29
N ARG C 11 0.54 21.52 18.93
CA ARG C 11 -0.48 21.46 19.96
C ARG C 11 -0.50 20.10 20.63
N LYS C 12 -1.13 20.04 21.80
CA LYS C 12 -1.12 18.84 22.61
C LYS C 12 -1.86 17.67 21.98
N ASP C 13 -2.51 17.87 20.83
CA ASP C 13 -3.24 16.80 20.17
C ASP C 13 -2.73 16.45 18.78
N GLY C 14 -1.93 17.31 18.15
CA GLY C 14 -1.35 16.98 16.87
C GLY C 14 -1.32 18.14 15.88
N LYS C 15 -2.27 19.04 15.99
CA LYS C 15 -2.34 20.20 15.11
C LYS C 15 -1.07 21.06 15.26
N CYS C 16 -0.56 21.55 14.14
CA CYS C 16 0.64 22.38 14.14
C CYS C 16 0.27 23.83 13.87
N ASN C 17 1.02 24.74 14.50
CA ASN C 17 0.75 26.17 14.42
C ASN C 17 1.72 26.79 13.41
N VAL C 18 1.34 26.72 12.13
CA VAL C 18 2.14 27.31 11.07
C VAL C 18 1.20 27.83 9.99
N HIS C 19 1.55 28.98 9.42
CA HIS C 19 0.74 29.63 8.38
C HIS C 19 1.59 29.82 7.14
N HIS C 20 1.31 29.04 6.09
CA HIS C 20 1.99 29.19 4.82
C HIS C 20 1.39 30.38 4.08
N GLY C 21 2.18 31.44 3.90
CA GLY C 21 1.71 32.64 3.26
C GLY C 21 2.67 33.14 2.20
N ASN C 22 2.16 34.02 1.35
CA ASN C 22 2.95 34.69 0.33
C ASN C 22 3.56 33.69 -0.66
N VAL C 23 2.68 32.95 -1.32
CA VAL C 23 3.07 32.03 -2.40
C VAL C 23 2.76 32.69 -3.73
N ARG C 24 3.71 32.59 -4.67
CA ARG C 24 3.54 33.19 -5.98
C ARG C 24 2.97 32.22 -7.00
N GLU C 25 3.66 31.10 -7.21
CA GLU C 25 3.24 30.11 -8.21
C GLU C 25 2.12 29.27 -7.63
N THR C 26 0.89 29.69 -7.88
CA THR C 26 -0.28 28.99 -7.36
C THR C 26 -0.82 27.94 -8.32
N TYR C 27 -0.49 28.02 -9.60
CA TYR C 27 -0.99 27.05 -10.57
C TYR C 27 -0.62 25.61 -10.19
N ARG C 28 0.33 25.46 -9.28
CA ARG C 28 0.72 24.14 -8.81
C ARG C 28 -0.48 23.42 -8.21
N TYR C 29 -1.35 24.17 -7.53
CA TYR C 29 -2.54 23.59 -6.93
C TYR C 29 -3.46 22.97 -7.97
N LEU C 30 -3.44 23.52 -9.18
CA LEU C 30 -4.28 23.02 -10.26
C LEU C 30 -3.63 21.91 -11.09
N THR C 31 -2.43 21.52 -10.71
CA THR C 31 -1.71 20.46 -11.42
C THR C 31 -1.99 19.09 -10.80
N ASP C 32 -2.27 19.08 -9.50
CA ASP C 32 -2.60 17.86 -8.79
C ASP C 32 -3.97 18.10 -8.18
N ILE C 33 -4.95 18.31 -9.05
CA ILE C 33 -6.31 18.62 -8.63
C ILE C 33 -6.97 17.59 -7.73
N PHE C 34 -6.48 16.35 -7.75
CA PHE C 34 -7.09 15.31 -6.91
C PHE C 34 -6.80 15.55 -5.43
N THR C 35 -5.56 15.88 -5.09
CA THR C 35 -5.23 16.09 -3.68
C THR C 35 -5.95 17.30 -3.13
N THR C 36 -6.07 18.37 -3.93
CA THR C 36 -6.80 19.54 -3.46
C THR C 36 -8.28 19.23 -3.26
N LEU C 37 -8.80 18.30 -4.06
CA LEU C 37 -10.19 17.89 -3.97
C LEU C 37 -10.42 17.06 -2.71
N VAL C 38 -9.46 16.21 -2.37
CA VAL C 38 -9.57 15.37 -1.18
C VAL C 38 -9.30 16.15 0.09
N ASP C 39 -8.56 17.26 0.01
CA ASP C 39 -8.19 17.99 1.21
C ASP C 39 -9.29 18.90 1.73
N LEU C 40 -10.26 19.25 0.89
CA LEU C 40 -11.29 20.21 1.28
C LEU C 40 -12.23 19.60 2.31
N LYS C 41 -13.08 20.45 2.88
CA LYS C 41 -14.06 19.98 3.84
C LYS C 41 -15.22 19.27 3.10
N TRP C 42 -16.22 18.84 3.85
CA TRP C 42 -17.35 18.14 3.26
C TRP C 42 -18.35 19.12 2.64
N ARG C 43 -18.60 20.22 3.35
CA ARG C 43 -19.54 21.24 2.88
C ARG C 43 -19.28 21.64 1.43
N PHE C 44 -18.01 21.68 1.05
CA PHE C 44 -17.63 22.06 -0.30
C PHE C 44 -17.65 20.87 -1.26
N ASN C 45 -17.21 19.71 -0.79
CA ASN C 45 -17.23 18.52 -1.63
C ASN C 45 -18.63 18.26 -2.17
N LEU C 46 -19.63 18.33 -1.29
CA LEU C 46 -21.01 18.09 -1.74
C LEU C 46 -21.43 19.12 -2.78
N LEU C 47 -21.04 20.37 -2.57
CA LEU C 47 -21.36 21.45 -3.49
C LEU C 47 -20.79 21.17 -4.87
N ILE C 48 -19.52 20.80 -4.94
CA ILE C 48 -18.87 20.51 -6.21
C ILE C 48 -19.55 19.32 -6.87
N PHE C 49 -19.86 18.29 -6.09
CA PHE C 49 -20.54 17.10 -6.62
C PHE C 49 -21.81 17.49 -7.35
N VAL C 50 -22.66 18.25 -6.68
CA VAL C 50 -23.94 18.64 -7.25
C VAL C 50 -23.74 19.52 -8.47
N MET C 51 -22.84 20.51 -8.37
CA MET C 51 -22.61 21.42 -9.49
C MET C 51 -22.16 20.66 -10.73
N VAL C 52 -21.22 19.73 -10.58
CA VAL C 52 -20.73 18.98 -11.73
C VAL C 52 -21.84 18.17 -12.37
N TYR C 53 -22.59 17.45 -11.55
CA TYR C 53 -23.69 16.62 -12.02
C TYR C 53 -24.79 17.45 -12.68
N THR C 54 -25.00 18.66 -12.18
CA THR C 54 -26.04 19.54 -12.71
C THR C 54 -25.63 20.17 -14.04
N VAL C 55 -24.34 20.50 -14.17
CA VAL C 55 -23.83 21.12 -15.38
C VAL C 55 -23.78 20.10 -16.51
N THR C 56 -23.33 18.89 -16.20
CA THR C 56 -23.24 17.83 -17.19
C THR C 56 -24.60 17.46 -17.76
N TRP C 57 -25.62 17.47 -16.90
CA TRP C 57 -26.98 17.12 -17.31
C TRP C 57 -27.58 18.24 -18.16
N LEU C 58 -27.34 19.48 -17.77
CA LEU C 58 -27.85 20.63 -18.50
C LEU C 58 -27.23 20.73 -19.88
N PHE C 59 -25.91 20.58 -19.97
CA PHE C 59 -25.26 20.69 -21.27
C PHE C 59 -25.81 19.66 -22.24
N PHE C 60 -25.93 18.40 -21.80
CA PHE C 60 -26.42 17.40 -22.74
C PHE C 60 -27.89 17.59 -23.07
N GLY C 61 -28.70 18.06 -22.12
CA GLY C 61 -30.07 18.38 -22.45
C GLY C 61 -30.16 19.49 -23.48
N MET C 62 -29.25 20.44 -23.39
CA MET C 62 -29.19 21.55 -24.34
C MET C 62 -28.89 21.01 -25.73
N ILE C 63 -27.89 20.14 -25.83
CA ILE C 63 -27.52 19.56 -27.11
C ILE C 63 -28.69 18.81 -27.71
N TRP C 64 -29.41 18.03 -26.88
CA TRP C 64 -30.57 17.30 -27.38
C TRP C 64 -31.63 18.26 -27.91
N TRP C 65 -31.93 19.32 -27.15
CA TRP C 65 -32.96 20.26 -27.59
C TRP C 65 -32.58 20.90 -28.92
N LEU C 66 -31.30 21.22 -29.10
CA LEU C 66 -30.87 21.86 -30.33
C LEU C 66 -30.97 20.89 -31.50
N ILE C 67 -30.49 19.67 -31.31
CA ILE C 67 -30.53 18.67 -32.38
C ILE C 67 -31.96 18.39 -32.83
N ALA C 68 -32.92 18.63 -31.93
CA ALA C 68 -34.32 18.39 -32.24
C ALA C 68 -34.93 19.55 -33.01
N TYR C 69 -34.76 20.77 -32.49
CA TYR C 69 -35.29 21.96 -33.13
C TYR C 69 -34.83 22.06 -34.58
N ILE C 70 -33.53 21.88 -34.80
CA ILE C 70 -32.98 21.95 -36.14
C ILE C 70 -33.67 20.97 -37.09
N ARG C 71 -33.81 19.72 -36.65
CA ARG C 71 -34.46 18.69 -37.46
C ARG C 71 -35.86 19.10 -37.92
N GLY C 72 -36.49 19.99 -37.17
CA GLY C 72 -37.82 20.47 -37.49
C GLY C 72 -38.95 19.67 -36.88
N ASP C 73 -38.69 18.89 -35.82
CA ASP C 73 -39.74 18.10 -35.20
C ASP C 73 -40.77 18.98 -34.50
N MET C 74 -40.35 20.13 -33.98
CA MET C 74 -41.27 21.01 -33.28
C MET C 74 -42.36 21.59 -34.19
N ASP C 75 -42.14 21.57 -35.50
CA ASP C 75 -43.11 22.13 -36.44
C ASP C 75 -44.18 21.12 -36.87
N HIS C 76 -44.06 19.86 -36.47
CA HIS C 76 -45.01 18.82 -36.85
C HIS C 76 -45.39 17.98 -35.64
N ILE C 77 -45.51 18.63 -34.48
CA ILE C 77 -45.88 17.92 -33.26
C ILE C 77 -47.25 17.25 -33.38
N GLU C 78 -48.14 17.88 -34.13
CA GLU C 78 -49.49 17.36 -34.34
C GLU C 78 -49.56 16.74 -35.73
N ASP C 79 -49.13 15.49 -35.81
CA ASP C 79 -49.16 14.73 -37.06
C ASP C 79 -48.94 13.25 -36.76
N PRO C 80 -49.81 12.36 -37.25
CA PRO C 80 -49.59 10.93 -36.99
C PRO C 80 -48.38 10.38 -37.73
N SER C 81 -48.20 10.74 -39.00
CA SER C 81 -47.07 10.28 -39.79
C SER C 81 -45.84 11.10 -39.44
N TRP C 82 -44.81 11.01 -40.28
CA TRP C 82 -43.58 11.75 -40.06
C TRP C 82 -42.93 11.42 -38.72
N THR C 83 -42.50 10.16 -38.59
CA THR C 83 -41.86 9.71 -37.37
C THR C 83 -40.74 10.69 -36.97
N PRO C 84 -40.72 11.17 -35.73
CA PRO C 84 -39.70 12.14 -35.32
C PRO C 84 -38.41 11.47 -34.87
N CYS C 85 -37.48 12.26 -34.34
CA CYS C 85 -36.23 11.72 -33.81
C CYS C 85 -36.47 11.06 -32.47
N VAL C 86 -36.99 11.83 -31.51
CA VAL C 86 -37.35 11.27 -30.22
C VAL C 86 -38.86 11.40 -30.02
N THR C 87 -39.43 10.48 -29.26
CA THR C 87 -40.86 10.47 -28.99
C THR C 87 -41.24 11.36 -27.80
N ASN C 88 -42.39 12.01 -27.93
CA ASN C 88 -42.90 12.89 -26.88
C ASN C 88 -41.86 13.88 -26.35
N LEU C 89 -41.14 14.53 -27.26
CA LEU C 89 -40.11 15.48 -26.86
C LEU C 89 -40.39 16.80 -27.59
N ASN C 90 -41.15 17.69 -26.94
CA ASN C 90 -41.49 18.99 -27.51
C ASN C 90 -40.88 20.12 -26.70
N GLY C 91 -41.21 20.22 -25.41
CA GLY C 91 -40.72 21.31 -24.60
C GLY C 91 -39.27 21.14 -24.20
N PHE C 92 -38.72 22.22 -23.66
CA PHE C 92 -37.34 22.24 -23.20
C PHE C 92 -37.17 21.33 -21.98
N VAL C 93 -38.22 21.24 -21.16
CA VAL C 93 -38.15 20.39 -19.98
C VAL C 93 -38.08 18.93 -20.38
N SER C 94 -38.83 18.54 -21.40
CA SER C 94 -38.82 17.15 -21.85
C SER C 94 -37.41 16.69 -22.18
N ALA C 95 -36.63 17.52 -22.87
CA ALA C 95 -35.26 17.13 -23.21
C ALA C 95 -34.42 16.95 -21.95
N PHE C 96 -34.58 17.84 -20.97
CA PHE C 96 -33.83 17.69 -19.73
C PHE C 96 -34.15 16.36 -19.04
N LEU C 97 -35.44 16.03 -19.01
CA LEU C 97 -35.88 14.79 -18.40
C LEU C 97 -35.29 13.59 -19.13
N PHE C 98 -35.30 13.63 -20.46
CA PHE C 98 -34.76 12.54 -21.25
C PHE C 98 -33.27 12.38 -21.00
N SER C 99 -32.54 13.49 -20.93
CA SER C 99 -31.11 13.43 -20.66
C SER C 99 -30.84 12.81 -19.29
N ILE C 100 -31.57 13.24 -18.27
CA ILE C 100 -31.40 12.66 -16.95
C ILE C 100 -31.67 11.16 -16.98
N GLU C 101 -32.82 10.78 -17.53
CA GLU C 101 -33.22 9.39 -17.61
C GLU C 101 -32.26 8.51 -18.43
N THR C 102 -31.53 9.12 -19.35
CA THR C 102 -30.60 8.37 -20.18
C THR C 102 -29.22 8.24 -19.58
N GLU C 103 -28.73 9.30 -18.92
CA GLU C 103 -27.37 9.25 -18.40
C GLU C 103 -27.25 8.39 -17.15
N THR C 104 -28.22 8.49 -16.23
CA THR C 104 -28.17 7.70 -15.02
C THR C 104 -28.63 6.26 -15.23
N THR C 105 -28.92 5.87 -16.46
CA THR C 105 -29.31 4.49 -16.76
C THR C 105 -30.62 4.01 -16.13
N ILE C 106 -31.65 4.85 -16.23
CA ILE C 106 -32.97 4.54 -15.70
C ILE C 106 -33.91 4.04 -16.80
N GLY C 107 -34.15 4.90 -17.79
CA GLY C 107 -34.92 4.50 -18.95
C GLY C 107 -36.35 4.08 -18.65
N TYR C 108 -37.19 5.03 -18.25
CA TYR C 108 -38.58 4.71 -17.97
C TYR C 108 -39.25 4.08 -19.19
N GLY C 109 -39.32 4.83 -20.29
CA GLY C 109 -39.85 4.28 -21.53
C GLY C 109 -41.08 4.99 -22.06
N TYR C 110 -41.45 6.13 -21.46
CA TYR C 110 -42.53 6.92 -22.03
C TYR C 110 -42.07 7.74 -23.23
N ARG C 111 -40.78 8.06 -23.29
CA ARG C 111 -40.20 8.74 -24.44
C ARG C 111 -38.97 7.96 -24.87
N VAL C 112 -38.95 7.52 -26.12
CA VAL C 112 -37.95 6.57 -26.60
C VAL C 112 -37.33 7.09 -27.88
N ILE C 113 -36.12 6.60 -28.15
CA ILE C 113 -35.43 6.92 -29.39
C ILE C 113 -35.90 5.98 -30.50
N THR C 114 -35.89 6.48 -31.73
CA THR C 114 -36.29 5.70 -32.89
C THR C 114 -35.06 5.32 -33.71
N ASP C 115 -35.29 4.72 -34.88
CA ASP C 115 -34.23 4.20 -35.73
C ASP C 115 -34.24 4.85 -37.11
N LYS C 116 -34.72 6.09 -37.16
CA LYS C 116 -34.77 6.84 -38.42
C LYS C 116 -34.22 8.25 -38.20
N CYS C 117 -33.36 8.40 -37.21
CA CYS C 117 -32.76 9.70 -36.88
C CYS C 117 -31.27 9.52 -36.66
N PRO C 118 -30.47 9.47 -37.72
CA PRO C 118 -29.02 9.31 -37.56
C PRO C 118 -28.43 10.40 -36.68
N GLU C 119 -27.21 10.13 -36.21
CA GLU C 119 -26.47 10.98 -35.29
C GLU C 119 -27.02 10.89 -33.88
N GLY C 120 -28.21 10.28 -33.71
CA GLY C 120 -28.67 9.99 -32.38
C GLY C 120 -27.81 8.94 -31.71
N ILE C 121 -27.36 7.96 -32.49
CA ILE C 121 -26.46 6.94 -31.95
C ILE C 121 -25.14 7.56 -31.55
N ILE C 122 -24.59 8.45 -32.39
CA ILE C 122 -23.30 9.03 -32.07
C ILE C 122 -23.39 10.00 -30.92
N LEU C 123 -24.57 10.57 -30.65
CA LEU C 123 -24.72 11.36 -29.43
C LEU C 123 -24.85 10.46 -28.22
N LEU C 124 -25.63 9.38 -28.33
CA LEU C 124 -25.80 8.47 -27.21
C LEU C 124 -24.48 7.85 -26.78
N LEU C 125 -23.63 7.49 -27.74
CA LEU C 125 -22.32 6.93 -27.42
C LEU C 125 -21.51 7.88 -26.55
N ILE C 126 -21.33 9.12 -27.03
CA ILE C 126 -20.56 10.10 -26.28
C ILE C 126 -21.16 10.31 -24.90
N GLN C 127 -22.48 10.41 -24.82
CA GLN C 127 -23.11 10.67 -23.53
C GLN C 127 -22.84 9.54 -22.56
N SER C 128 -23.00 8.31 -23.04
CA SER C 128 -22.77 7.12 -22.21
C SER C 128 -21.34 7.02 -21.71
N VAL C 129 -20.37 7.36 -22.56
CA VAL C 129 -18.97 7.29 -22.17
C VAL C 129 -18.63 8.37 -21.16
N LEU C 130 -19.07 9.59 -21.45
CA LEU C 130 -18.81 10.73 -20.56
C LEU C 130 -19.41 10.49 -19.18
N GLY C 131 -20.62 9.93 -19.15
CA GLY C 131 -21.30 9.65 -17.90
C GLY C 131 -20.58 8.60 -17.06
N SER C 132 -19.98 7.63 -17.75
CA SER C 132 -19.27 6.56 -17.07
C SER C 132 -17.90 7.02 -16.58
N ILE C 133 -17.37 8.06 -17.22
CA ILE C 133 -16.07 8.60 -16.85
C ILE C 133 -16.18 9.54 -15.65
N VAL C 134 -17.27 10.30 -15.59
CA VAL C 134 -17.50 11.24 -14.50
C VAL C 134 -18.02 10.53 -13.25
N ASN C 135 -18.61 9.35 -13.44
CA ASN C 135 -19.14 8.57 -12.34
C ASN C 135 -18.04 7.98 -11.46
N ALA C 136 -17.04 7.38 -12.10
CA ALA C 136 -15.93 6.77 -11.38
C ALA C 136 -15.07 7.83 -10.71
N PHE C 137 -14.92 8.97 -11.36
CA PHE C 137 -14.12 10.06 -10.83
C PHE C 137 -14.78 10.68 -9.60
N MET C 138 -16.11 10.72 -9.60
CA MET C 138 -16.85 11.29 -8.49
C MET C 138 -16.97 10.29 -7.34
N VAL C 139 -17.27 9.04 -7.68
CA VAL C 139 -17.40 7.99 -6.68
C VAL C 139 -16.04 7.62 -6.09
N GLY C 140 -15.00 7.62 -6.92
CA GLY C 140 -13.68 7.33 -6.40
C GLY C 140 -13.21 8.39 -5.42
N CYS C 141 -13.43 9.67 -5.76
CA CYS C 141 -13.09 10.73 -4.82
C CYS C 141 -13.80 10.54 -3.49
N MET C 142 -15.10 10.27 -3.56
CA MET C 142 -15.90 10.07 -2.36
C MET C 142 -15.34 8.95 -1.50
N PHE C 143 -15.21 7.76 -2.08
CA PHE C 143 -14.67 6.60 -1.36
C PHE C 143 -13.32 6.92 -0.73
N VAL C 144 -12.43 7.49 -1.53
CA VAL C 144 -11.09 7.84 -1.06
C VAL C 144 -11.15 8.72 0.19
N LYS C 145 -12.03 9.72 0.15
CA LYS C 145 -12.18 10.63 1.28
C LYS C 145 -12.82 9.95 2.49
N ILE C 146 -13.70 8.99 2.26
CA ILE C 146 -14.36 8.31 3.37
C ILE C 146 -13.40 7.37 4.08
N SER C 147 -12.57 6.64 3.32
CA SER C 147 -11.78 5.54 3.89
C SER C 147 -10.33 5.91 4.14
N GLN C 148 -10.05 7.13 4.59
CA GLN C 148 -8.65 7.47 4.82
C GLN C 148 -8.18 6.95 6.18
N PRO C 149 -6.88 6.72 6.32
CA PRO C 149 -6.38 6.02 7.52
C PRO C 149 -6.15 6.92 8.71
N LYS C 150 -5.89 8.20 8.47
CA LYS C 150 -5.47 9.09 9.56
C LYS C 150 -6.47 9.11 10.70
N LYS C 151 -7.75 8.83 10.41
CA LYS C 151 -8.75 8.87 11.47
C LYS C 151 -8.43 7.90 12.60
N ARG C 152 -7.74 6.80 12.29
CA ARG C 152 -7.38 5.84 13.32
C ARG C 152 -6.56 6.49 14.42
N ALA C 153 -5.76 7.51 14.08
CA ALA C 153 -4.94 8.18 15.08
C ALA C 153 -5.77 8.83 16.18
N GLU C 154 -7.10 8.85 16.03
CA GLU C 154 -7.95 9.40 17.07
C GLU C 154 -8.07 8.48 18.27
N THR C 155 -7.72 7.20 18.09
CA THR C 155 -7.81 6.21 19.16
C THR C 155 -6.47 5.59 19.56
N LEU C 156 -5.44 6.43 19.62
CA LEU C 156 -4.10 6.00 20.01
C LEU C 156 -3.64 6.93 21.14
N VAL C 157 -3.97 6.55 22.37
CA VAL C 157 -3.77 7.46 23.50
C VAL C 157 -2.30 7.57 23.85
N PHE C 158 -1.83 8.80 24.02
CA PHE C 158 -0.51 9.08 24.56
C PHE C 158 -0.62 9.26 26.06
N SER C 159 0.45 9.75 26.69
CA SER C 159 0.45 9.93 28.14
C SER C 159 0.57 11.40 28.56
N THR C 160 0.39 11.66 29.85
CA THR C 160 0.48 13.02 30.39
C THR C 160 1.95 13.46 30.49
N HIS C 161 2.23 14.41 31.37
CA HIS C 161 3.60 14.91 31.58
C HIS C 161 4.55 13.76 31.85
N ALA C 162 5.70 13.76 31.19
CA ALA C 162 6.63 12.66 31.34
C ALA C 162 7.45 12.83 32.62
N VAL C 163 8.30 11.86 32.92
CA VAL C 163 9.03 11.85 34.18
C VAL C 163 10.51 11.62 33.93
N ILE C 164 11.31 11.96 34.93
CA ILE C 164 12.75 11.70 34.95
C ILE C 164 13.07 11.03 36.27
N SER C 165 13.66 9.84 36.22
CA SER C 165 13.99 9.13 37.44
C SER C 165 15.19 8.20 37.29
N MET C 166 15.64 7.68 38.41
CA MET C 166 16.78 6.77 38.46
C MET C 166 16.33 5.34 38.20
N ARG C 167 17.23 4.57 37.59
CA ARG C 167 16.96 3.17 37.26
C ARG C 167 18.28 2.44 37.08
N ASP C 168 18.60 1.57 38.03
CA ASP C 168 19.86 0.81 37.99
C ASP C 168 21.06 1.73 37.87
N GLY C 169 21.06 2.79 38.66
CA GLY C 169 22.15 3.75 38.63
C GLY C 169 22.28 4.50 37.33
N LYS C 170 21.18 4.68 36.59
CA LYS C 170 21.18 5.43 35.35
C LYS C 170 20.00 6.37 35.34
N LEU C 171 20.24 7.63 34.98
CA LEU C 171 19.18 8.62 34.90
C LEU C 171 18.44 8.37 33.60
N CYS C 172 17.12 8.29 33.67
CA CYS C 172 16.32 8.00 32.50
C CYS C 172 15.13 8.94 32.41
N LEU C 173 14.69 9.20 31.19
CA LEU C 173 13.50 9.99 30.91
C LEU C 173 12.44 9.08 30.31
N MET C 174 11.25 9.08 30.88
CA MET C 174 10.24 8.08 30.54
C MET C 174 8.89 8.72 30.28
N PHE C 175 8.14 8.10 29.38
CA PHE C 175 6.74 8.44 29.18
C PHE C 175 5.98 7.18 28.76
N ARG C 176 4.67 7.32 28.53
CA ARG C 176 3.78 6.18 28.39
C ARG C 176 2.93 6.31 27.13
N VAL C 177 2.62 5.16 26.53
CA VAL C 177 1.79 5.10 25.33
C VAL C 177 0.85 3.91 25.45
N GLY C 178 -0.36 4.03 24.90
CA GLY C 178 -1.31 2.93 24.98
C GLY C 178 -2.27 2.91 23.81
N ASP C 179 -2.90 1.76 23.61
CA ASP C 179 -3.86 1.58 22.53
C ASP C 179 -5.28 1.78 23.04
N LEU C 180 -6.26 1.43 22.22
CA LEU C 180 -7.66 1.57 22.61
C LEU C 180 -8.58 0.71 21.77
N ARG C 181 -8.11 -0.47 21.38
CA ARG C 181 -8.93 -1.36 20.57
C ARG C 181 -8.40 -2.79 20.60
N ASN C 182 -9.18 -3.70 20.03
CA ASN C 182 -8.80 -5.10 19.98
C ASN C 182 -8.08 -5.47 18.70
N SER C 183 -7.93 -4.53 17.76
CA SER C 183 -7.17 -4.76 16.56
C SER C 183 -5.68 -4.60 16.87
N HIS C 184 -4.85 -4.54 15.83
CA HIS C 184 -3.41 -4.44 16.01
C HIS C 184 -2.85 -3.38 15.07
N ILE C 185 -1.78 -2.73 15.53
CA ILE C 185 -1.01 -1.81 14.71
C ILE C 185 0.20 -2.58 14.20
N VAL C 186 0.24 -2.81 12.89
CA VAL C 186 1.25 -3.67 12.29
C VAL C 186 2.50 -2.84 11.98
N GLU C 187 3.66 -3.37 12.36
CA GLU C 187 4.93 -2.72 12.10
C GLU C 187 5.03 -1.34 12.74
N ALA C 188 4.64 -1.24 14.00
CA ALA C 188 4.70 0.04 14.71
C ALA C 188 6.15 0.43 14.96
N SER C 189 6.34 1.74 15.19
CA SER C 189 7.66 2.25 15.56
C SER C 189 7.49 3.66 16.10
N ILE C 190 8.50 4.11 16.85
CA ILE C 190 8.42 5.36 17.59
C ILE C 190 9.75 6.10 17.48
N ARG C 191 9.68 7.42 17.42
CA ARG C 191 10.89 8.26 17.44
C ARG C 191 10.57 9.56 18.16
N ALA C 192 11.64 10.32 18.45
CA ALA C 192 11.49 11.52 19.27
C ALA C 192 12.59 12.51 18.92
N LYS C 193 12.20 13.79 18.88
CA LYS C 193 13.11 14.86 18.48
C LYS C 193 13.04 16.01 19.48
N LEU C 194 14.18 16.65 19.70
CA LEU C 194 14.29 17.83 20.53
C LEU C 194 14.30 19.06 19.64
N ILE C 195 13.48 20.05 19.98
CA ILE C 195 13.39 21.31 19.26
C ILE C 195 13.76 22.42 20.23
N LYS C 196 14.78 23.19 19.87
CA LYS C 196 15.29 24.26 20.72
C LYS C 196 16.23 25.14 19.93
N SER C 197 16.01 26.45 19.97
CA SER C 197 16.84 27.41 19.24
C SER C 197 18.28 27.38 19.74
N LYS C 198 19.23 27.68 18.85
CA LYS C 198 20.63 27.70 19.21
C LYS C 198 21.37 28.67 18.31
N GLN C 199 22.55 29.08 18.76
CA GLN C 199 23.42 29.98 18.02
C GLN C 199 24.78 29.32 17.83
N THR C 200 25.24 29.27 16.58
CA THR C 200 26.53 28.67 16.28
C THR C 200 27.66 29.47 16.89
N SER C 201 28.90 29.07 16.58
CA SER C 201 30.08 29.76 17.10
C SER C 201 30.67 30.74 16.10
N GLU C 202 29.96 31.05 15.03
CA GLU C 202 30.42 32.00 14.03
C GLU C 202 29.49 33.19 13.84
N GLY C 203 28.30 33.17 14.45
CA GLY C 203 27.38 34.28 14.34
C GLY C 203 26.00 33.90 13.86
N GLU C 204 25.92 32.84 13.05
CA GLU C 204 24.65 32.43 12.49
C GLU C 204 23.65 32.09 13.59
N PHE C 205 22.39 32.47 13.39
CA PHE C 205 21.32 32.20 14.33
C PHE C 205 20.26 31.35 13.65
N ILE C 206 19.84 30.28 14.31
CA ILE C 206 18.83 29.39 13.77
C ILE C 206 17.58 29.48 14.63
N PRO C 207 16.44 29.72 14.00
CA PRO C 207 15.20 29.85 14.78
C PRO C 207 14.86 28.60 15.58
N LEU C 208 14.72 27.47 14.90
CA LEU C 208 14.35 26.22 15.56
C LEU C 208 15.20 25.09 15.01
N ASN C 209 15.87 24.37 15.91
CA ASN C 209 16.76 23.28 15.55
C ASN C 209 16.15 21.95 15.99
N GLN C 210 16.23 20.95 15.12
CA GLN C 210 15.74 19.61 15.40
C GLN C 210 16.91 18.67 15.61
N THR C 211 16.86 17.86 16.66
CA THR C 211 17.91 16.89 16.93
C THR C 211 17.28 15.60 17.43
N ASP C 212 17.66 14.48 16.83
CA ASP C 212 17.07 13.20 17.21
C ASP C 212 17.48 12.82 18.63
N ILE C 213 16.63 12.04 19.30
CA ILE C 213 16.93 11.49 20.61
C ILE C 213 16.99 9.97 20.48
N ASN C 214 17.97 9.36 21.14
CA ASN C 214 18.14 7.91 21.07
C ASN C 214 17.05 7.23 21.89
N VAL C 215 16.34 6.31 21.24
CA VAL C 215 15.27 5.56 21.90
C VAL C 215 15.38 4.06 21.65
N GLY C 216 16.46 3.62 21.00
CA GLY C 216 16.63 2.21 20.73
C GLY C 216 16.88 1.91 19.26
N TYR C 217 17.28 2.93 18.50
CA TYR C 217 17.51 2.75 17.08
C TYR C 217 18.72 1.88 16.78
N TYR C 218 19.63 1.71 17.75
CA TYR C 218 20.86 0.96 17.48
C TYR C 218 20.64 -0.54 17.66
N THR C 219 19.99 -0.94 18.74
CA THR C 219 19.77 -2.35 19.05
C THR C 219 18.44 -2.87 18.50
N GLY C 220 17.77 -2.11 17.65
CA GLY C 220 16.49 -2.53 17.13
C GLY C 220 15.43 -2.73 18.20
N ASP C 221 15.53 -1.97 19.29
CA ASP C 221 14.62 -2.11 20.42
C ASP C 221 13.41 -1.19 20.33
N ASP C 222 13.29 -0.41 19.26
CA ASP C 222 12.18 0.52 19.13
C ASP C 222 10.99 -0.07 18.38
N ARG C 223 11.19 -1.17 17.65
CA ARG C 223 10.09 -1.84 16.95
C ARG C 223 9.27 -2.59 17.99
N LEU C 224 8.33 -1.87 18.61
CA LEU C 224 7.61 -2.36 19.75
C LEU C 224 6.40 -3.20 19.33
N PHE C 225 5.98 -4.08 20.23
CA PHE C 225 4.83 -4.96 20.04
C PHE C 225 3.76 -4.50 21.02
N LEU C 226 2.76 -3.80 20.50
CA LEU C 226 1.84 -3.01 21.32
C LEU C 226 0.57 -3.80 21.59
N VAL C 227 0.39 -4.24 22.84
CA VAL C 227 -0.85 -4.86 23.28
C VAL C 227 -1.39 -4.08 24.47
N SER C 228 -0.60 -4.01 25.52
CA SER C 228 -0.94 -3.28 26.74
C SER C 228 -0.15 -1.99 26.83
N PRO C 229 -0.51 -1.10 27.74
CA PRO C 229 0.21 0.19 27.85
C PRO C 229 1.70 -0.03 28.08
N LEU C 230 2.51 0.59 27.24
CA LEU C 230 3.96 0.50 27.34
C LEU C 230 4.55 1.78 27.88
N ILE C 231 5.75 1.65 28.45
CA ILE C 231 6.53 2.77 28.96
C ILE C 231 7.81 2.86 28.15
N ILE C 232 7.97 3.93 27.39
CA ILE C 232 9.18 4.19 26.64
C ILE C 232 10.14 4.98 27.51
N SER C 233 11.42 4.61 27.45
CA SER C 233 12.44 5.18 28.33
C SER C 233 13.71 5.42 27.54
N HIS C 234 14.21 6.65 27.59
CA HIS C 234 15.46 7.05 26.98
C HIS C 234 16.50 7.23 28.08
N GLU C 235 17.61 6.51 27.98
CA GLU C 235 18.67 6.58 28.96
C GLU C 235 19.53 7.80 28.69
N ILE C 236 19.92 8.50 29.75
CA ILE C 236 20.75 9.69 29.64
C ILE C 236 22.21 9.27 29.70
N ASN C 237 22.92 9.43 28.59
CA ASN C 237 24.35 9.13 28.56
C ASN C 237 25.13 10.29 27.96
N GLN C 238 26.42 10.08 27.71
CA GLN C 238 27.28 11.17 27.26
C GLN C 238 26.80 11.78 25.95
N GLN C 239 26.05 11.04 25.14
CA GLN C 239 25.60 11.53 23.85
C GLN C 239 24.23 12.19 23.91
N SER C 240 23.63 12.30 25.09
CA SER C 240 22.29 12.86 25.10
C SER C 240 22.35 14.37 25.38
N PRO C 241 21.42 15.14 24.79
CA PRO C 241 21.42 16.59 25.02
C PRO C 241 21.11 16.98 26.46
N PHE C 242 20.85 16.03 27.35
CA PHE C 242 20.61 16.31 28.75
C PHE C 242 21.82 15.99 29.61
N TRP C 243 23.01 15.91 29.02
CA TRP C 243 24.19 15.48 29.75
C TRP C 243 24.52 16.42 30.90
N GLU C 244 24.17 17.69 30.78
CA GLU C 244 24.44 18.69 31.81
C GLU C 244 23.15 19.46 32.09
N ILE C 245 22.33 18.93 32.99
CA ILE C 245 21.09 19.58 33.40
C ILE C 245 20.81 19.25 34.86
N SER C 246 20.69 20.28 35.70
CA SER C 246 20.46 20.10 37.12
C SER C 246 18.98 20.24 37.45
N LYS C 247 18.61 19.72 38.62
CA LYS C 247 17.21 19.80 39.05
C LYS C 247 16.75 21.25 39.16
N ALA C 248 17.63 22.14 39.61
CA ALA C 248 17.28 23.55 39.71
C ALA C 248 17.38 24.27 38.37
N GLN C 249 18.26 23.80 37.49
CA GLN C 249 18.45 24.44 36.20
C GLN C 249 17.40 24.06 35.17
N LEU C 250 16.58 23.05 35.46
CA LEU C 250 15.59 22.60 34.47
C LEU C 250 14.59 23.69 34.11
N PRO C 251 13.87 24.29 35.07
CA PRO C 251 12.86 25.30 34.71
C PRO C 251 13.42 26.55 34.05
N LYS C 252 14.73 26.73 34.13
CA LYS C 252 15.38 27.91 33.54
C LYS C 252 15.63 27.80 32.04
N GLU C 253 15.41 26.62 31.48
CA GLU C 253 15.63 26.39 30.07
C GLU C 253 14.32 26.52 29.29
N GLU C 254 14.43 26.53 27.97
CA GLU C 254 13.27 26.65 27.08
C GLU C 254 13.51 25.72 25.89
N LEU C 255 12.84 24.56 25.90
CA LEU C 255 13.00 23.55 24.87
C LEU C 255 11.66 22.87 24.64
N GLU C 256 11.65 21.87 23.75
CA GLU C 256 10.44 21.09 23.53
C GLU C 256 10.81 19.71 23.02
N ILE C 257 10.02 18.72 23.41
CA ILE C 257 10.21 17.34 22.97
C ILE C 257 8.99 16.93 22.16
N VAL C 258 9.22 16.43 20.95
CA VAL C 258 8.15 15.98 20.06
C VAL C 258 8.30 14.48 19.84
N VAL C 259 7.22 13.75 20.07
CA VAL C 259 7.20 12.31 19.95
C VAL C 259 6.27 11.91 18.82
N ILE C 260 6.71 10.93 18.02
CA ILE C 260 6.01 10.49 16.82
C ILE C 260 5.93 8.98 16.83
N LEU C 261 4.76 8.45 16.47
CA LEU C 261 4.54 7.01 16.39
C LEU C 261 3.88 6.70 15.06
N GLU C 262 4.47 5.79 14.29
CA GLU C 262 3.92 5.41 13.00
C GLU C 262 3.67 3.91 12.92
N GLY C 263 2.66 3.54 12.13
CA GLY C 263 2.31 2.14 11.98
C GLY C 263 1.40 1.94 10.79
N MET C 264 0.91 0.71 10.65
CA MET C 264 -0.02 0.34 9.59
C MET C 264 -1.31 -0.18 10.19
N VAL C 265 -2.44 0.31 9.68
CA VAL C 265 -3.72 -0.22 10.11
C VAL C 265 -3.83 -1.69 9.71
N GLU C 266 -4.70 -2.42 10.40
CA GLU C 266 -4.83 -3.85 10.16
C GLU C 266 -5.88 -4.17 9.10
N ALA C 267 -7.01 -3.48 9.11
CA ALA C 267 -8.06 -3.75 8.14
C ALA C 267 -7.57 -3.50 6.72
N THR C 268 -7.25 -2.25 6.41
CA THR C 268 -6.60 -1.91 5.16
C THR C 268 -5.09 -2.10 5.31
N GLY C 269 -4.31 -1.59 4.36
CA GLY C 269 -2.87 -1.71 4.44
C GLY C 269 -2.18 -0.37 4.38
N MET C 270 -2.84 0.68 4.85
CA MET C 270 -2.31 2.03 4.77
C MET C 270 -1.54 2.38 6.05
N THR C 271 -0.89 3.54 6.02
CA THR C 271 0.00 3.98 7.08
C THR C 271 -0.62 5.12 7.87
N CYS C 272 -0.49 5.08 9.19
CA CYS C 272 -1.03 6.10 10.08
C CYS C 272 0.07 6.59 11.02
N GLN C 273 -0.10 7.82 11.50
CA GLN C 273 0.91 8.52 12.27
C GLN C 273 0.24 9.36 13.36
N ALA C 274 0.84 9.36 14.54
CA ALA C 274 0.35 10.15 15.67
C ALA C 274 1.50 10.93 16.29
N ARG C 275 1.20 12.15 16.71
CA ARG C 275 2.23 13.01 17.29
C ARG C 275 1.80 13.58 18.63
N SER C 276 2.79 14.08 19.37
CA SER C 276 2.54 14.68 20.68
C SER C 276 3.77 15.47 21.08
N SER C 277 3.60 16.34 22.08
CA SER C 277 4.72 17.16 22.52
C SER C 277 4.64 17.49 24.00
N TYR C 278 5.81 17.79 24.58
CA TYR C 278 5.96 18.24 25.95
C TYR C 278 6.87 19.46 25.94
N ILE C 279 6.53 20.49 26.72
CA ILE C 279 7.27 21.74 26.54
C ILE C 279 8.37 21.93 27.59
N THR C 280 7.99 22.34 28.80
CA THR C 280 8.92 22.31 29.93
C THR C 280 8.20 22.02 31.23
N SER C 281 6.92 22.35 31.30
CA SER C 281 6.13 22.22 32.51
C SER C 281 5.60 20.83 32.72
N GLU C 282 5.91 19.90 31.82
CA GLU C 282 5.49 18.51 31.94
C GLU C 282 6.63 17.57 32.30
N ILE C 283 7.87 18.07 32.37
CA ILE C 283 9.01 17.25 32.75
C ILE C 283 9.07 17.29 34.28
N LEU C 284 8.44 16.30 34.91
CA LEU C 284 8.40 16.22 36.36
C LEU C 284 9.60 15.43 36.87
N TRP C 285 10.35 16.03 37.79
CA TRP C 285 11.56 15.41 38.31
C TRP C 285 11.22 14.55 39.52
N GLY C 286 11.65 13.29 39.48
CA GLY C 286 11.53 12.41 40.62
C GLY C 286 10.14 11.85 40.83
N TYR C 287 9.63 11.08 39.88
CA TYR C 287 8.32 10.47 40.02
C TYR C 287 8.32 9.12 39.33
N ARG C 288 7.20 8.41 39.47
CA ARG C 288 7.01 7.11 38.84
C ARG C 288 5.55 6.95 38.44
N PHE C 289 5.31 6.04 37.51
CA PHE C 289 3.97 5.71 37.06
C PHE C 289 3.39 4.58 37.91
N THR C 290 2.07 4.43 37.84
CA THR C 290 1.39 3.41 38.63
C THR C 290 1.06 2.21 37.77
N PRO C 291 1.24 0.99 38.29
CA PRO C 291 0.89 -0.21 37.52
C PRO C 291 -0.58 -0.22 37.16
N VAL C 292 -0.90 -0.86 36.03
CA VAL C 292 -2.26 -0.82 35.50
C VAL C 292 -2.75 -2.21 35.14
N LEU C 293 -1.87 -3.20 35.22
CA LEU C 293 -2.24 -4.57 34.87
C LEU C 293 -2.68 -5.34 36.12
N THR C 294 -3.74 -6.15 35.97
CA THR C 294 -4.18 -7.05 37.01
C THR C 294 -4.48 -8.41 36.40
N LEU C 295 -4.34 -9.46 37.20
CA LEU C 295 -4.59 -10.82 36.74
C LEU C 295 -5.87 -11.34 37.37
N GLU C 296 -6.79 -11.82 36.54
CA GLU C 296 -8.07 -12.34 37.03
C GLU C 296 -8.50 -13.51 36.16
N ASP C 297 -8.56 -14.70 36.75
CA ASP C 297 -9.15 -15.88 36.14
C ASP C 297 -8.75 -16.03 34.67
N GLY C 298 -7.45 -16.19 34.46
CA GLY C 298 -6.96 -16.45 33.12
C GLY C 298 -7.07 -15.29 32.16
N PHE C 299 -7.15 -14.05 32.67
CA PHE C 299 -7.19 -12.87 31.83
C PHE C 299 -6.41 -11.76 32.49
N TYR C 300 -5.96 -10.81 31.67
CA TYR C 300 -5.26 -9.63 32.16
C TYR C 300 -6.16 -8.41 31.94
N GLU C 301 -6.54 -7.77 33.04
CA GLU C 301 -7.42 -6.61 33.01
C GLU C 301 -6.59 -5.33 33.12
N VAL C 302 -6.92 -4.38 32.26
CA VAL C 302 -6.30 -3.06 32.23
C VAL C 302 -7.27 -2.10 32.94
N ASP C 303 -6.73 -1.05 33.55
CA ASP C 303 -7.59 -0.11 34.28
C ASP C 303 -8.01 1.13 33.49
N TYR C 304 -7.03 1.83 32.94
CA TYR C 304 -7.25 3.06 32.19
C TYR C 304 -7.78 4.19 33.07
N ASN C 305 -8.06 3.94 34.34
CA ASN C 305 -8.35 5.02 35.28
C ASN C 305 -7.10 5.55 35.96
N SER C 306 -6.00 4.78 35.92
CA SER C 306 -4.72 5.22 36.44
C SER C 306 -3.71 5.47 35.33
N PHE C 307 -4.17 5.57 34.08
CA PHE C 307 -3.24 5.72 32.96
C PHE C 307 -2.37 6.95 33.11
N HIS C 308 -2.90 8.02 33.72
CA HIS C 308 -2.15 9.25 33.90
C HIS C 308 -1.65 9.44 35.32
N GLU C 309 -2.14 8.65 36.28
CA GLU C 309 -1.76 8.85 37.67
C GLU C 309 -0.29 8.54 37.87
N THR C 310 0.39 9.41 38.62
CA THR C 310 1.81 9.26 38.91
C THR C 310 2.07 9.61 40.37
N TYR C 311 2.99 8.89 41.00
CA TYR C 311 3.32 9.13 42.39
C TYR C 311 4.78 9.55 42.53
N GLU C 312 5.15 9.95 43.74
CA GLU C 312 6.42 10.58 44.02
C GLU C 312 7.34 9.61 44.76
N THR C 313 8.64 9.85 44.64
CA THR C 313 9.64 8.97 45.25
C THR C 313 10.86 9.81 45.58
N SER C 314 11.98 9.13 45.88
CA SER C 314 13.23 9.79 46.25
C SER C 314 14.24 9.66 45.12
N THR C 315 14.94 10.76 44.83
CA THR C 315 15.92 10.77 43.75
C THR C 315 16.95 11.87 44.00
N PRO C 316 18.23 11.60 43.72
CA PRO C 316 19.24 12.65 43.85
C PRO C 316 18.91 13.83 42.94
N SER C 317 19.55 14.96 43.22
CA SER C 317 19.37 16.19 42.45
C SER C 317 20.73 16.67 41.97
N LEU C 318 21.20 16.08 40.86
CA LEU C 318 22.45 16.46 40.24
C LEU C 318 22.42 16.07 38.77
N SER C 319 23.22 16.75 37.97
CA SER C 319 23.38 16.38 36.58
C SER C 319 24.11 15.06 36.47
N ALA C 320 23.78 14.29 35.43
CA ALA C 320 24.38 12.97 35.28
C ALA C 320 25.90 13.06 35.21
N LYS C 321 26.43 14.16 34.66
CA LYS C 321 27.87 14.34 34.64
C LYS C 321 28.45 14.34 36.04
N GLU C 322 27.77 15.02 36.97
CA GLU C 322 28.22 15.02 38.36
C GLU C 322 28.13 13.63 38.97
N LEU C 323 27.07 12.90 38.64
CA LEU C 323 26.88 11.56 39.15
C LEU C 323 28.05 10.66 38.76
N ALA C 324 28.52 10.82 37.53
CA ALA C 324 29.63 10.03 37.02
C ALA C 324 30.92 10.34 37.79
N GLU C 325 31.24 11.62 37.90
CA GLU C 325 32.44 12.05 38.61
C GLU C 325 32.47 11.48 40.01
N LEU C 326 31.39 11.69 40.76
CA LEU C 326 31.30 11.21 42.13
C LEU C 326 31.55 9.70 42.19
N ALA C 327 30.97 8.97 41.24
CA ALA C 327 31.15 7.52 41.19
C ALA C 327 32.59 7.15 40.87
N ASN C 328 33.13 7.75 39.81
CA ASN C 328 34.50 7.49 39.40
C ASN C 328 35.48 7.72 40.55
N ARG C 329 35.39 8.90 41.16
CA ARG C 329 36.25 9.25 42.28
C ARG C 329 36.17 8.20 43.38
N ALA C 330 34.95 7.85 43.77
CA ALA C 330 34.73 6.85 44.80
C ALA C 330 35.44 5.55 44.45
N GLU C 331 35.19 5.05 43.26
CA GLU C 331 35.80 3.81 42.79
C GLU C 331 37.32 3.88 42.91
N SER C 332 37.89 4.97 42.41
CA SER C 332 39.33 5.16 42.46
C SER C 332 39.85 5.08 43.89
N ASN C 333 39.23 5.85 44.78
CA ASN C 333 39.62 5.87 46.19
C ASN C 333 38.90 4.80 47.00
N ILE D 6 25.82 21.92 -20.20
CA ILE D 6 26.36 20.63 -20.59
C ILE D 6 25.35 19.53 -20.29
N GLN D 7 25.64 18.32 -20.74
CA GLN D 7 24.77 17.18 -20.45
C GLN D 7 24.68 16.98 -18.95
N ARG D 8 23.47 17.08 -18.41
CA ARG D 8 23.27 16.99 -16.97
C ARG D 8 22.96 15.58 -16.49
N TYR D 9 22.32 14.76 -17.34
CA TYR D 9 21.90 13.41 -16.95
C TYR D 9 20.69 13.47 -16.03
N VAL D 10 20.35 14.67 -15.56
CA VAL D 10 19.11 14.91 -14.81
C VAL D 10 18.73 16.37 -14.97
N ARG D 11 17.51 16.63 -15.44
CA ARG D 11 17.09 18.00 -15.58
C ARG D 11 16.76 18.62 -14.23
N LYS D 12 16.70 19.94 -14.19
CA LYS D 12 16.53 20.66 -12.94
C LYS D 12 15.16 20.44 -12.31
N ASP D 13 14.26 19.70 -12.96
CA ASP D 13 12.94 19.45 -12.41
C ASP D 13 12.63 17.98 -12.17
N GLY D 14 13.39 17.05 -12.76
CA GLY D 14 13.19 15.65 -12.49
C GLY D 14 13.31 14.76 -13.71
N LYS D 15 12.98 15.29 -14.88
CA LYS D 15 13.07 14.53 -16.12
C LYS D 15 14.52 14.09 -16.37
N CYS D 16 14.69 12.85 -16.83
CA CYS D 16 16.01 12.31 -17.12
C CYS D 16 16.24 12.24 -18.62
N ASN D 17 17.49 12.47 -19.03
CA ASN D 17 17.86 12.51 -20.44
C ASN D 17 18.50 11.17 -20.82
N VAL D 18 17.64 10.21 -21.16
CA VAL D 18 18.10 8.89 -21.58
C VAL D 18 17.13 8.36 -22.63
N HIS D 19 17.68 7.70 -23.64
CA HIS D 19 16.89 7.14 -24.74
C HIS D 19 17.15 5.65 -24.83
N HIS D 20 16.16 4.84 -24.45
CA HIS D 20 16.25 3.40 -24.57
C HIS D 20 15.98 3.01 -26.02
N GLY D 21 17.00 2.48 -26.70
CA GLY D 21 16.89 2.14 -28.10
C GLY D 21 17.45 0.75 -28.38
N ASN D 22 17.06 0.23 -29.54
CA ASN D 22 17.57 -1.04 -30.04
C ASN D 22 17.23 -2.20 -29.10
N VAL D 23 15.92 -2.39 -28.90
CA VAL D 23 15.40 -3.51 -28.13
C VAL D 23 14.90 -4.57 -29.11
N ARG D 24 15.22 -5.84 -28.84
CA ARG D 24 14.82 -6.93 -29.71
C ARG D 24 13.52 -7.58 -29.25
N GLU D 25 13.50 -8.08 -28.02
CA GLU D 25 12.33 -8.78 -27.48
C GLU D 25 11.30 -7.75 -27.05
N THR D 26 10.39 -7.42 -27.95
CA THR D 26 9.36 -6.43 -27.67
C THR D 26 8.08 -7.04 -27.13
N TYR D 27 7.86 -8.33 -27.32
CA TYR D 27 6.64 -8.97 -26.83
C TYR D 27 6.47 -8.80 -25.32
N ARG D 28 7.53 -8.41 -24.64
CA ARG D 28 7.47 -8.18 -23.20
C ARG D 28 6.43 -7.09 -22.90
N TYR D 29 6.34 -6.09 -23.77
CA TYR D 29 5.38 -5.02 -23.59
C TYR D 29 3.95 -5.53 -23.60
N LEU D 30 3.70 -6.63 -24.32
CA LEU D 30 2.37 -7.20 -24.41
C LEU D 30 2.08 -8.24 -23.33
N THR D 31 3.02 -8.44 -22.42
CA THR D 31 2.85 -9.40 -21.35
C THR D 31 2.28 -8.73 -20.09
N ASP D 32 2.58 -7.43 -19.94
CA ASP D 32 2.08 -6.65 -18.82
C ASP D 32 1.34 -5.49 -19.45
N ILE D 33 0.28 -5.82 -20.19
CA ILE D 33 -0.51 -4.83 -20.92
C ILE D 33 -1.12 -3.72 -20.06
N PHE D 34 -1.26 -3.96 -18.76
CA PHE D 34 -1.86 -2.94 -17.90
C PHE D 34 -0.92 -1.76 -17.71
N THR D 35 0.36 -2.02 -17.46
CA THR D 35 1.29 -0.91 -17.24
C THR D 35 1.46 -0.09 -18.51
N THR D 36 1.50 -0.74 -19.67
CA THR D 36 1.62 0.00 -20.92
C THR D 36 0.38 0.85 -21.16
N LEU D 37 -0.77 0.36 -20.69
CA LEU D 37 -2.02 1.08 -20.84
C LEU D 37 -2.06 2.31 -19.93
N VAL D 38 -1.52 2.18 -18.73
CA VAL D 38 -1.49 3.29 -17.78
C VAL D 38 -0.41 4.30 -18.12
N ASP D 39 0.63 3.89 -18.86
CA ASP D 39 1.74 4.80 -19.13
C ASP D 39 1.46 5.76 -20.28
N LEU D 40 0.50 5.45 -21.14
CA LEU D 40 0.24 6.26 -22.32
C LEU D 40 -0.36 7.61 -21.93
N LYS D 41 -0.44 8.49 -22.91
CA LYS D 41 -1.04 9.80 -22.69
C LYS D 41 -2.57 9.67 -22.64
N TRP D 42 -3.26 10.79 -22.49
CA TRP D 42 -4.71 10.78 -22.42
C TRP D 42 -5.34 10.67 -23.80
N ARG D 43 -4.78 11.43 -24.75
CA ARG D 43 -5.28 11.44 -26.12
C ARG D 43 -5.49 10.03 -26.67
N PHE D 44 -4.61 9.11 -26.29
CA PHE D 44 -4.70 7.73 -26.76
C PHE D 44 -5.62 6.89 -25.88
N ASN D 45 -5.58 7.10 -24.57
CA ASN D 45 -6.45 6.37 -23.67
C ASN D 45 -7.91 6.52 -24.09
N LEU D 46 -8.33 7.76 -24.36
CA LEU D 46 -9.72 7.98 -24.77
C LEU D 46 -10.04 7.24 -26.06
N LEU D 47 -9.09 7.26 -27.00
CA LEU D 47 -9.26 6.58 -28.28
C LEU D 47 -9.49 5.09 -28.08
N ILE D 48 -8.65 4.46 -27.27
CA ILE D 48 -8.77 3.03 -27.00
C ILE D 48 -10.11 2.75 -26.32
N PHE D 49 -10.48 3.58 -25.36
CA PHE D 49 -11.76 3.42 -24.66
C PHE D 49 -12.91 3.33 -25.64
N VAL D 50 -12.99 4.33 -26.53
CA VAL D 50 -14.08 4.41 -27.49
C VAL D 50 -14.04 3.22 -28.45
N MET D 51 -12.85 2.90 -28.96
CA MET D 51 -12.72 1.80 -29.91
C MET D 51 -13.20 0.49 -29.30
N VAL D 52 -12.78 0.20 -28.07
CA VAL D 52 -13.18 -1.05 -27.43
C VAL D 52 -14.70 -1.11 -27.26
N TYR D 53 -15.27 -0.04 -26.73
CA TYR D 53 -16.71 0.03 -26.51
C TYR D 53 -17.50 -0.05 -27.81
N THR D 54 -16.94 0.49 -28.89
CA THR D 54 -17.60 0.48 -30.18
C THR D 54 -17.54 -0.88 -30.86
N VAL D 55 -16.42 -1.58 -30.68
CA VAL D 55 -16.24 -2.89 -31.28
C VAL D 55 -17.10 -3.93 -30.57
N THR D 56 -17.14 -3.85 -29.24
CA THR D 56 -17.93 -4.78 -28.44
C THR D 56 -19.42 -4.66 -28.74
N TRP D 57 -19.88 -3.44 -28.98
CA TRP D 57 -21.29 -3.19 -29.28
C TRP D 57 -21.64 -3.67 -30.68
N LEU D 58 -20.74 -3.43 -31.63
CA LEU D 58 -20.95 -3.85 -33.02
C LEU D 58 -20.98 -5.36 -33.14
N PHE D 59 -20.01 -6.04 -32.51
CA PHE D 59 -19.98 -7.50 -32.61
C PHE D 59 -21.27 -8.11 -32.08
N PHE D 60 -21.73 -7.66 -30.91
CA PHE D 60 -22.94 -8.28 -30.38
C PHE D 60 -24.18 -7.90 -31.18
N GLY D 61 -24.23 -6.69 -31.73
CA GLY D 61 -25.33 -6.36 -32.63
C GLY D 61 -25.34 -7.24 -33.86
N MET D 62 -24.15 -7.57 -34.35
CA MET D 62 -24.01 -8.45 -35.51
C MET D 62 -24.57 -9.82 -35.18
N ILE D 63 -24.19 -10.36 -34.03
CA ILE D 63 -24.66 -11.67 -33.62
C ILE D 63 -26.18 -11.67 -33.51
N TRP D 64 -26.76 -10.61 -32.92
CA TRP D 64 -28.21 -10.53 -32.82
C TRP D 64 -28.86 -10.51 -34.20
N TRP D 65 -28.33 -9.72 -35.12
CA TRP D 65 -28.93 -9.63 -36.44
C TRP D 65 -28.89 -10.99 -37.13
N LEU D 66 -27.79 -11.73 -36.97
CA LEU D 66 -27.68 -13.02 -37.62
C LEU D 66 -28.66 -14.02 -37.01
N ILE D 67 -28.72 -14.07 -35.69
CA ILE D 67 -29.62 -15.00 -35.02
C ILE D 67 -31.08 -14.75 -35.41
N ALA D 68 -31.38 -13.52 -35.82
CA ALA D 68 -32.73 -13.16 -36.21
C ALA D 68 -33.03 -13.57 -37.64
N TYR D 69 -32.15 -13.19 -38.56
CA TYR D 69 -32.32 -13.51 -39.98
C TYR D 69 -32.51 -15.01 -40.17
N ILE D 70 -31.63 -15.80 -39.55
CA ILE D 70 -31.70 -17.25 -39.66
C ILE D 70 -33.07 -17.77 -39.23
N ARG D 71 -33.55 -17.31 -38.08
CA ARG D 71 -34.85 -17.75 -37.56
C ARG D 71 -35.98 -17.52 -38.56
N GLY D 72 -35.79 -16.57 -39.46
CA GLY D 72 -36.78 -16.25 -40.47
C GLY D 72 -37.79 -15.19 -40.06
N ASP D 73 -37.48 -14.37 -39.06
CA ASP D 73 -38.42 -13.34 -38.62
C ASP D 73 -38.58 -12.25 -39.68
N MET D 74 -37.53 -11.98 -40.45
CA MET D 74 -37.60 -10.93 -41.46
C MET D 74 -38.59 -11.25 -42.59
N ASP D 75 -38.96 -12.52 -42.74
CA ASP D 75 -39.88 -12.91 -43.80
C ASP D 75 -41.35 -12.81 -43.40
N HIS D 76 -41.64 -12.52 -42.13
CA HIS D 76 -43.01 -12.42 -41.64
C HIS D 76 -43.18 -11.17 -40.79
N ILE D 77 -42.53 -10.08 -41.20
CA ILE D 77 -42.64 -8.82 -40.46
C ILE D 77 -44.07 -8.32 -40.41
N GLU D 78 -44.82 -8.58 -41.47
CA GLU D 78 -46.22 -8.15 -41.57
C GLU D 78 -47.11 -9.36 -41.31
N ASP D 79 -47.34 -9.62 -40.03
CA ASP D 79 -48.21 -10.72 -39.60
C ASP D 79 -48.55 -10.55 -38.13
N PRO D 80 -49.83 -10.60 -37.76
CA PRO D 80 -50.17 -10.47 -36.33
C PRO D 80 -49.74 -11.68 -35.52
N SER D 81 -49.96 -12.89 -36.03
CA SER D 81 -49.58 -14.10 -35.32
C SER D 81 -48.09 -14.35 -35.52
N TRP D 82 -47.65 -15.56 -35.20
CA TRP D 82 -46.25 -15.93 -35.35
C TRP D 82 -45.32 -15.03 -34.54
N THR D 83 -45.47 -15.11 -33.21
CA THR D 83 -44.65 -14.31 -32.31
C THR D 83 -43.16 -14.46 -32.69
N PRO D 84 -42.43 -13.36 -32.87
CA PRO D 84 -41.02 -13.46 -33.26
C PRO D 84 -40.10 -13.64 -32.07
N CYS D 85 -38.79 -13.59 -32.32
CA CYS D 85 -37.81 -13.70 -31.25
C CYS D 85 -37.74 -12.39 -30.48
N VAL D 86 -37.43 -11.30 -31.18
CA VAL D 86 -37.43 -9.98 -30.56
C VAL D 86 -38.51 -9.12 -31.23
N THR D 87 -39.06 -8.18 -30.46
CA THR D 87 -40.09 -7.30 -30.96
C THR D 87 -39.53 -6.07 -31.68
N ASN D 88 -40.22 -5.66 -32.74
CA ASN D 88 -39.82 -4.50 -33.52
C ASN D 88 -38.34 -4.49 -33.90
N LEU D 89 -37.85 -5.63 -34.39
CA LEU D 89 -36.45 -5.74 -34.77
C LEU D 89 -36.40 -6.26 -36.21
N ASN D 90 -36.36 -5.34 -37.17
CA ASN D 90 -36.30 -5.69 -38.58
C ASN D 90 -34.99 -5.24 -39.21
N GLY D 91 -34.68 -3.95 -39.17
CA GLY D 91 -33.47 -3.44 -39.81
C GLY D 91 -32.22 -3.75 -39.01
N PHE D 92 -31.09 -3.52 -39.67
CA PHE D 92 -29.79 -3.73 -39.06
C PHE D 92 -29.55 -2.72 -37.94
N VAL D 93 -30.09 -1.51 -38.10
CA VAL D 93 -29.93 -0.49 -37.07
C VAL D 93 -30.67 -0.88 -35.81
N SER D 94 -31.86 -1.45 -35.95
CA SER D 94 -32.64 -1.86 -34.78
C SER D 94 -31.84 -2.79 -33.88
N ALA D 95 -31.13 -3.76 -34.47
CA ALA D 95 -30.34 -4.69 -33.66
C ALA D 95 -29.24 -3.94 -32.92
N PHE D 96 -28.57 -3.01 -33.58
CA PHE D 96 -27.53 -2.22 -32.92
C PHE D 96 -28.09 -1.48 -31.71
N LEU D 97 -29.25 -0.86 -31.90
CA LEU D 97 -29.90 -0.12 -30.84
C LEU D 97 -30.24 -1.03 -29.67
N PHE D 98 -30.78 -2.22 -29.98
CA PHE D 98 -31.13 -3.17 -28.94
C PHE D 98 -29.91 -3.62 -28.17
N SER D 99 -28.81 -3.87 -28.88
CA SER D 99 -27.58 -4.30 -28.22
C SER D 99 -27.07 -3.20 -27.28
N ILE D 100 -27.06 -1.95 -27.75
CA ILE D 100 -26.63 -0.86 -26.90
C ILE D 100 -27.51 -0.77 -25.66
N GLU D 101 -28.82 -0.73 -25.87
CA GLU D 101 -29.78 -0.62 -24.78
C GLU D 101 -29.73 -1.78 -23.79
N THR D 102 -29.25 -2.94 -24.24
CA THR D 102 -29.18 -4.11 -23.37
C THR D 102 -27.87 -4.19 -22.60
N GLU D 103 -26.75 -3.82 -23.23
CA GLU D 103 -25.47 -3.98 -22.55
C GLU D 103 -25.24 -2.92 -21.49
N THR D 104 -25.59 -1.67 -21.77
CA THR D 104 -25.41 -0.60 -20.80
C THR D 104 -26.49 -0.58 -19.72
N THR D 105 -27.39 -1.55 -19.73
CA THR D 105 -28.42 -1.64 -18.70
C THR D 105 -29.43 -0.48 -18.65
N ILE D 106 -29.92 -0.09 -19.82
CA ILE D 106 -30.91 0.96 -19.95
C ILE D 106 -32.32 0.41 -20.08
N GLY D 107 -32.56 -0.36 -21.14
CA GLY D 107 -33.82 -1.05 -21.31
C GLY D 107 -35.02 -0.14 -21.42
N TYR D 108 -35.13 0.61 -22.53
CA TYR D 108 -36.27 1.49 -22.72
C TYR D 108 -37.57 0.70 -22.66
N GLY D 109 -37.76 -0.24 -23.57
CA GLY D 109 -38.93 -1.10 -23.53
C GLY D 109 -39.82 -1.02 -24.75
N TYR D 110 -39.38 -0.32 -25.80
CA TYR D 110 -40.13 -0.34 -27.04
C TYR D 110 -39.90 -1.61 -27.83
N ARG D 111 -38.76 -2.26 -27.64
CA ARG D 111 -38.46 -3.54 -28.25
C ARG D 111 -37.98 -4.48 -27.16
N VAL D 112 -38.67 -5.61 -27.00
CA VAL D 112 -38.48 -6.49 -25.85
C VAL D 112 -38.28 -7.92 -26.33
N ILE D 113 -37.62 -8.70 -25.48
CA ILE D 113 -37.45 -10.13 -25.74
C ILE D 113 -38.68 -10.89 -25.30
N THR D 114 -38.96 -12.00 -25.98
CA THR D 114 -40.10 -12.85 -25.66
C THR D 114 -39.61 -14.15 -25.01
N ASP D 115 -40.54 -15.07 -24.78
CA ASP D 115 -40.25 -16.31 -24.08
C ASP D 115 -40.54 -17.54 -24.94
N LYS D 116 -40.41 -17.37 -26.25
CA LYS D 116 -40.63 -18.45 -27.19
C LYS D 116 -39.49 -18.52 -28.21
N CYS D 117 -38.33 -18.02 -27.82
CA CYS D 117 -37.15 -18.01 -28.69
C CYS D 117 -35.94 -18.48 -27.90
N PRO D 118 -35.76 -19.80 -27.76
CA PRO D 118 -34.60 -20.30 -27.02
C PRO D 118 -33.29 -19.79 -27.61
N GLU D 119 -32.24 -19.93 -26.80
CA GLU D 119 -30.90 -19.44 -27.09
C GLU D 119 -30.80 -17.93 -26.95
N GLY D 120 -31.95 -17.25 -26.82
CA GLY D 120 -31.90 -15.85 -26.48
C GLY D 120 -31.39 -15.64 -25.07
N ILE D 121 -31.77 -16.54 -24.16
CA ILE D 121 -31.28 -16.47 -22.79
C ILE D 121 -29.78 -16.71 -22.76
N ILE D 122 -29.30 -17.71 -23.51
CA ILE D 122 -27.88 -18.02 -23.48
C ILE D 122 -27.06 -16.94 -24.16
N LEU D 123 -27.66 -16.18 -25.08
CA LEU D 123 -26.94 -15.01 -25.60
C LEU D 123 -26.93 -13.87 -24.60
N LEU D 124 -28.07 -13.63 -23.95
CA LEU D 124 -28.15 -12.54 -22.98
C LEU D 124 -27.18 -12.76 -21.83
N LEU D 125 -27.05 -14.00 -21.37
CA LEU D 125 -26.11 -14.31 -20.29
C LEU D 125 -24.69 -13.89 -20.67
N ILE D 126 -24.20 -14.41 -21.80
CA ILE D 126 -22.85 -14.09 -22.24
C ILE D 126 -22.68 -12.59 -22.38
N GLN D 127 -23.66 -11.91 -22.97
CA GLN D 127 -23.53 -10.49 -23.20
C GLN D 127 -23.41 -9.74 -21.88
N SER D 128 -24.26 -10.09 -20.93
CA SER D 128 -24.26 -9.46 -19.61
C SER D 128 -22.95 -9.67 -18.86
N VAL D 129 -22.37 -10.86 -18.96
CA VAL D 129 -21.13 -11.16 -18.27
C VAL D 129 -19.97 -10.41 -18.92
N LEU D 130 -19.90 -10.46 -20.25
CA LEU D 130 -18.84 -9.79 -21.00
C LEU D 130 -18.86 -8.28 -20.75
N GLY D 131 -20.06 -7.71 -20.70
CA GLY D 131 -20.21 -6.29 -20.47
C GLY D 131 -19.76 -5.88 -19.08
N SER D 132 -19.97 -6.75 -18.11
CA SER D 132 -19.59 -6.47 -16.73
C SER D 132 -18.09 -6.66 -16.52
N ILE D 133 -17.47 -7.47 -17.38
CA ILE D 133 -16.04 -7.72 -17.29
C ILE D 133 -15.24 -6.60 -17.95
N VAL D 134 -15.76 -6.06 -19.04
CA VAL D 134 -15.09 -4.98 -19.75
C VAL D 134 -15.30 -3.64 -19.07
N ASN D 135 -16.37 -3.54 -18.28
CA ASN D 135 -16.68 -2.31 -17.56
C ASN D 135 -15.70 -2.03 -16.43
N ALA D 136 -15.42 -3.05 -15.63
CA ALA D 136 -14.50 -2.92 -14.51
C ALA D 136 -13.07 -2.71 -15.00
N PHE D 137 -12.72 -3.36 -16.10
CA PHE D 137 -11.39 -3.24 -16.67
C PHE D 137 -11.15 -1.85 -17.23
N MET D 138 -12.19 -1.25 -17.79
CA MET D 138 -12.09 0.08 -18.36
C MET D 138 -12.15 1.16 -17.29
N VAL D 139 -13.07 0.99 -16.35
CA VAL D 139 -13.22 1.94 -15.25
C VAL D 139 -12.06 1.85 -14.27
N GLY D 140 -11.56 0.64 -14.02
CA GLY D 140 -10.41 0.50 -13.16
C GLY D 140 -9.17 1.16 -13.74
N CYS D 141 -8.93 0.96 -15.03
CA CYS D 141 -7.81 1.64 -15.68
C CYS D 141 -7.93 3.15 -15.52
N MET D 142 -9.12 3.67 -15.80
CA MET D 142 -9.36 5.11 -15.68
C MET D 142 -9.03 5.62 -14.29
N PHE D 143 -9.68 5.05 -13.29
CA PHE D 143 -9.46 5.45 -11.90
C PHE D 143 -7.98 5.39 -11.53
N VAL D 144 -7.34 4.28 -11.86
CA VAL D 144 -5.93 4.09 -11.57
C VAL D 144 -5.09 5.23 -12.14
N LYS D 145 -5.37 5.59 -13.38
CA LYS D 145 -4.64 6.68 -14.04
C LYS D 145 -4.95 8.03 -13.44
N ILE D 146 -6.17 8.23 -12.96
CA ILE D 146 -6.54 9.52 -12.38
C ILE D 146 -5.89 9.72 -11.02
N SER D 147 -5.85 8.67 -10.19
CA SER D 147 -5.47 8.81 -8.78
C SER D 147 -4.03 8.38 -8.51
N GLN D 148 -3.09 8.65 -9.40
CA GLN D 148 -1.73 8.23 -9.13
C GLN D 148 -1.02 9.22 -8.21
N PRO D 149 -0.03 8.76 -7.46
CA PRO D 149 0.56 9.59 -6.40
C PRO D 149 1.63 10.55 -6.90
N LYS D 150 2.30 10.22 -8.00
CA LYS D 150 3.47 11.00 -8.42
C LYS D 150 3.14 12.47 -8.60
N LYS D 151 1.87 12.80 -8.90
CA LYS D 151 1.52 14.19 -9.12
C LYS D 151 1.81 15.05 -7.89
N ARG D 152 1.76 14.46 -6.70
CA ARG D 152 2.05 15.22 -5.49
C ARG D 152 3.45 15.83 -5.54
N ALA D 153 4.39 15.16 -6.21
CA ALA D 153 5.75 15.68 -6.31
C ALA D 153 5.81 17.04 -6.99
N GLU D 154 4.69 17.51 -7.56
CA GLU D 154 4.68 18.82 -8.18
C GLU D 154 4.66 19.95 -7.15
N THR D 155 4.32 19.62 -5.91
CA THR D 155 4.25 20.62 -4.84
C THR D 155 5.23 20.37 -3.68
N LEU D 156 6.44 19.96 -4.03
CA LEU D 156 7.49 19.70 -3.04
C LEU D 156 8.72 20.50 -3.49
N VAL D 157 8.80 21.74 -3.03
CA VAL D 157 9.82 22.66 -3.54
C VAL D 157 11.19 22.29 -3.00
N PHE D 158 12.17 22.24 -3.90
CA PHE D 158 13.57 22.12 -3.54
C PHE D 158 14.18 23.52 -3.45
N SER D 159 15.50 23.58 -3.35
CA SER D 159 16.17 24.88 -3.23
C SER D 159 17.08 25.19 -4.42
N THR D 160 17.57 26.42 -4.47
CA THR D 160 18.46 26.87 -5.54
C THR D 160 19.87 26.30 -5.36
N HIS D 161 20.87 26.95 -5.93
CA HIS D 161 22.27 26.51 -5.81
C HIS D 161 22.64 26.33 -4.35
N ALA D 162 23.29 25.20 -4.03
CA ALA D 162 23.62 24.93 -2.65
C ALA D 162 24.88 25.69 -2.24
N VAL D 163 25.27 25.57 -0.98
CA VAL D 163 26.36 26.37 -0.44
C VAL D 163 27.34 25.47 0.30
N ILE D 164 28.55 26.00 0.50
CA ILE D 164 29.60 25.37 1.29
C ILE D 164 30.10 26.40 2.28
N SER D 165 30.04 26.08 3.57
CA SER D 165 30.49 27.02 4.58
C SER D 165 30.99 26.34 5.84
N MET D 166 31.59 27.14 6.71
CA MET D 166 32.12 26.66 7.98
C MET D 166 31.04 26.63 9.04
N ARG D 167 31.18 25.68 9.96
CA ARG D 167 30.22 25.51 11.06
C ARG D 167 30.89 24.75 12.19
N ASP D 168 31.15 25.45 13.29
CA ASP D 168 31.81 24.85 14.45
C ASP D 168 33.13 24.20 14.07
N GLY D 169 33.92 24.90 13.26
CA GLY D 169 35.19 24.38 12.81
C GLY D 169 35.09 23.16 11.93
N LYS D 170 33.98 23.00 11.21
CA LYS D 170 33.81 21.89 10.28
C LYS D 170 33.26 22.42 8.97
N LEU D 171 33.86 21.99 7.86
CA LEU D 171 33.40 22.40 6.54
C LEU D 171 32.16 21.58 6.22
N CYS D 172 31.10 22.24 5.80
CA CYS D 172 29.86 21.56 5.52
C CYS D 172 29.27 22.02 4.19
N LEU D 173 28.53 21.13 3.55
CA LEU D 173 27.80 21.43 2.32
C LEU D 173 26.31 21.37 2.62
N MET D 174 25.59 22.42 2.26
CA MET D 174 24.20 22.58 2.71
C MET D 174 23.30 22.95 1.55
N PHE D 175 22.05 22.49 1.65
CA PHE D 175 20.99 22.95 0.76
C PHE D 175 19.67 22.92 1.52
N ARG D 176 18.59 23.31 0.84
CA ARG D 176 17.32 23.59 1.49
C ARG D 176 16.18 22.85 0.81
N VAL D 177 15.18 22.46 1.59
CA VAL D 177 14.00 21.76 1.09
C VAL D 177 12.78 22.29 1.83
N GLY D 178 11.63 22.35 1.14
CA GLY D 178 10.43 22.85 1.78
C GLY D 178 9.17 22.25 1.20
N ASP D 179 8.08 22.36 1.95
CA ASP D 179 6.79 21.83 1.52
C ASP D 179 5.95 22.93 0.89
N LEU D 180 4.67 22.64 0.67
CA LEU D 180 3.77 23.62 0.08
C LEU D 180 2.31 23.29 0.33
N ARG D 181 2.02 22.73 1.50
CA ARG D 181 0.65 22.38 1.82
C ARG D 181 0.46 22.16 3.32
N ASN D 182 -0.79 22.01 3.72
CA ASN D 182 -1.12 21.80 5.13
C ASN D 182 -1.23 20.33 5.49
N SER D 183 -1.08 19.43 4.51
CA SER D 183 -1.06 18.00 4.77
C SER D 183 0.33 17.61 5.27
N HIS D 184 0.60 16.31 5.33
CA HIS D 184 1.87 15.82 5.84
C HIS D 184 2.40 14.72 4.92
N ILE D 185 3.73 14.65 4.83
CA ILE D 185 4.41 13.57 4.14
C ILE D 185 4.84 12.57 5.20
N VAL D 186 4.24 11.38 5.17
CA VAL D 186 4.43 10.38 6.21
C VAL D 186 5.67 9.55 5.89
N GLU D 187 6.52 9.37 6.89
CA GLU D 187 7.72 8.55 6.74
C GLU D 187 8.66 9.08 5.66
N ALA D 188 8.91 10.38 5.67
CA ALA D 188 9.79 10.98 4.69
C ALA D 188 11.24 10.55 4.94
N SER D 189 12.05 10.66 3.89
CA SER D 189 13.48 10.39 4.01
C SER D 189 14.18 10.95 2.78
N ILE D 190 15.49 11.16 2.91
CA ILE D 190 16.28 11.85 1.90
C ILE D 190 17.61 11.15 1.73
N ARG D 191 18.11 11.13 0.50
CA ARG D 191 19.45 10.61 0.21
C ARG D 191 20.06 11.39 -0.94
N ALA D 192 21.36 11.18 -1.15
CA ALA D 192 22.10 11.96 -2.13
C ALA D 192 23.27 11.15 -2.66
N LYS D 193 23.50 11.29 -3.98
CA LYS D 193 24.53 10.52 -4.67
C LYS D 193 25.38 11.45 -5.53
N LEU D 194 26.67 11.13 -5.62
CA LEU D 194 27.60 11.82 -6.48
C LEU D 194 27.78 11.02 -7.76
N ILE D 195 27.69 11.70 -8.90
CA ILE D 195 27.87 11.10 -10.21
C ILE D 195 29.05 11.79 -10.88
N LYS D 196 30.06 11.01 -11.24
CA LYS D 196 31.28 11.53 -11.84
C LYS D 196 32.09 10.40 -12.43
N SER D 197 32.50 10.54 -13.69
CA SER D 197 33.29 9.51 -14.37
C SER D 197 34.63 9.30 -13.69
N LYS D 198 35.16 8.08 -13.78
CA LYS D 198 36.45 7.77 -13.18
C LYS D 198 37.09 6.62 -13.94
N GLN D 199 38.40 6.49 -13.77
CA GLN D 199 39.18 5.44 -14.38
C GLN D 199 39.91 4.65 -13.31
N THR D 200 39.75 3.33 -13.33
CA THR D 200 40.40 2.48 -12.34
C THR D 200 41.91 2.51 -12.51
N SER D 201 42.60 1.67 -11.73
CA SER D 201 44.06 1.59 -11.79
C SER D 201 44.55 0.44 -12.64
N GLU D 202 43.67 -0.20 -13.40
CA GLU D 202 44.05 -1.29 -14.28
C GLU D 202 43.74 -1.04 -15.75
N GLY D 203 43.02 0.04 -16.07
CA GLY D 203 42.73 0.37 -17.45
C GLY D 203 41.26 0.56 -17.74
N GLU D 204 40.41 -0.12 -16.97
CA GLU D 204 38.98 -0.04 -17.21
C GLU D 204 38.48 1.39 -17.07
N PHE D 205 37.55 1.78 -17.94
CA PHE D 205 36.96 3.10 -17.93
C PHE D 205 35.46 2.97 -17.70
N ILE D 206 34.93 3.76 -16.77
CA ILE D 206 33.51 3.72 -16.47
C ILE D 206 32.90 5.07 -16.87
N PRO D 207 31.83 5.02 -17.64
CA PRO D 207 31.21 6.28 -18.09
C PRO D 207 30.72 7.15 -16.94
N LEU D 208 29.83 6.61 -16.10
CA LEU D 208 29.26 7.36 -15.00
C LEU D 208 29.24 6.48 -13.75
N ASN D 209 29.82 6.98 -12.67
CA ASN D 209 29.92 6.26 -11.41
C ASN D 209 29.04 6.93 -10.36
N GLN D 210 28.30 6.11 -9.60
CA GLN D 210 27.44 6.59 -8.53
C GLN D 210 28.06 6.24 -7.19
N THR D 211 28.10 7.21 -6.28
CA THR D 211 28.63 6.97 -4.94
C THR D 211 27.77 7.70 -3.92
N ASP D 212 27.34 6.99 -2.88
CA ASP D 212 26.47 7.60 -1.89
C ASP D 212 27.22 8.68 -1.11
N ILE D 213 26.46 9.66 -0.60
CA ILE D 213 27.00 10.68 0.27
C ILE D 213 26.34 10.55 1.63
N ASN D 214 27.13 10.69 2.69
CA ASN D 214 26.60 10.55 4.05
C ASN D 214 25.77 11.77 4.41
N VAL D 215 24.53 11.52 4.84
CA VAL D 215 23.62 12.59 5.22
C VAL D 215 22.95 12.32 6.57
N GLY D 216 23.36 11.25 7.25
CA GLY D 216 22.78 10.93 8.53
C GLY D 216 22.25 9.50 8.61
N TYR D 217 22.71 8.65 7.70
CA TYR D 217 22.23 7.28 7.67
C TYR D 217 22.70 6.46 8.87
N TYR D 218 23.75 6.91 9.56
CA TYR D 218 24.30 6.12 10.65
C TYR D 218 23.55 6.37 11.95
N THR D 219 23.29 7.64 12.28
CA THR D 219 22.64 8.01 13.52
C THR D 219 21.12 8.12 13.37
N GLY D 220 20.56 7.66 12.25
CA GLY D 220 19.13 7.78 12.05
C GLY D 220 18.64 9.22 12.02
N ASP D 221 19.49 10.15 11.59
CA ASP D 221 19.16 11.57 11.59
C ASP D 221 18.56 12.04 10.27
N ASP D 222 18.37 11.14 9.31
CA ASP D 222 17.82 11.53 8.02
C ASP D 222 16.30 11.40 7.94
N ARG D 223 15.69 10.66 8.87
CA ARG D 223 14.23 10.53 8.90
C ARG D 223 13.67 11.83 9.46
N LEU D 224 13.48 12.80 8.58
CA LEU D 224 13.15 14.15 8.97
C LEU D 224 11.64 14.32 9.17
N PHE D 225 11.30 15.32 9.98
CA PHE D 225 9.91 15.67 10.29
C PHE D 225 9.65 17.03 9.66
N LEU D 226 8.94 17.02 8.53
CA LEU D 226 8.88 18.17 7.62
C LEU D 226 7.63 18.98 7.90
N VAL D 227 7.81 20.17 8.47
CA VAL D 227 6.72 21.13 8.64
C VAL D 227 7.11 22.44 7.96
N SER D 228 8.21 23.03 8.41
CA SER D 228 8.75 24.26 7.86
C SER D 228 9.98 23.97 7.02
N PRO D 229 10.44 24.95 6.26
CA PRO D 229 11.62 24.73 5.40
C PRO D 229 12.82 24.26 6.22
N LEU D 230 13.40 23.14 5.81
CA LEU D 230 14.56 22.57 6.48
C LEU D 230 15.82 22.79 5.66
N ILE D 231 16.96 22.75 6.35
CA ILE D 231 18.28 22.85 5.74
C ILE D 231 19.01 21.54 6.00
N ILE D 232 19.30 20.80 4.94
CA ILE D 232 20.08 19.57 5.03
C ILE D 232 21.54 19.92 4.87
N SER D 233 22.38 19.28 5.68
CA SER D 233 23.81 19.60 5.74
C SER D 233 24.62 18.32 5.86
N HIS D 234 25.57 18.14 4.95
CA HIS D 234 26.50 17.03 4.95
C HIS D 234 27.85 17.54 5.41
N GLU D 235 28.39 16.95 6.48
CA GLU D 235 29.68 17.34 7.01
C GLU D 235 30.79 16.71 6.19
N ILE D 236 31.84 17.48 5.93
CA ILE D 236 32.98 17.00 5.15
C ILE D 236 33.99 16.39 6.10
N ASN D 237 34.18 15.08 6.01
CA ASN D 237 35.18 14.41 6.83
C ASN D 237 36.06 13.52 5.97
N GLN D 238 36.91 12.71 6.62
CA GLN D 238 37.89 11.92 5.88
C GLN D 238 37.23 10.97 4.88
N GLN D 239 35.98 10.59 5.10
CA GLN D 239 35.30 9.64 4.22
C GLN D 239 34.51 10.32 3.11
N SER D 240 34.56 11.65 3.02
CA SER D 240 33.74 12.26 1.99
C SER D 240 34.55 12.48 0.72
N PRO D 241 33.90 12.37 -0.45
CA PRO D 241 34.62 12.58 -1.72
C PRO D 241 35.13 14.01 -1.91
N PHE D 242 34.87 14.92 -0.98
CA PHE D 242 35.38 16.28 -1.05
C PHE D 242 36.56 16.49 -0.12
N TRP D 243 37.24 15.42 0.30
CA TRP D 243 38.30 15.53 1.29
C TRP D 243 39.44 16.42 0.80
N GLU D 244 39.66 16.47 -0.51
CA GLU D 244 40.73 17.27 -1.10
C GLU D 244 40.15 18.10 -2.24
N ILE D 245 39.62 19.27 -1.90
CA ILE D 245 39.09 20.20 -2.89
C ILE D 245 39.31 21.63 -2.41
N SER D 246 40.00 22.43 -3.22
CA SER D 246 40.32 23.80 -2.86
C SER D 246 39.33 24.77 -3.50
N LYS D 247 39.28 25.98 -2.95
CA LYS D 247 38.37 27.00 -3.47
C LYS D 247 38.68 27.30 -4.93
N ALA D 248 39.96 27.31 -5.31
CA ALA D 248 40.32 27.56 -6.70
C ALA D 248 40.17 26.31 -7.56
N GLN D 249 40.31 25.13 -6.98
CA GLN D 249 40.22 23.89 -7.74
C GLN D 249 38.79 23.45 -8.00
N LEU D 250 37.81 24.08 -7.35
CA LEU D 250 36.41 23.66 -7.52
C LEU D 250 35.95 23.78 -8.96
N PRO D 251 36.02 24.97 -9.60
CA PRO D 251 35.49 25.10 -10.96
C PRO D 251 36.22 24.26 -12.00
N LYS D 252 37.39 23.73 -11.65
CA LYS D 252 38.17 22.92 -12.58
C LYS D 252 37.71 21.46 -12.68
N GLU D 253 36.79 21.06 -11.80
CA GLU D 253 36.29 19.71 -11.79
C GLU D 253 34.98 19.62 -12.56
N GLU D 254 34.53 18.38 -12.79
CA GLU D 254 33.29 18.11 -13.52
C GLU D 254 32.59 16.95 -12.84
N LEU D 255 31.56 17.26 -12.05
CA LEU D 255 30.83 16.27 -11.28
C LEU D 255 29.36 16.67 -11.23
N GLU D 256 28.56 15.88 -10.51
CA GLU D 256 27.16 16.24 -10.31
C GLU D 256 26.65 15.61 -9.03
N ILE D 257 25.74 16.32 -8.36
CA ILE D 257 25.11 15.84 -7.14
C ILE D 257 23.62 15.67 -7.40
N VAL D 258 23.10 14.49 -7.10
CA VAL D 258 21.68 14.18 -7.29
C VAL D 258 21.06 13.92 -5.92
N VAL D 259 19.97 14.61 -5.64
CA VAL D 259 19.27 14.51 -4.36
C VAL D 259 17.90 13.91 -4.59
N ILE D 260 17.50 13.02 -3.69
CA ILE D 260 16.25 12.26 -3.81
C ILE D 260 15.53 12.32 -2.47
N LEU D 261 14.22 12.52 -2.52
CA LEU D 261 13.38 12.55 -1.32
C LEU D 261 12.17 11.66 -1.56
N GLU D 262 11.94 10.71 -0.66
CA GLU D 262 10.81 9.80 -0.80
C GLU D 262 9.92 9.85 0.44
N GLY D 263 8.62 9.61 0.24
CA GLY D 263 7.68 9.63 1.33
C GLY D 263 6.38 8.98 0.93
N MET D 264 5.39 9.08 1.81
CA MET D 264 4.05 8.54 1.58
C MET D 264 3.03 9.67 1.66
N VAL D 265 2.13 9.73 0.69
CA VAL D 265 1.05 10.70 0.75
C VAL D 265 0.16 10.39 1.95
N GLU D 266 -0.57 11.40 2.42
CA GLU D 266 -1.40 11.24 3.61
C GLU D 266 -2.81 10.77 3.28
N ALA D 267 -3.42 11.30 2.21
CA ALA D 267 -4.78 10.91 1.87
C ALA D 267 -4.85 9.42 1.55
N THR D 268 -4.17 9.00 0.49
CA THR D 268 -4.02 7.59 0.19
C THR D 268 -2.83 7.04 0.96
N GLY D 269 -2.37 5.85 0.63
CA GLY D 269 -1.23 5.26 1.31
C GLY D 269 -0.12 4.89 0.35
N MET D 270 -0.01 5.61 -0.75
CA MET D 270 0.98 5.30 -1.78
C MET D 270 2.27 6.09 -1.55
N THR D 271 3.28 5.76 -2.34
CA THR D 271 4.62 6.31 -2.19
C THR D 271 4.94 7.30 -3.31
N CYS D 272 5.57 8.41 -2.95
CA CYS D 272 5.94 9.45 -3.90
C CYS D 272 7.41 9.79 -3.73
N GLN D 273 8.01 10.29 -4.82
CA GLN D 273 9.44 10.52 -4.90
C GLN D 273 9.72 11.79 -5.71
N ALA D 274 10.68 12.58 -5.23
CA ALA D 274 11.09 13.81 -5.92
C ALA D 274 12.61 13.84 -6.05
N ARG D 275 13.07 14.35 -7.18
CA ARG D 275 14.51 14.40 -7.44
C ARG D 275 14.95 15.79 -7.86
N SER D 276 16.27 16.00 -7.78
CA SER D 276 16.86 17.29 -8.15
C SER D 276 18.36 17.08 -8.32
N SER D 277 19.01 18.05 -8.97
CA SER D 277 20.45 17.93 -9.19
C SER D 277 21.13 19.29 -9.22
N TYR D 278 22.43 19.27 -8.93
CA TYR D 278 23.31 20.43 -9.01
C TYR D 278 24.57 20.00 -9.76
N ILE D 279 25.06 20.85 -10.66
CA ILE D 279 26.13 20.36 -11.54
C ILE D 279 27.51 20.79 -11.08
N THR D 280 27.89 22.04 -11.35
CA THR D 280 29.08 22.62 -10.74
C THR D 280 28.91 24.11 -10.50
N SER D 281 28.05 24.75 -11.28
CA SER D 281 27.86 26.19 -11.24
C SER D 281 26.91 26.62 -10.14
N GLU D 282 26.39 25.68 -9.36
CA GLU D 282 25.50 25.98 -8.25
C GLU D 282 26.16 25.78 -6.89
N ILE D 283 27.39 25.28 -6.85
CA ILE D 283 28.11 25.10 -5.59
C ILE D 283 28.79 26.44 -5.30
N LEU D 284 28.12 27.28 -4.53
CA LEU D 284 28.65 28.59 -4.19
C LEU D 284 29.48 28.50 -2.91
N TRP D 285 30.71 28.99 -2.98
CA TRP D 285 31.62 28.90 -1.86
C TRP D 285 31.48 30.13 -0.97
N GLY D 286 31.26 29.89 0.32
CA GLY D 286 31.24 30.97 1.29
C GLY D 286 29.97 31.79 1.30
N TYR D 287 28.84 31.17 1.61
CA TYR D 287 27.57 31.89 1.68
C TYR D 287 26.71 31.27 2.76
N ARG D 288 25.56 31.91 3.00
CA ARG D 288 24.58 31.44 3.97
C ARG D 288 23.18 31.74 3.47
N PHE D 289 22.21 31.02 4.01
CA PHE D 289 20.81 31.23 3.70
C PHE D 289 20.20 32.25 4.66
N THR D 290 19.05 32.78 4.27
CA THR D 290 18.38 33.79 5.08
C THR D 290 17.24 33.18 5.88
N PRO D 291 17.07 33.56 7.14
CA PRO D 291 15.95 33.03 7.93
C PRO D 291 14.62 33.38 7.30
N VAL D 292 13.62 32.52 7.53
CA VAL D 292 12.34 32.67 6.86
C VAL D 292 11.19 32.57 7.87
N LEU D 293 11.50 32.23 9.11
CA LEU D 293 10.46 32.10 10.13
C LEU D 293 10.28 33.40 10.89
N THR D 294 9.03 33.75 11.18
CA THR D 294 8.71 34.88 12.03
C THR D 294 7.62 34.47 13.01
N LEU D 295 7.60 35.12 14.17
CA LEU D 295 6.63 34.82 15.21
C LEU D 295 5.63 35.97 15.31
N GLU D 296 4.34 35.65 15.23
CA GLU D 296 3.30 36.66 15.29
C GLU D 296 2.08 36.08 16.01
N ASP D 297 1.76 36.63 17.17
CA ASP D 297 0.52 36.36 17.89
C ASP D 297 0.18 34.86 17.89
N GLY D 298 1.07 34.09 18.49
CA GLY D 298 0.80 32.67 18.65
C GLY D 298 0.82 31.87 17.37
N PHE D 299 1.50 32.36 16.34
CA PHE D 299 1.64 31.61 15.09
C PHE D 299 3.02 31.86 14.51
N TYR D 300 3.46 30.93 13.67
CA TYR D 300 4.73 31.05 12.98
C TYR D 300 4.46 31.26 11.49
N GLU D 301 4.87 32.41 10.98
CA GLU D 301 4.66 32.79 9.59
C GLU D 301 5.93 32.51 8.78
N VAL D 302 5.72 31.89 7.63
CA VAL D 302 6.78 31.58 6.67
C VAL D 302 6.71 32.65 5.57
N ASP D 303 7.85 32.96 4.96
CA ASP D 303 7.86 33.99 3.92
C ASP D 303 7.74 33.48 2.48
N TYR D 304 8.61 32.55 2.12
CA TYR D 304 8.67 31.98 0.78
C TYR D 304 9.09 33.00 -0.27
N ASN D 305 9.28 34.26 0.10
CA ASN D 305 9.89 35.23 -0.80
C ASN D 305 11.40 35.27 -0.65
N SER D 306 11.93 34.73 0.45
CA SER D 306 13.37 34.61 0.66
C SER D 306 13.84 33.17 0.60
N PHE D 307 12.99 32.26 0.10
CA PHE D 307 13.35 30.85 0.09
C PHE D 307 14.65 30.59 -0.64
N HIS D 308 14.93 31.37 -1.69
CA HIS D 308 16.14 31.19 -2.48
C HIS D 308 17.21 32.23 -2.17
N GLU D 309 16.86 33.31 -1.47
CA GLU D 309 17.82 34.37 -1.22
C GLU D 309 18.95 33.88 -0.33
N THR D 310 20.18 34.24 -0.71
CA THR D 310 21.37 33.86 0.03
C THR D 310 22.33 35.04 0.10
N TYR D 311 23.01 35.18 1.24
CA TYR D 311 23.95 36.27 1.42
C TYR D 311 25.37 35.73 1.63
N GLU D 312 26.33 36.65 1.66
CA GLU D 312 27.74 36.32 1.63
C GLU D 312 28.35 36.56 3.01
N THR D 313 29.45 35.86 3.28
CA THR D 313 30.12 35.95 4.57
C THR D 313 31.61 35.70 4.36
N SER D 314 32.33 35.45 5.46
CA SER D 314 33.76 35.21 5.42
C SER D 314 34.06 33.75 5.71
N THR D 315 34.98 33.17 4.93
CA THR D 315 35.33 31.77 5.09
C THR D 315 36.74 31.53 4.56
N PRO D 316 37.53 30.69 5.23
CA PRO D 316 38.85 30.35 4.70
C PRO D 316 38.73 29.69 3.32
N SER D 317 39.85 29.65 2.62
CA SER D 317 39.92 29.05 1.28
C SER D 317 41.03 27.99 1.29
N LEU D 318 40.69 26.80 1.78
CA LEU D 318 41.61 25.68 1.80
C LEU D 318 40.82 24.38 1.85
N SER D 319 41.43 23.31 1.39
CA SER D 319 40.82 22.00 1.51
C SER D 319 40.79 21.56 2.96
N ALA D 320 39.77 20.79 3.32
CA ALA D 320 39.62 20.38 4.71
C ALA D 320 40.85 19.63 5.20
N LYS D 321 41.53 18.90 4.31
CA LYS D 321 42.75 18.22 4.70
C LYS D 321 43.79 19.21 5.20
N GLU D 322 43.93 20.35 4.51
CA GLU D 322 44.85 21.38 4.96
C GLU D 322 44.42 21.97 6.29
N LEU D 323 43.12 22.15 6.47
CA LEU D 323 42.59 22.70 7.72
C LEU D 323 42.98 21.82 8.90
N ALA D 324 42.93 20.51 8.69
CA ALA D 324 43.27 19.55 9.73
C ALA D 324 44.75 19.66 10.11
N GLU D 325 45.60 19.61 9.10
CA GLU D 325 47.05 19.69 9.32
C GLU D 325 47.40 20.93 10.12
N LEU D 326 46.93 22.09 9.66
CA LEU D 326 47.20 23.35 10.33
C LEU D 326 46.78 23.28 11.79
N ALA D 327 45.61 22.71 12.04
CA ALA D 327 45.10 22.58 13.41
C ALA D 327 45.96 21.64 14.23
N ASN D 328 46.23 20.45 13.70
CA ASN D 328 47.05 19.46 14.38
C ASN D 328 48.40 20.05 14.77
N ARG D 329 49.09 20.63 13.80
CA ARG D 329 50.40 21.24 14.04
C ARG D 329 50.32 22.25 15.17
N ALA D 330 49.34 23.14 15.08
CA ALA D 330 49.16 24.17 16.11
C ALA D 330 49.02 23.54 17.48
N GLU D 331 48.11 22.59 17.60
CA GLU D 331 47.88 21.89 18.87
C GLU D 331 49.18 21.31 19.41
N SER D 332 49.90 20.61 18.55
CA SER D 332 51.16 19.99 18.95
C SER D 332 52.13 21.04 19.51
N ASN D 333 52.33 22.11 18.74
CA ASN D 333 53.22 23.19 19.16
C ASN D 333 52.51 24.24 20.01
C1 PIO E . -2.61 -19.03 -17.55
O1 PIO E . -3.71 -19.92 -17.72
P1 PIO E . -4.18 -20.36 -19.20
C2 PIO E . -1.32 -19.71 -18.01
O2 PIO E . -1.16 -20.94 -17.30
C3 PIO E . -0.12 -18.81 -17.77
O3 PIO E . 1.08 -19.51 -18.14
C4 PIO E . -0.03 -18.40 -16.30
O4 PIO E . 1.08 -17.50 -16.13
P4 PIO E . 2.53 -18.07 -15.77
C5 PIO E . -1.31 -17.72 -15.84
O5 PIO E . -1.22 -17.41 -14.45
P5 PIO E . -1.14 -15.88 -13.96
C6 PIO E . -2.52 -18.62 -16.09
O6 PIO E . -3.72 -17.92 -15.71
O11 PIO E . -5.37 -21.27 -19.07
O12 PIO E . -2.96 -20.83 -19.97
O13 PIO E . -4.67 -18.96 -19.84
C1A PIO E . -8.15 -18.52 -21.97
C1B PIO E . -7.03 -14.58 -21.09
C1C PIO E . -5.42 -19.08 -21.06
C2C PIO E . -6.23 -17.78 -21.03
O2C PIO E . -7.15 -17.78 -22.08
C3C PIO E . -5.30 -16.59 -21.16
O3C PIO E . -5.75 -15.23 -21.29
O41 PIO E . 3.34 -16.83 -15.45
O42 PIO E . 2.29 -18.99 -14.59
O43 PIO E . 2.97 -18.78 -17.03
O51 PIO E . -2.51 -15.63 -13.36
O52 PIO E . -0.02 -15.88 -12.96
O53 PIO E . -0.87 -15.11 -15.22
CAA Y01 F . -16.72 -16.85 -23.53
CBA Y01 F . -16.52 -16.53 -22.02
CAB Y01 F . -16.72 -15.00 -21.80
CAN Y01 F . -17.59 -17.30 -21.14
CAJ Y01 F . -17.55 -18.86 -21.31
CAO Y01 F . -16.10 -19.44 -21.55
CBB Y01 F . -15.94 -20.85 -20.91
CAC Y01 F . -17.24 -21.62 -21.03
CBE Y01 F . -14.85 -21.67 -21.64
CAP Y01 F . -13.69 -20.81 -22.25
CAQ Y01 F . -12.45 -21.88 -22.29
CBG Y01 F . -13.10 -23.16 -21.72
CBI Y01 F . -14.11 -22.63 -20.76
CAE Y01 F . -13.40 -21.86 -19.60
CAU Y01 F . -14.96 -23.82 -20.21
CAS Y01 F . -13.97 -24.78 -19.58
CBF Y01 F . -12.96 -25.31 -20.51
CBD Y01 F . -12.15 -24.09 -20.97
CAK Y01 F . -11.04 -24.55 -21.90
CAI Y01 F . -10.16 -25.40 -21.00
CAZ Y01 F . -10.67 -26.40 -20.33
CAV Y01 F . -9.71 -27.58 -20.04
CBH Y01 F . -12.08 -26.45 -19.82
CAD Y01 F . -12.02 -26.26 -18.30
CAT Y01 F . -12.63 -27.85 -20.08
CAR Y01 F . -11.69 -29.01 -19.70
CBC Y01 F . -10.39 -28.89 -20.49
OAW Y01 F . -9.58 -30.02 -20.28
CAY Y01 F . -8.86 -30.09 -19.05
OAG Y01 F . -9.32 -29.67 -18.04
CAM Y01 F . -7.45 -30.73 -19.04
CAL Y01 F . -6.71 -30.36 -17.74
CAX Y01 F . -6.53 -28.85 -17.65
OAH Y01 F . -6.01 -28.34 -16.62
OAF Y01 F . -6.89 -28.10 -18.61
K K G . -29.29 0.51 -14.49
K K H . -34.75 0.42 -17.22
K K I . -38.02 0.46 -18.85
K K J . -2.23 0.03 -1.11
K K K . 20.70 -0.25 10.26
K K L . 9.74 -0.03 4.80
K K M . 1.18 0.04 0.48
K K N . 5.93 0.05 2.97
K K O . 17.02 -0.28 8.40
K K P . -11.19 0.13 -5.55
K K Q . -42.70 0.51 -21.16
NA NA R . 13.53 3.51 -16.05
C1 PIO S . -17.54 -14.45 12.67
O1 PIO S . -18.87 -14.11 13.01
P1 PIO S . -20.04 -15.21 12.94
C2 PIO S . -16.98 -15.45 13.69
O2 PIO S . -17.09 -14.89 15.00
C3 PIO S . -15.52 -15.78 13.40
O3 PIO S . -15.02 -16.65 14.41
C4 PIO S . -14.67 -14.51 13.35
O4 PIO S . -13.33 -14.86 13.00
P4 PIO S . -12.26 -15.21 14.14
C5 PIO S . -15.23 -13.53 12.33
O5 PIO S . -14.45 -12.33 12.36
P5 PIO S . -13.52 -11.92 11.11
C6 PIO S . -16.68 -13.19 12.62
O6 PIO S . -17.19 -12.31 11.61
O11 PIO S . -21.34 -14.56 13.32
O12 PIO S . -19.58 -16.46 13.68
O13 PIO S . -20.09 -15.57 11.36
C1A PIO S . -23.57 -15.88 9.20
C1B PIO S . -20.60 -15.61 6.25
C1C PIO S . -21.24 -16.31 10.93
C2C PIO S . -21.32 -15.91 9.45
O2C PIO S . -22.49 -16.44 8.89
C3C PIO S . -20.11 -16.45 8.71
O3C PIO S . -19.93 -16.37 7.29
O41 PIO S . -10.95 -15.29 13.41
O42 PIO S . -12.37 -14.05 15.11
O43 PIO S . -12.73 -16.53 14.71
O51 PIO S . -14.26 -10.77 10.48
O52 PIO S . -12.21 -11.55 11.74
O53 PIO S . -13.48 -13.17 10.27
CAA Y01 T . -30.36 -13.38 4.06
CBA Y01 T . -29.44 -12.13 4.15
CAB Y01 T . -28.85 -11.84 2.74
CAN Y01 T . -30.27 -10.86 4.60
CAJ Y01 T . -30.98 -11.03 5.99
CAO Y01 T . -30.18 -11.90 7.03
CBB Y01 T . -30.39 -11.41 8.48
CAC Y01 T . -31.82 -10.92 8.65
CBE Y01 T . -30.17 -12.55 9.50
CAP Y01 T . -29.12 -13.62 9.06
CAQ Y01 T . -28.61 -14.22 10.50
CBG Y01 T . -29.45 -13.42 11.51
CBI Y01 T . -29.64 -12.10 10.82
CAE Y01 T . -28.26 -11.39 10.64
CAU Y01 T . -30.61 -11.23 11.68
CAS Y01 T . -29.98 -11.11 13.05
CBF Y01 T . -29.77 -12.40 13.74
CBD Y01 T . -28.79 -13.18 12.86
CAK Y01 T . -28.47 -14.51 13.52
CAI Y01 T . -27.76 -14.11 14.80
CAZ Y01 T . -28.34 -13.28 15.64
CAV Y01 T . -27.96 -13.46 17.13
CBH Y01 T . -29.29 -12.19 15.24
CAD Y01 T . -28.53 -10.85 15.39
CAT Y01 T . -30.44 -12.16 16.24
CAR Y01 T . -30.04 -12.25 17.72
CBC Y01 T . -29.27 -13.55 17.96
OAW Y01 T . -29.01 -13.73 19.34
CAY Y01 T . -27.96 -12.96 19.92
OAG Y01 T . -27.74 -11.86 19.56
CAM Y01 T . -27.11 -13.59 21.04
CAL Y01 T . -25.82 -12.77 21.25
CAX Y01 T . -24.99 -12.77 19.97
OAH Y01 T . -23.93 -12.09 19.92
OAF Y01 T . -25.34 -13.46 18.98
NA NA U . 5.83 -20.44 -1.08
K K V . 12.65 -0.15 6.32
C1 PIO W . -15.18 19.25 8.73
O1 PIO W . -15.97 20.16 7.97
P1 PIO W . -17.41 20.62 8.50
C2 PIO W . -14.75 19.90 10.04
O2 PIO W . -14.06 21.12 9.76
C3 PIO W . -13.85 18.98 10.85
O3 PIO W . -13.41 19.66 12.03
C4 PIO W . -12.63 18.55 10.02
O4 PIO W . -11.85 17.63 10.79
P4 PIO W . -10.67 18.17 11.74
C5 PIO W . -13.06 17.90 8.72
O5 PIO W . -11.90 17.57 7.95
P5 PIO W . -11.49 16.03 7.70
C6 PIO W . -13.97 18.82 7.91
O6 PIO W . -14.40 18.14 6.73
O11 PIO W . -18.01 21.55 7.48
O12 PIO W . -17.28 21.07 9.94
O13 PIO W . -18.25 19.24 8.48
C1A PIO W . -22.06 18.89 6.99
C1B PIO W . -20.76 14.91 7.32
C1C PIO W . -19.67 19.38 8.63
C2C PIO W . -20.16 18.09 7.94
O2C PIO W . -21.56 18.12 7.85
C3C PIO W . -19.73 16.89 8.75
O3C PIO W . -20.13 15.54 8.46
O41 PIO W . -9.95 16.91 12.17
O42 PIO W . -9.86 19.08 10.84
O43 PIO W . -11.39 18.88 12.86
O51 PIO W . -11.85 15.80 6.24
O52 PIO W . -10.02 16.00 7.99
O53 PIO W . -12.34 15.27 8.67
CAA Y01 X . -28.52 17.39 1.10
CBA Y01 X . -27.20 17.05 0.35
CAB Y01 X . -27.18 15.53 0.04
CAN Y01 X . -27.14 17.83 -1.03
CAJ Y01 X . -27.22 19.39 -0.87
CAO Y01 X . -26.53 19.96 0.43
CBB Y01 X . -25.89 21.35 0.18
CAC Y01 X . -26.75 22.15 -0.77
CBE Y01 X . -25.79 22.15 1.50
CAP Y01 X . -25.59 21.29 2.78
CAQ Y01 X . -24.86 22.33 3.80
CBG Y01 X . -24.77 23.61 2.96
CBI Y01 X . -24.63 23.10 1.56
CAE Y01 X . -23.28 22.30 1.42
CAU Y01 X . -24.68 24.29 0.57
CAS Y01 X . -23.56 25.23 0.98
CBF Y01 X . -23.67 25.75 2.35
CBD Y01 X . -23.58 24.52 3.26
CAK Y01 X . -23.64 24.96 4.72
CAI Y01 X . -22.37 25.78 4.88
CAZ Y01 X . -22.13 26.79 4.08
CAV Y01 X . -21.29 27.94 4.68
CBH Y01 X . -22.58 26.87 2.65
CAD Y01 X . -21.33 26.66 1.76
CAT Y01 X . -23.08 28.28 2.38
CAR Y01 X . -22.19 29.42 2.90
CBC Y01 X . -22.04 29.28 4.41
OAW Y01 X . -21.35 30.39 4.95
CAY Y01 X . -19.94 30.44 4.78
OAG Y01 X . -19.43 30.01 3.80
CAM Y01 X . -19.07 31.05 5.90
CAL Y01 X . -17.59 30.65 5.69
CAX Y01 X . -17.45 29.14 5.77
OAH Y01 X . -16.32 28.61 5.55
OAF Y01 X . -18.43 28.41 6.06
NA NA Y . -4.64 -3.61 20.45
K K Z . -31.91 0.40 -16.00
C1 PIO AA . -0.26 14.67 -21.49
O1 PIO AA . -0.80 14.35 -22.76
P1 PIO AA . -1.55 15.47 -23.64
C2 PIO AA . 0.91 15.64 -21.66
O2 PIO AA . 1.88 15.07 -22.54
C3 PIO AA . 1.56 15.95 -20.32
O3 PIO AA . 2.69 16.80 -20.52
C4 PIO AA . 2.02 14.66 -19.62
O4 PIO AA . 2.56 14.99 -18.34
P4 PIO AA . 4.12 15.30 -18.18
C5 PIO AA . 0.85 13.70 -19.45
O5 PIO AA . 1.33 12.49 -18.86
P5 PIO AA . 0.88 12.08 -17.37
C6 PIO AA . 0.20 13.39 -20.80
O6 PIO AA . -0.93 12.53 -20.59
O11 PIO AA . -2.04 14.84 -24.91
O12 PIO AA . -0.65 16.70 -23.70
O13 PIO AA . -2.83 15.84 -22.72
C1A PIO AA . -6.65 16.24 -24.17
C1B PIO AA . -7.20 15.94 -20.03
C1C PIO AA . -3.85 16.61 -23.37
C2C PIO AA . -5.08 16.23 -22.54
O2C PIO AA . -6.22 16.78 -23.12
C3C PIO AA . -4.93 16.75 -21.12
O3C PIO AA . -5.95 16.68 -20.12
O41 PIO AA . 4.33 15.37 -16.68
O42 PIO AA . 4.81 14.14 -18.86
O43 PIO AA . 4.31 16.63 -18.88
O51 PIO AA . -0.10 10.94 -17.58
O52 PIO AA . 2.17 11.67 -16.72
O53 PIO AA . 0.27 13.33 -16.82
CAA Y01 BA . -14.89 13.93 -26.49
CBA Y01 BA . -14.29 12.65 -25.82
CAB Y01 BA . -15.06 12.37 -24.50
CAN Y01 BA . -14.46 11.40 -26.77
CAJ Y01 BA . -13.78 11.57 -28.18
CAO Y01 BA . -12.45 12.42 -28.16
CBB Y01 BA . -11.43 11.91 -29.21
CAC Y01 BA . -12.17 11.45 -30.46
CBE Y01 BA . -10.47 13.04 -29.64
CAP Y01 BA . -10.16 14.09 -28.53
CAQ Y01 BA . -8.70 14.67 -28.99
CBG Y01 BA . -8.42 13.87 -30.27
CBI Y01 BA . -9.10 12.56 -30.03
CAE Y01 BA . -8.42 11.83 -28.82
CAU Y01 BA . -9.03 11.70 -31.32
CAS Y01 BA . -7.55 11.56 -31.65
CBF Y01 BA . -6.86 12.84 -31.89
CBD Y01 BA . -6.94 13.61 -30.57
CAK Y01 BA . -6.20 14.93 -30.71
CAI Y01 BA . -4.76 14.50 -30.91
CAZ Y01 BA . -4.46 13.68 -31.89
CAV Y01 BA . -3.04 13.83 -32.49
CBH Y01 BA . -5.37 12.60 -32.42
CAD Y01 BA . -4.82 11.26 -31.92
CAT Y01 BA . -5.28 12.59 -33.94
CAR Y01 BA . -3.85 12.66 -34.52
CBC Y01 BA . -3.17 13.94 -34.03
OAW Y01 BA . -1.92 14.10 -34.67
CAY Y01 BA . -0.83 13.31 -34.19
OAG Y01 BA . -1.00 12.20 -33.80
CAM Y01 BA . 0.59 13.91 -34.19
CAL Y01 BA . 1.52 13.06 -33.29
CAX Y01 BA . 1.01 13.06 -31.86
OAH Y01 BA . 1.60 12.35 -30.99
OAF Y01 BA . 0.02 13.77 -31.53
NA NA CA . 3.06 20.33 5.49
#